data_7DYR
#
_entry.id   7DYR
#
_cell.length_a   1.00
_cell.length_b   1.00
_cell.length_c   1.00
_cell.angle_alpha   90.00
_cell.angle_beta   90.00
_cell.angle_gamma   90.00
#
_symmetry.space_group_name_H-M   'P 1'
#
loop_
_entity.id
_entity.type
_entity.pdbx_description
1 polymer 'PTS system mannose-specific EIIC component'
2 polymer 'PTS system mannose-specific EIID component'
3 polymer 'Microcin E492'
4 non-polymer alpha-D-mannopyranose
#
loop_
_entity_poly.entity_id
_entity_poly.type
_entity_poly.pdbx_seq_one_letter_code
_entity_poly.pdbx_strand_id
1 'polypeptide(L)'
;MEITTLQIVLVFIVACIAGMGSILDEFQFHRPLIACTLVGIVLGDMKTGIIIGGTLEMIALGWMNIGAAVAPDAALASII
STILVIAGHQSIGAGIALAIPLAAAGQVLTIIVRTITVAFQHAADKAADNGNLTAISWIHVSSLFLQAMRVAIPAVIVAL
SVGTSEVQNMLNAIPEVVTNGLNIAGGMIVVVGYAMVINMMRAGYLMPFFYLGFVTAAFTNFNLVALGVIGTVMAVLYIQ
LSPKYNRVAGAPAQAAGNNDLDNELD
;
Y,B,E
2 'polypeptide(L)'
;MVDTTQTTTEKKLTQSDIRGVFLRSNLFQGSWNFERMQALGFCFSMVPAIRRLYPENNEARKQAIRRHLEFFNTQPFVAA
PILGVTLALEEQRANGAEIDDGAINGIKVGLMGPLAGVGDPIFWGTVRPVFAALGAGIAMSGSLLGPLLFFILFNLVRLA
TRYYGVAYGYSKGIDIVKDMGGGFLQKLTEGASILGLFVMGALVNKWTHVNIPLVVSRITDQTGKEHVTTVQTILDQLMP
GLVPLLLTFACMWLLRKKVNPLWIIVGFFVIGIAGYACGLLGL
;
Z,C,F
3 'polypeptide(L)'
;GETDPNTQLLNDLGNNMAWGAALGAPGGLGSAALGAAGGALQTVGQGLIDHGPVNVPIPVLIGPSWNGSGSGYNSATSSS
GSGS
;
A,D,G
#
# COMPACT_ATOMS: atom_id res chain seq x y z
N MET A 1 -26.56 -42.89 -34.13
CA MET A 1 -27.90 -43.30 -33.70
C MET A 1 -28.96 -42.34 -34.23
N GLU A 2 -30.20 -42.80 -34.29
CA GLU A 2 -31.33 -41.97 -34.69
C GLU A 2 -32.08 -41.50 -33.45
N ILE A 3 -32.79 -40.39 -33.59
CA ILE A 3 -33.46 -39.75 -32.47
C ILE A 3 -34.96 -39.79 -32.71
N THR A 4 -35.71 -40.25 -31.72
CA THR A 4 -37.16 -40.27 -31.81
C THR A 4 -37.71 -38.85 -31.69
N THR A 5 -38.90 -38.65 -32.26
CA THR A 5 -39.49 -37.31 -32.26
C THR A 5 -39.77 -36.80 -30.86
N LEU A 6 -40.11 -37.70 -29.93
CA LEU A 6 -40.29 -37.28 -28.55
C LEU A 6 -39.01 -36.72 -27.97
N GLN A 7 -37.88 -37.34 -28.29
CA GLN A 7 -36.61 -36.80 -27.83
C GLN A 7 -36.29 -35.48 -28.50
N ILE A 8 -36.73 -35.28 -29.75
CA ILE A 8 -36.54 -33.99 -30.40
C ILE A 8 -37.31 -32.91 -29.66
N VAL A 9 -38.57 -33.19 -29.30
CA VAL A 9 -39.36 -32.21 -28.56
C VAL A 9 -38.71 -31.91 -27.22
N LEU A 10 -38.25 -32.96 -26.53
CA LEU A 10 -37.64 -32.75 -25.22
C LEU A 10 -36.36 -31.94 -25.31
N VAL A 11 -35.53 -32.20 -26.32
CA VAL A 11 -34.31 -31.42 -26.47
C VAL A 11 -34.63 -29.99 -26.87
N PHE A 12 -35.71 -29.78 -27.61
CA PHE A 12 -36.15 -28.41 -27.90
C PHE A 12 -36.51 -27.68 -26.61
N ILE A 13 -37.24 -28.36 -25.72
CA ILE A 13 -37.65 -27.72 -24.46
C ILE A 13 -36.42 -27.41 -23.60
N VAL A 14 -35.50 -28.36 -23.51
CA VAL A 14 -34.30 -28.14 -22.71
C VAL A 14 -33.48 -27.00 -23.28
N ALA A 15 -33.38 -26.93 -24.61
CA ALA A 15 -32.65 -25.84 -25.24
C ALA A 15 -33.32 -24.50 -24.96
N CYS A 16 -34.66 -24.46 -24.99
CA CYS A 16 -35.35 -23.21 -24.68
C CYS A 16 -35.05 -22.77 -23.25
N ILE A 17 -35.10 -23.70 -22.31
CA ILE A 17 -34.84 -23.35 -20.92
C ILE A 17 -33.41 -22.83 -20.77
N ALA A 18 -32.45 -23.50 -21.40
CA ALA A 18 -31.07 -23.06 -21.32
C ALA A 18 -30.89 -21.69 -21.94
N GLY A 19 -31.57 -21.44 -23.06
CA GLY A 19 -31.46 -20.13 -23.69
C GLY A 19 -31.99 -19.02 -22.83
N MET A 20 -33.15 -19.23 -22.21
CA MET A 20 -33.68 -18.21 -21.30
C MET A 20 -32.78 -18.02 -20.10
N GLY A 21 -32.27 -19.12 -19.53
CA GLY A 21 -31.35 -19.00 -18.42
C GLY A 21 -30.06 -18.32 -18.78
N SER A 22 -29.69 -18.32 -20.06
CA SER A 22 -28.49 -17.62 -20.49
C SER A 22 -28.60 -16.14 -20.24
N ILE A 23 -29.75 -15.55 -20.51
CA ILE A 23 -29.92 -14.11 -20.30
C ILE A 23 -30.36 -13.81 -18.87
N LEU A 24 -31.21 -14.65 -18.28
CA LEU A 24 -31.66 -14.38 -16.92
C LEU A 24 -30.50 -14.45 -15.93
N ASP A 25 -29.63 -15.45 -16.08
CA ASP A 25 -28.48 -15.64 -15.19
C ASP A 25 -28.93 -15.80 -13.74
N GLU A 26 -30.03 -16.51 -13.53
CA GLU A 26 -30.61 -16.65 -12.19
C GLU A 26 -30.54 -18.08 -11.68
N PHE A 27 -31.12 -19.04 -12.39
CA PHE A 27 -31.14 -20.42 -11.92
C PHE A 27 -29.96 -21.24 -12.41
N GLN A 28 -29.11 -20.67 -13.27
CA GLN A 28 -27.95 -21.35 -13.81
C GLN A 28 -28.33 -22.60 -14.58
N PHE A 29 -29.47 -22.53 -15.30
CA PHE A 29 -29.80 -23.62 -16.20
C PHE A 29 -28.94 -23.62 -17.44
N HIS A 30 -28.20 -22.54 -17.69
CA HIS A 30 -27.35 -22.46 -18.86
C HIS A 30 -25.93 -22.93 -18.59
N ARG A 31 -25.56 -23.15 -17.33
CA ARG A 31 -24.24 -23.66 -17.04
C ARG A 31 -24.13 -25.10 -17.55
N PRO A 32 -22.95 -25.50 -18.04
CA PRO A 32 -22.82 -26.86 -18.57
C PRO A 32 -23.13 -27.94 -17.55
N LEU A 33 -22.88 -27.68 -16.26
CA LEU A 33 -23.13 -28.68 -15.23
C LEU A 33 -24.58 -29.12 -15.19
N ILE A 34 -25.50 -28.27 -15.61
CA ILE A 34 -26.93 -28.58 -15.60
C ILE A 34 -27.43 -28.93 -16.99
N ALA A 35 -27.06 -28.12 -17.99
CA ALA A 35 -27.54 -28.34 -19.34
C ALA A 35 -27.06 -29.67 -19.90
N CYS A 36 -25.79 -30.00 -19.65
CA CYS A 36 -25.26 -31.26 -20.17
C CYS A 36 -25.97 -32.45 -19.56
N THR A 37 -26.22 -32.42 -18.25
CA THR A 37 -26.91 -33.53 -17.62
C THR A 37 -28.35 -33.64 -18.10
N LEU A 38 -29.02 -32.51 -18.30
CA LEU A 38 -30.39 -32.56 -18.80
C LEU A 38 -30.45 -33.14 -20.20
N VAL A 39 -29.53 -32.73 -21.07
CA VAL A 39 -29.50 -33.29 -22.42
C VAL A 39 -29.19 -34.78 -22.38
N GLY A 40 -28.25 -35.17 -21.52
CA GLY A 40 -27.94 -36.59 -21.40
C GLY A 40 -29.13 -37.39 -20.93
N ILE A 41 -29.90 -36.84 -19.99
CA ILE A 41 -31.07 -37.54 -19.49
C ILE A 41 -32.11 -37.70 -20.60
N VAL A 42 -32.38 -36.63 -21.33
CA VAL A 42 -33.42 -36.71 -22.35
C VAL A 42 -32.96 -37.50 -23.57
N LEU A 43 -31.65 -37.71 -23.73
CA LEU A 43 -31.13 -38.35 -24.93
C LEU A 43 -30.71 -39.79 -24.72
N GLY A 44 -30.42 -40.19 -23.48
CA GLY A 44 -29.79 -41.48 -23.27
C GLY A 44 -29.12 -41.57 -21.93
N ASP A 45 -27.84 -41.95 -21.93
CA ASP A 45 -27.11 -42.12 -20.68
C ASP A 45 -26.90 -40.80 -19.97
N MET A 46 -27.22 -40.77 -18.68
CA MET A 46 -26.89 -39.63 -17.85
C MET A 46 -25.39 -39.60 -17.56
N LYS A 47 -24.74 -40.75 -17.65
CA LYS A 47 -23.34 -40.89 -17.29
C LYS A 47 -22.47 -39.96 -18.13
N THR A 48 -22.59 -40.07 -19.46
CA THR A 48 -21.78 -39.27 -20.35
C THR A 48 -22.14 -37.79 -20.23
N GLY A 49 -23.42 -37.48 -20.10
CA GLY A 49 -23.81 -36.08 -19.96
C GLY A 49 -23.19 -35.44 -18.73
N ILE A 50 -23.24 -36.14 -17.60
CA ILE A 50 -22.65 -35.61 -16.37
C ILE A 50 -21.16 -35.44 -16.55
N ILE A 51 -20.48 -36.41 -17.16
CA ILE A 51 -19.04 -36.29 -17.31
C ILE A 51 -18.66 -35.12 -18.20
N ILE A 52 -19.38 -34.94 -19.31
CA ILE A 52 -19.11 -33.83 -20.20
C ILE A 52 -19.35 -32.52 -19.49
N GLY A 53 -20.45 -32.42 -18.74
CA GLY A 53 -20.71 -31.20 -18.00
C GLY A 53 -19.62 -30.88 -17.01
N GLY A 54 -19.15 -31.90 -16.28
CA GLY A 54 -18.09 -31.68 -15.33
C GLY A 54 -16.81 -31.22 -15.99
N THR A 55 -16.47 -31.81 -17.14
CA THR A 55 -15.23 -31.42 -17.80
C THR A 55 -15.34 -30.02 -18.37
N LEU A 56 -16.49 -29.66 -18.89
CA LEU A 56 -16.65 -28.36 -19.55
C LEU A 56 -16.81 -27.23 -18.54
N GLU A 57 -17.33 -27.53 -17.35
CA GLU A 57 -17.48 -26.51 -16.33
C GLU A 57 -16.14 -25.90 -15.94
N MET A 58 -15.10 -26.72 -15.87
CA MET A 58 -13.79 -26.21 -15.46
C MET A 58 -13.26 -25.21 -16.46
N ILE A 59 -13.56 -25.39 -17.75
CA ILE A 59 -13.25 -24.36 -18.72
C ILE A 59 -14.15 -23.14 -18.54
N ALA A 60 -15.45 -23.38 -18.35
CA ALA A 60 -16.41 -22.30 -18.34
C ALA A 60 -16.36 -21.44 -17.08
N LEU A 61 -15.60 -21.85 -16.07
CA LEU A 61 -15.41 -20.97 -14.92
C LEU A 61 -14.78 -19.67 -15.38
N GLY A 62 -15.27 -18.56 -14.85
CA GLY A 62 -14.78 -17.28 -15.31
C GLY A 62 -15.30 -16.90 -16.67
N TRP A 63 -16.54 -17.28 -16.98
CA TRP A 63 -17.20 -16.85 -18.20
C TRP A 63 -18.32 -15.91 -17.76
N MET A 64 -17.94 -15.01 -16.87
CA MET A 64 -18.80 -13.97 -16.33
C MET A 64 -19.17 -12.96 -17.42
N ASN A 65 -20.40 -12.45 -17.35
CA ASN A 65 -20.78 -11.26 -18.08
C ASN A 65 -20.64 -10.08 -17.14
N ILE A 66 -19.93 -9.05 -17.57
CA ILE A 66 -19.63 -7.89 -16.72
C ILE A 66 -20.01 -6.65 -17.50
N GLY A 67 -21.23 -6.17 -17.28
CA GLY A 67 -21.63 -4.85 -17.74
C GLY A 67 -21.39 -4.56 -19.19
N ALA A 68 -22.16 -5.18 -20.08
CA ALA A 68 -22.10 -5.04 -21.53
C ALA A 68 -20.91 -5.76 -22.15
N ALA A 69 -20.10 -6.43 -21.37
CA ALA A 69 -19.08 -7.34 -21.89
C ALA A 69 -19.67 -8.75 -21.85
N VAL A 70 -19.90 -9.31 -23.03
CA VAL A 70 -20.59 -10.59 -23.14
C VAL A 70 -19.57 -11.72 -23.20
N ALA A 71 -19.72 -12.70 -22.33
CA ALA A 71 -18.81 -13.83 -22.26
C ALA A 71 -19.12 -14.83 -23.36
N PRO A 72 -18.29 -15.85 -23.53
CA PRO A 72 -18.52 -16.81 -24.62
C PRO A 72 -19.72 -17.74 -24.47
N ASP A 73 -20.64 -17.49 -23.56
CA ASP A 73 -21.97 -18.09 -23.65
C ASP A 73 -21.93 -19.62 -23.58
N ALA A 74 -21.75 -20.16 -22.38
CA ALA A 74 -21.63 -21.60 -22.19
C ALA A 74 -22.83 -22.40 -22.66
N ALA A 75 -24.01 -21.78 -22.83
CA ALA A 75 -25.23 -22.56 -23.09
C ALA A 75 -25.16 -23.30 -24.41
N LEU A 76 -24.86 -22.60 -25.50
CA LEU A 76 -24.85 -23.22 -26.81
C LEU A 76 -23.79 -24.30 -26.91
N ALA A 77 -22.60 -24.03 -26.39
CA ALA A 77 -21.56 -25.04 -26.37
C ALA A 77 -22.00 -26.27 -25.60
N SER A 78 -22.46 -26.06 -24.36
CA SER A 78 -22.81 -27.17 -23.49
C SER A 78 -23.96 -28.00 -24.03
N ILE A 79 -24.82 -27.45 -24.86
CA ILE A 79 -25.90 -28.23 -25.45
C ILE A 79 -25.45 -28.95 -26.72
N ILE A 80 -24.87 -28.21 -27.66
CA ILE A 80 -24.57 -28.81 -28.95
C ILE A 80 -23.45 -29.83 -28.83
N SER A 81 -22.47 -29.59 -27.96
CA SER A 81 -21.38 -30.55 -27.82
C SER A 81 -21.89 -31.89 -27.31
N THR A 82 -22.78 -31.87 -26.31
CA THR A 82 -23.30 -33.14 -25.81
C THR A 82 -24.24 -33.79 -26.80
N ILE A 83 -24.98 -33.01 -27.58
CA ILE A 83 -25.78 -33.63 -28.64
C ILE A 83 -24.87 -34.34 -29.61
N LEU A 84 -23.76 -33.72 -29.99
CA LEU A 84 -22.82 -34.33 -30.91
C LEU A 84 -22.14 -35.55 -30.32
N VAL A 85 -21.87 -35.56 -29.02
CA VAL A 85 -21.18 -36.69 -28.41
C VAL A 85 -22.12 -37.87 -28.22
N ILE A 86 -23.27 -37.65 -27.57
CA ILE A 86 -24.15 -38.75 -27.26
C ILE A 86 -24.82 -39.30 -28.51
N ALA A 87 -25.28 -38.41 -29.40
CA ALA A 87 -25.97 -38.86 -30.60
C ALA A 87 -25.04 -39.09 -31.77
N GLY A 88 -24.08 -38.20 -31.98
CA GLY A 88 -23.18 -38.31 -33.11
C GLY A 88 -22.04 -39.28 -32.93
N HIS A 89 -21.93 -39.92 -31.77
CA HIS A 89 -20.94 -40.95 -31.51
C HIS A 89 -19.53 -40.43 -31.72
N GLN A 90 -19.14 -39.47 -30.90
CA GLN A 90 -17.79 -38.93 -30.90
C GLN A 90 -17.19 -39.08 -29.51
N SER A 91 -15.86 -38.98 -29.46
CA SER A 91 -15.17 -39.04 -28.19
C SER A 91 -15.43 -37.77 -27.39
N ILE A 92 -15.32 -37.90 -26.07
CA ILE A 92 -15.54 -36.74 -25.21
C ILE A 92 -14.52 -35.65 -25.52
N GLY A 93 -13.26 -36.03 -25.74
CA GLY A 93 -12.26 -35.05 -26.10
C GLY A 93 -12.59 -34.34 -27.40
N ALA A 94 -13.09 -35.09 -28.39
CA ALA A 94 -13.45 -34.48 -29.66
C ALA A 94 -14.60 -33.50 -29.50
N GLY A 95 -15.59 -33.85 -28.69
CA GLY A 95 -16.69 -32.95 -28.44
C GLY A 95 -16.27 -31.69 -27.71
N ILE A 96 -15.38 -31.84 -26.73
CA ILE A 96 -14.93 -30.68 -25.98
C ILE A 96 -13.96 -29.84 -26.81
N ALA A 97 -13.38 -30.43 -27.85
CA ALA A 97 -12.59 -29.62 -28.78
C ALA A 97 -13.47 -28.62 -29.52
N LEU A 98 -14.76 -28.91 -29.64
CA LEU A 98 -15.70 -28.04 -30.31
C LEU A 98 -16.34 -27.02 -29.37
N ALA A 99 -15.95 -27.00 -28.10
CA ALA A 99 -16.60 -26.11 -27.16
C ALA A 99 -16.29 -24.65 -27.45
N ILE A 100 -15.08 -24.36 -27.87
CA ILE A 100 -14.64 -22.96 -28.01
C ILE A 100 -15.23 -22.30 -29.25
N PRO A 101 -15.17 -22.90 -30.44
CA PRO A 101 -15.86 -22.28 -31.58
C PRO A 101 -17.36 -22.14 -31.36
N LEU A 102 -17.98 -23.12 -30.73
CA LEU A 102 -19.40 -23.01 -30.42
C LEU A 102 -19.67 -21.88 -29.43
N ALA A 103 -18.77 -21.71 -28.47
CA ALA A 103 -18.89 -20.59 -27.54
C ALA A 103 -18.82 -19.26 -28.27
N ALA A 104 -17.89 -19.13 -29.22
CA ALA A 104 -17.79 -17.89 -29.99
C ALA A 104 -19.05 -17.64 -30.81
N ALA A 105 -19.59 -18.69 -31.44
CA ALA A 105 -20.82 -18.52 -32.20
C ALA A 105 -21.97 -18.08 -31.31
N GLY A 106 -22.10 -18.68 -30.13
CA GLY A 106 -23.14 -18.27 -29.21
C GLY A 106 -22.95 -16.84 -28.74
N GLN A 107 -21.70 -16.43 -28.56
CA GLN A 107 -21.42 -15.05 -28.19
C GLN A 107 -21.92 -14.09 -29.26
N VAL A 108 -21.65 -14.40 -30.52
CA VAL A 108 -22.14 -13.56 -31.61
C VAL A 108 -23.67 -13.49 -31.57
N LEU A 109 -24.31 -14.64 -31.43
CA LEU A 109 -25.77 -14.67 -31.48
C LEU A 109 -26.39 -13.87 -30.34
N THR A 110 -25.84 -14.01 -29.13
CA THR A 110 -26.42 -13.28 -28.01
C THR A 110 -26.15 -11.79 -28.11
N ILE A 111 -25.01 -11.38 -28.69
CA ILE A 111 -24.79 -9.96 -28.91
C ILE A 111 -25.84 -9.41 -29.87
N ILE A 112 -26.13 -10.14 -30.94
CA ILE A 112 -27.14 -9.68 -31.89
C ILE A 112 -28.50 -9.54 -31.21
N VAL A 113 -28.89 -10.53 -30.41
CA VAL A 113 -30.20 -10.47 -29.76
C VAL A 113 -30.25 -9.31 -28.76
N ARG A 114 -29.15 -9.07 -28.05
CA ARG A 114 -29.14 -7.97 -27.10
C ARG A 114 -29.19 -6.61 -27.79
N THR A 115 -28.72 -6.51 -29.02
CA THR A 115 -28.98 -5.28 -29.76
C THR A 115 -30.41 -5.21 -30.24
N ILE A 116 -31.03 -6.36 -30.54
CA ILE A 116 -32.41 -6.32 -31.02
C ILE A 116 -33.36 -5.84 -29.93
N THR A 117 -33.15 -6.25 -28.69
CA THR A 117 -34.13 -5.93 -27.64
C THR A 117 -34.26 -4.44 -27.35
N VAL A 118 -33.46 -3.61 -28.01
CA VAL A 118 -33.61 -2.17 -27.88
C VAL A 118 -34.96 -1.73 -28.43
N ALA A 119 -35.46 -2.41 -29.47
CA ALA A 119 -36.79 -2.12 -29.97
C ALA A 119 -37.84 -2.39 -28.90
N PHE A 120 -37.68 -3.48 -28.14
CA PHE A 120 -38.59 -3.75 -27.04
C PHE A 120 -38.52 -2.66 -25.99
N GLN A 121 -37.32 -2.18 -25.69
CA GLN A 121 -37.19 -1.10 -24.71
C GLN A 121 -37.93 0.15 -25.18
N HIS A 122 -37.81 0.49 -26.45
CA HIS A 122 -38.50 1.68 -26.95
C HIS A 122 -40.01 1.47 -27.00
N ALA A 123 -40.46 0.24 -27.29
CA ALA A 123 -41.89 -0.03 -27.20
C ALA A 123 -42.40 0.15 -25.78
N ALA A 124 -41.59 -0.24 -24.79
CA ALA A 124 -41.97 0.02 -23.41
C ALA A 124 -42.05 1.51 -23.13
N ASP A 125 -41.11 2.28 -23.67
CA ASP A 125 -41.19 3.73 -23.55
C ASP A 125 -42.51 4.26 -24.09
N LYS A 126 -42.92 3.80 -25.27
CA LYS A 126 -44.19 4.24 -25.83
C LYS A 126 -45.37 3.80 -24.98
N ALA A 127 -45.32 2.58 -24.43
CA ALA A 127 -46.41 2.12 -23.59
C ALA A 127 -46.49 2.91 -22.29
N ALA A 128 -45.38 3.50 -21.86
CA ALA A 128 -45.42 4.31 -20.65
C ALA A 128 -46.34 5.50 -20.78
N ASP A 129 -46.33 6.15 -21.94
CA ASP A 129 -47.13 7.36 -22.13
C ASP A 129 -48.62 7.09 -22.02
N ASN A 130 -49.06 5.85 -22.12
CA ASN A 130 -50.45 5.50 -21.91
C ASN A 130 -50.71 4.96 -20.51
N GLY A 131 -49.69 4.84 -19.67
CA GLY A 131 -49.87 4.31 -18.34
C GLY A 131 -50.40 2.89 -18.33
N ASN A 132 -49.92 2.04 -19.22
CA ASN A 132 -50.41 0.67 -19.36
C ASN A 132 -49.39 -0.26 -18.72
N LEU A 133 -49.72 -0.76 -17.52
CA LEU A 133 -48.81 -1.64 -16.81
C LEU A 133 -48.80 -3.05 -17.40
N THR A 134 -49.97 -3.55 -17.78
CA THR A 134 -50.03 -4.88 -18.39
C THR A 134 -49.24 -4.93 -19.69
N ALA A 135 -49.23 -3.83 -20.44
CA ALA A 135 -48.39 -3.77 -21.63
C ALA A 135 -46.92 -3.89 -21.27
N ILE A 136 -46.51 -3.26 -20.17
CA ILE A 136 -45.11 -3.36 -19.75
C ILE A 136 -44.78 -4.79 -19.35
N SER A 137 -45.67 -5.46 -18.63
CA SER A 137 -45.42 -6.84 -18.26
C SER A 137 -45.29 -7.72 -19.49
N TRP A 138 -46.20 -7.57 -20.45
CA TRP A 138 -46.13 -8.39 -21.66
C TRP A 138 -44.87 -8.09 -22.46
N ILE A 139 -44.48 -6.81 -22.54
CA ILE A 139 -43.29 -6.46 -23.30
C ILE A 139 -42.05 -7.06 -22.66
N HIS A 140 -41.97 -7.03 -21.34
CA HIS A 140 -40.79 -7.59 -20.69
C HIS A 140 -40.72 -9.09 -20.86
N VAL A 141 -41.81 -9.81 -20.56
CA VAL A 141 -41.73 -11.26 -20.65
C VAL A 141 -41.74 -11.76 -22.08
N SER A 142 -42.07 -10.90 -23.04
CA SER A 142 -42.05 -11.32 -24.44
C SER A 142 -40.70 -11.15 -25.07
N SER A 143 -39.75 -10.50 -24.41
CA SER A 143 -38.40 -10.39 -24.92
C SER A 143 -37.52 -11.56 -24.53
N LEU A 144 -38.02 -12.47 -23.70
CA LEU A 144 -37.30 -13.70 -23.41
C LEU A 144 -37.41 -14.69 -24.56
N PHE A 145 -38.51 -14.65 -25.30
CA PHE A 145 -38.74 -15.64 -26.35
C PHE A 145 -37.59 -15.63 -27.36
N LEU A 146 -37.07 -14.46 -27.70
CA LEU A 146 -35.97 -14.39 -28.65
C LEU A 146 -34.73 -15.10 -28.10
N GLN A 147 -34.42 -14.88 -26.82
CA GLN A 147 -33.26 -15.54 -26.24
C GLN A 147 -33.45 -17.05 -26.14
N ALA A 148 -34.69 -17.51 -26.01
CA ALA A 148 -34.93 -18.95 -26.03
C ALA A 148 -34.70 -19.51 -27.41
N MET A 149 -35.27 -18.88 -28.44
CA MET A 149 -35.10 -19.38 -29.79
C MET A 149 -33.64 -19.34 -30.22
N ARG A 150 -32.87 -18.39 -29.69
CA ARG A 150 -31.47 -18.25 -30.05
C ARG A 150 -30.70 -19.53 -29.86
N VAL A 151 -31.05 -20.31 -28.83
CA VAL A 151 -30.37 -21.57 -28.57
C VAL A 151 -31.20 -22.72 -29.09
N ALA A 152 -32.53 -22.58 -29.06
CA ALA A 152 -33.39 -23.69 -29.45
C ALA A 152 -33.25 -24.05 -30.91
N ILE A 153 -33.20 -23.06 -31.80
CA ILE A 153 -33.23 -23.36 -33.23
C ILE A 153 -31.98 -24.12 -33.69
N PRO A 154 -30.76 -23.66 -33.43
CA PRO A 154 -29.60 -24.48 -33.81
C PRO A 154 -29.56 -25.83 -33.14
N ALA A 155 -30.05 -25.95 -31.91
CA ALA A 155 -30.03 -27.22 -31.19
C ALA A 155 -31.06 -28.21 -31.72
N VAL A 156 -31.97 -27.77 -32.59
CA VAL A 156 -32.89 -28.69 -33.25
C VAL A 156 -32.32 -29.00 -34.63
N ILE A 157 -31.73 -27.99 -35.27
CA ILE A 157 -31.11 -28.21 -36.57
C ILE A 157 -30.01 -29.25 -36.46
N VAL A 158 -29.17 -29.15 -35.43
CA VAL A 158 -28.09 -30.11 -35.24
C VAL A 158 -28.66 -31.49 -34.98
N ALA A 159 -29.68 -31.59 -34.12
CA ALA A 159 -30.24 -32.89 -33.78
C ALA A 159 -30.86 -33.57 -34.99
N LEU A 160 -31.49 -32.80 -35.88
CA LEU A 160 -32.13 -33.39 -37.04
C LEU A 160 -31.14 -33.85 -38.11
N SER A 161 -29.94 -33.28 -38.15
CA SER A 161 -28.94 -33.63 -39.14
C SER A 161 -27.68 -34.16 -38.49
N VAL A 162 -27.85 -35.06 -37.52
CA VAL A 162 -26.71 -35.61 -36.80
C VAL A 162 -25.92 -36.58 -37.65
N GLY A 163 -26.52 -37.11 -38.71
CA GLY A 163 -25.83 -38.07 -39.56
C GLY A 163 -24.92 -37.44 -40.59
N THR A 164 -24.35 -36.29 -40.24
CA THR A 164 -23.47 -35.57 -41.16
C THR A 164 -22.46 -34.78 -40.33
N SER A 165 -21.29 -34.56 -40.92
CA SER A 165 -20.24 -33.79 -40.27
C SER A 165 -20.20 -32.33 -40.72
N GLU A 166 -21.34 -31.80 -41.19
CA GLU A 166 -21.35 -30.45 -41.74
C GLU A 166 -21.29 -29.39 -40.65
N VAL A 167 -21.61 -29.74 -39.40
CA VAL A 167 -21.55 -28.75 -38.33
C VAL A 167 -20.11 -28.32 -38.07
N GLN A 168 -19.18 -29.28 -38.08
CA GLN A 168 -17.77 -28.94 -37.93
C GLN A 168 -17.30 -28.05 -39.07
N ASN A 169 -17.87 -28.21 -40.26
CA ASN A 169 -17.49 -27.35 -41.37
C ASN A 169 -18.09 -25.95 -41.22
N MET A 170 -19.36 -25.87 -40.81
CA MET A 170 -19.98 -24.58 -40.58
C MET A 170 -19.30 -23.83 -39.45
N LEU A 171 -18.68 -24.56 -38.52
CA LEU A 171 -17.94 -23.93 -37.44
C LEU A 171 -16.70 -23.18 -37.94
N ASN A 172 -16.22 -23.49 -39.13
CA ASN A 172 -15.06 -22.80 -39.69
C ASN A 172 -15.43 -21.57 -40.49
N ALA A 173 -16.72 -21.22 -40.58
CA ALA A 173 -17.10 -20.00 -41.28
C ALA A 173 -16.57 -18.76 -40.56
N ILE A 174 -16.62 -18.75 -39.24
CA ILE A 174 -16.02 -17.66 -38.45
C ILE A 174 -14.54 -17.96 -38.26
N PRO A 175 -13.67 -17.34 -39.06
CA PRO A 175 -12.33 -17.93 -39.23
C PRO A 175 -11.41 -17.87 -38.03
N GLU A 176 -10.88 -16.69 -37.72
CA GLU A 176 -10.11 -16.52 -36.49
C GLU A 176 -10.27 -15.12 -35.94
N VAL A 177 -10.55 -14.16 -36.83
CA VAL A 177 -10.49 -12.77 -36.44
C VAL A 177 -11.64 -12.42 -35.53
N VAL A 178 -12.83 -12.96 -35.80
CA VAL A 178 -13.97 -12.70 -34.94
C VAL A 178 -13.96 -13.57 -33.69
N THR A 179 -13.38 -14.76 -33.75
CA THR A 179 -13.30 -15.60 -32.56
C THR A 179 -12.44 -14.93 -31.49
N ASN A 180 -11.32 -14.36 -31.87
CA ASN A 180 -10.45 -13.68 -30.94
C ASN A 180 -10.76 -12.19 -30.85
N GLY A 181 -11.28 -11.60 -31.92
CA GLY A 181 -11.60 -10.19 -31.89
C GLY A 181 -12.69 -9.85 -30.90
N LEU A 182 -13.64 -10.76 -30.70
CA LEU A 182 -14.71 -10.50 -29.74
C LEU A 182 -14.18 -10.42 -28.32
N ASN A 183 -13.26 -11.32 -27.95
CA ASN A 183 -12.67 -11.25 -26.62
C ASN A 183 -11.85 -9.99 -26.45
N ILE A 184 -11.13 -9.58 -27.49
CA ILE A 184 -10.35 -8.35 -27.41
C ILE A 184 -11.27 -7.16 -27.21
N ALA A 185 -12.36 -7.10 -27.96
CA ALA A 185 -13.33 -6.02 -27.76
C ALA A 185 -13.90 -6.06 -26.37
N GLY A 186 -14.24 -7.25 -25.87
CA GLY A 186 -14.70 -7.40 -24.51
C GLY A 186 -13.67 -7.02 -23.47
N GLY A 187 -12.41 -6.90 -23.86
CA GLY A 187 -11.42 -6.38 -22.95
C GLY A 187 -11.51 -4.89 -22.74
N MET A 188 -12.35 -4.20 -23.50
CA MET A 188 -12.55 -2.77 -23.35
C MET A 188 -13.99 -2.36 -23.07
N ILE A 189 -14.97 -3.17 -23.44
CA ILE A 189 -16.37 -2.84 -23.17
C ILE A 189 -16.73 -2.97 -21.70
N VAL A 190 -15.87 -3.58 -20.90
CA VAL A 190 -16.07 -3.58 -19.46
C VAL A 190 -16.14 -2.15 -18.95
N VAL A 191 -15.50 -1.22 -19.66
CA VAL A 191 -15.41 0.17 -19.22
C VAL A 191 -16.76 0.87 -19.37
N VAL A 192 -17.56 0.46 -20.34
CA VAL A 192 -18.72 1.26 -20.74
C VAL A 192 -19.78 1.32 -19.64
N GLY A 193 -20.05 0.19 -18.98
CA GLY A 193 -21.06 0.20 -17.94
C GLY A 193 -20.69 1.11 -16.79
N TYR A 194 -19.43 1.03 -16.35
CA TYR A 194 -18.95 1.93 -15.31
C TYR A 194 -19.01 3.38 -15.76
N ALA A 195 -18.67 3.64 -17.02
CA ALA A 195 -18.74 5.01 -17.51
C ALA A 195 -20.16 5.55 -17.48
N MET A 196 -21.13 4.71 -17.86
CA MET A 196 -22.52 5.14 -17.84
C MET A 196 -22.99 5.41 -16.41
N VAL A 197 -22.61 4.54 -15.46
CA VAL A 197 -23.00 4.76 -14.08
C VAL A 197 -22.40 6.05 -13.55
N ILE A 198 -21.11 6.26 -13.81
CA ILE A 198 -20.44 7.46 -13.32
C ILE A 198 -21.05 8.71 -13.94
N ASN A 199 -21.37 8.64 -15.23
CA ASN A 199 -22.00 9.79 -15.88
C ASN A 199 -23.35 10.08 -15.27
N MET A 200 -24.10 9.05 -14.90
CA MET A 200 -25.40 9.30 -14.28
C MET A 200 -25.30 9.77 -12.84
N MET A 201 -24.19 9.47 -12.15
CA MET A 201 -24.09 9.86 -10.75
C MET A 201 -24.03 11.37 -10.59
N ARG A 202 -23.42 12.08 -11.53
CA ARG A 202 -23.32 13.54 -11.49
C ARG A 202 -22.68 14.03 -10.20
N ALA A 203 -21.58 13.40 -9.82
CA ALA A 203 -20.80 13.80 -8.65
C ALA A 203 -19.36 14.02 -9.10
N GLY A 204 -19.09 15.22 -9.62
CA GLY A 204 -17.75 15.53 -10.09
C GLY A 204 -16.75 15.83 -9.00
N TYR A 205 -17.23 16.30 -7.86
CA TYR A 205 -16.33 16.62 -6.76
C TYR A 205 -15.86 15.41 -5.99
N LEU A 206 -16.50 14.25 -6.17
CA LEU A 206 -16.05 13.01 -5.59
C LEU A 206 -15.19 12.20 -6.54
N MET A 207 -14.90 12.73 -7.72
CA MET A 207 -14.08 11.99 -8.67
C MET A 207 -12.66 11.69 -8.18
N PRO A 208 -12.05 12.44 -7.25
CA PRO A 208 -10.75 12.00 -6.74
C PRO A 208 -10.73 10.59 -6.19
N PHE A 209 -11.85 10.09 -5.68
CA PHE A 209 -11.88 8.72 -5.19
C PHE A 209 -11.76 7.70 -6.31
N PHE A 210 -12.15 8.08 -7.53
CA PHE A 210 -11.98 7.16 -8.66
C PHE A 210 -10.51 6.91 -8.94
N TYR A 211 -9.72 7.98 -9.11
CA TYR A 211 -8.30 7.82 -9.35
C TYR A 211 -7.63 7.09 -8.19
N LEU A 212 -8.02 7.44 -6.97
CA LEU A 212 -7.48 6.75 -5.81
C LEU A 212 -7.75 5.25 -5.89
N GLY A 213 -8.92 4.86 -6.37
CA GLY A 213 -9.19 3.45 -6.52
C GLY A 213 -8.42 2.82 -7.65
N PHE A 214 -8.08 3.62 -8.66
CA PHE A 214 -7.38 3.08 -9.82
C PHE A 214 -5.95 2.71 -9.45
N VAL A 215 -5.15 3.68 -9.01
CA VAL A 215 -3.74 3.42 -8.75
C VAL A 215 -3.58 2.41 -7.63
N THR A 216 -4.49 2.40 -6.66
CA THR A 216 -4.41 1.42 -5.58
C THR A 216 -4.54 0.01 -6.12
N ALA A 217 -5.29 -0.19 -7.18
CA ALA A 217 -5.41 -1.51 -7.76
C ALA A 217 -4.27 -1.85 -8.70
N ALA A 218 -3.40 -0.89 -9.00
CA ALA A 218 -2.32 -1.11 -9.95
C ALA A 218 -0.98 -1.43 -9.30
N PHE A 219 -0.80 -1.07 -8.03
CA PHE A 219 0.50 -1.22 -7.38
C PHE A 219 0.42 -1.94 -6.04
N THR A 220 -0.72 -2.52 -5.71
CA THR A 220 -0.86 -3.24 -4.45
C THR A 220 -1.45 -4.63 -4.64
N ASN A 221 -1.48 -5.39 -3.55
CA ASN A 221 -2.01 -6.75 -3.56
C ASN A 221 -3.39 -6.83 -2.93
N PHE A 222 -4.11 -5.72 -2.88
CA PHE A 222 -5.40 -5.71 -2.20
C PHE A 222 -6.43 -6.54 -2.96
N ASN A 223 -7.26 -7.26 -2.21
CA ASN A 223 -8.39 -7.98 -2.75
C ASN A 223 -9.45 -7.00 -3.24
N LEU A 224 -10.57 -7.53 -3.71
CA LEU A 224 -11.74 -6.68 -3.85
C LEU A 224 -12.51 -6.60 -2.54
N VAL A 225 -12.41 -7.61 -1.69
CA VAL A 225 -12.99 -7.53 -0.35
C VAL A 225 -12.29 -6.44 0.46
N ALA A 226 -10.96 -6.43 0.41
CA ALA A 226 -10.21 -5.41 1.12
C ALA A 226 -10.51 -4.03 0.58
N LEU A 227 -10.63 -3.90 -0.74
CA LEU A 227 -10.95 -2.60 -1.31
C LEU A 227 -12.35 -2.15 -0.93
N GLY A 228 -13.30 -3.08 -0.83
CA GLY A 228 -14.61 -2.72 -0.33
C GLY A 228 -14.57 -2.22 1.11
N VAL A 229 -13.81 -2.90 1.96
CA VAL A 229 -13.67 -2.46 3.35
C VAL A 229 -13.05 -1.07 3.41
N ILE A 230 -11.99 -0.85 2.63
CA ILE A 230 -11.34 0.46 2.63
C ILE A 230 -12.30 1.54 2.14
N GLY A 231 -13.04 1.26 1.07
CA GLY A 231 -13.97 2.25 0.55
C GLY A 231 -15.04 2.61 1.55
N THR A 232 -15.58 1.62 2.27
CA THR A 232 -16.55 1.91 3.31
C THR A 232 -15.95 2.76 4.41
N VAL A 233 -14.71 2.46 4.80
CA VAL A 233 -14.06 3.23 5.87
C VAL A 233 -13.89 4.68 5.43
N MET A 234 -13.43 4.90 4.20
CA MET A 234 -13.26 6.27 3.73
C MET A 234 -14.60 7.00 3.61
N ALA A 235 -15.65 6.30 3.19
CA ALA A 235 -16.95 6.95 3.14
C ALA A 235 -17.39 7.41 4.52
N VAL A 236 -17.26 6.53 5.51
CA VAL A 236 -17.69 6.88 6.86
C VAL A 236 -16.87 8.05 7.40
N LEU A 237 -15.55 8.01 7.21
CA LEU A 237 -14.71 9.07 7.74
C LEU A 237 -14.93 10.39 7.00
N TYR A 238 -15.19 10.33 5.70
CA TYR A 238 -15.50 11.55 4.96
C TYR A 238 -16.78 12.19 5.48
N ILE A 239 -17.79 11.37 5.79
CA ILE A 239 -19.01 11.94 6.34
C ILE A 239 -18.80 12.48 7.75
N GLN A 240 -17.95 11.83 8.54
CA GLN A 240 -17.68 12.32 9.89
C GLN A 240 -17.07 13.73 9.87
N LEU A 241 -16.11 13.95 8.99
CA LEU A 241 -15.56 15.26 8.68
C LEU A 241 -16.53 15.96 7.74
N SER A 242 -16.05 16.88 6.91
CA SER A 242 -16.93 17.51 5.93
C SER A 242 -17.97 18.39 6.59
N PRO A 243 -17.57 19.60 6.98
CA PRO A 243 -18.44 20.47 7.80
C PRO A 243 -19.80 20.78 7.22
N LYS A 244 -20.07 20.34 5.99
CA LYS A 244 -21.42 20.51 5.44
C LYS A 244 -22.45 19.81 6.31
N TYR A 245 -22.07 18.75 6.99
CA TYR A 245 -22.98 18.03 7.89
C TYR A 245 -22.80 18.40 9.34
N ASN A 246 -21.58 18.73 9.77
CA ASN A 246 -21.32 19.12 11.16
C ASN A 246 -21.50 20.64 11.30
N ARG A 247 -22.76 21.06 11.15
CA ARG A 247 -23.13 22.47 11.26
C ARG A 247 -23.83 22.70 12.58
N VAL A 248 -23.42 23.74 13.29
CA VAL A 248 -24.01 24.04 14.59
C VAL A 248 -25.42 24.58 14.43
N GLU B 10 -55.33 6.82 3.00
CA GLU B 10 -54.00 6.74 2.41
C GLU B 10 -53.79 5.40 1.71
N LYS B 11 -52.64 5.25 1.07
CA LYS B 11 -52.30 4.04 0.32
C LYS B 11 -51.01 3.46 0.87
N LYS B 12 -51.05 2.17 1.20
CA LYS B 12 -49.89 1.48 1.76
C LYS B 12 -49.72 0.14 1.08
N LEU B 13 -48.51 -0.39 1.15
CA LEU B 13 -48.17 -1.62 0.47
C LEU B 13 -48.57 -2.82 1.34
N THR B 14 -49.44 -3.66 0.80
CA THR B 14 -49.82 -4.88 1.48
C THR B 14 -48.64 -5.86 1.49
N GLN B 15 -48.68 -6.80 2.44
CA GLN B 15 -47.69 -7.87 2.44
C GLN B 15 -47.69 -8.62 1.11
N SER B 16 -48.87 -8.88 0.56
CA SER B 16 -48.96 -9.59 -0.71
C SER B 16 -48.28 -8.83 -1.84
N ASP B 17 -48.08 -7.53 -1.70
CA ASP B 17 -47.41 -6.75 -2.72
C ASP B 17 -45.90 -6.71 -2.55
N ILE B 18 -45.37 -7.36 -1.52
CA ILE B 18 -43.92 -7.53 -1.44
C ILE B 18 -43.50 -8.83 -2.11
N ARG B 19 -44.19 -9.92 -1.82
CA ARG B 19 -43.94 -11.16 -2.54
C ARG B 19 -44.08 -10.95 -4.04
N GLY B 20 -45.09 -10.18 -4.45
CA GLY B 20 -45.23 -9.87 -5.86
C GLY B 20 -44.00 -9.20 -6.42
N VAL B 21 -43.39 -8.30 -5.65
CA VAL B 21 -42.14 -7.70 -6.09
C VAL B 21 -41.02 -8.72 -6.05
N PHE B 22 -41.02 -9.60 -5.05
CA PHE B 22 -39.97 -10.61 -4.96
C PHE B 22 -40.08 -11.60 -6.10
N LEU B 23 -41.30 -12.08 -6.39
CA LEU B 23 -41.47 -13.09 -7.42
C LEU B 23 -41.07 -12.54 -8.79
N ARG B 24 -41.47 -11.31 -9.10
CA ARG B 24 -41.16 -10.75 -10.40
C ARG B 24 -39.69 -10.40 -10.54
N SER B 25 -38.96 -10.26 -9.44
CA SER B 25 -37.55 -9.94 -9.54
C SER B 25 -36.71 -11.13 -9.98
N ASN B 26 -37.28 -12.33 -10.04
CA ASN B 26 -36.53 -13.46 -10.56
C ASN B 26 -36.24 -13.29 -12.05
N LEU B 27 -37.18 -12.70 -12.78
CA LEU B 27 -36.93 -12.33 -14.17
C LEU B 27 -36.42 -10.91 -14.27
N PHE B 28 -35.40 -10.58 -13.47
CA PHE B 28 -34.93 -9.20 -13.44
C PHE B 28 -34.32 -8.79 -14.76
N GLN B 29 -33.39 -9.59 -15.27
CA GLN B 29 -32.95 -9.46 -16.64
C GLN B 29 -33.98 -10.15 -17.52
N GLY B 30 -33.67 -10.37 -18.79
CA GLY B 30 -34.60 -10.95 -19.73
C GLY B 30 -35.04 -9.95 -20.79
N SER B 31 -35.09 -8.68 -20.44
CA SER B 31 -35.10 -7.60 -21.42
C SER B 31 -33.84 -6.80 -21.14
N TRP B 32 -32.72 -7.26 -21.67
CA TRP B 32 -31.42 -6.68 -21.43
C TRP B 32 -30.94 -6.05 -22.73
N ASN B 33 -30.86 -4.72 -22.74
CA ASN B 33 -30.48 -3.98 -23.94
C ASN B 33 -29.06 -3.46 -23.77
N PHE B 34 -28.48 -3.05 -24.89
CA PHE B 34 -27.26 -2.26 -24.81
C PHE B 34 -27.55 -0.80 -24.53
N GLU B 35 -28.80 -0.37 -24.72
CA GLU B 35 -29.15 1.04 -24.54
C GLU B 35 -29.37 1.38 -23.08
N ARG B 36 -30.38 0.77 -22.45
CA ARG B 36 -30.70 0.99 -21.05
C ARG B 36 -30.70 -0.38 -20.39
N MET B 37 -29.52 -0.84 -19.99
CA MET B 37 -29.38 -2.19 -19.49
C MET B 37 -30.22 -2.39 -18.23
N GLN B 38 -30.89 -3.53 -18.13
CA GLN B 38 -31.73 -3.89 -16.95
C GLN B 38 -32.77 -2.85 -16.52
N ALA B 39 -33.10 -1.88 -17.36
CA ALA B 39 -34.06 -0.88 -16.93
C ALA B 39 -35.49 -1.40 -16.99
N LEU B 40 -35.86 -2.03 -18.11
CA LEU B 40 -37.21 -2.57 -18.23
C LEU B 40 -37.48 -3.63 -17.18
N GLY B 41 -36.46 -4.37 -16.78
CA GLY B 41 -36.64 -5.32 -15.68
C GLY B 41 -36.96 -4.64 -14.37
N PHE B 42 -36.28 -3.52 -14.10
CA PHE B 42 -36.58 -2.77 -12.88
C PHE B 42 -38.00 -2.24 -12.90
N CYS B 43 -38.45 -1.72 -14.05
CA CYS B 43 -39.83 -1.25 -14.11
C CYS B 43 -40.82 -2.41 -14.06
N PHE B 44 -40.41 -3.59 -14.52
CA PHE B 44 -41.30 -4.74 -14.52
C PHE B 44 -41.49 -5.30 -13.13
N SER B 45 -40.45 -5.28 -12.31
CA SER B 45 -40.56 -5.84 -10.97
C SER B 45 -41.24 -4.90 -9.99
N MET B 46 -41.53 -3.65 -10.38
CA MET B 46 -42.26 -2.72 -9.52
C MET B 46 -43.70 -2.54 -9.95
N VAL B 47 -44.18 -3.31 -10.92
CA VAL B 47 -45.56 -3.16 -11.37
C VAL B 47 -46.56 -3.37 -10.25
N PRO B 48 -46.45 -4.40 -9.39
CA PRO B 48 -47.45 -4.57 -8.34
C PRO B 48 -47.49 -3.42 -7.36
N ALA B 49 -46.43 -2.63 -7.24
CA ALA B 49 -46.45 -1.49 -6.35
C ALA B 49 -47.13 -0.30 -7.00
N ILE B 50 -46.69 0.07 -8.21
CA ILE B 50 -47.31 1.16 -8.93
C ILE B 50 -48.79 0.87 -9.19
N ARG B 51 -49.16 -0.40 -9.21
CA ARG B 51 -50.57 -0.75 -9.38
C ARG B 51 -51.39 -0.40 -8.15
N ARG B 52 -50.75 -0.21 -7.00
CA ARG B 52 -51.46 0.12 -5.76
C ARG B 52 -51.31 1.58 -5.36
N LEU B 53 -50.10 2.13 -5.47
CA LEU B 53 -49.89 3.51 -5.06
C LEU B 53 -50.59 4.50 -6.01
N TYR B 54 -50.73 4.13 -7.28
CA TYR B 54 -51.35 5.01 -8.28
C TYR B 54 -52.46 4.24 -8.97
N PRO B 55 -53.59 4.05 -8.31
CA PRO B 55 -54.66 3.21 -8.87
C PRO B 55 -55.27 3.77 -10.15
N GLU B 56 -55.07 5.04 -10.45
CA GLU B 56 -55.67 5.66 -11.62
C GLU B 56 -54.58 6.24 -12.53
N ASN B 57 -54.97 6.54 -13.76
CA ASN B 57 -54.04 6.97 -14.81
C ASN B 57 -53.96 8.48 -14.91
N ASN B 58 -54.09 9.19 -13.80
CA ASN B 58 -54.32 10.64 -13.90
C ASN B 58 -53.16 11.38 -14.55
N GLU B 59 -52.07 11.59 -13.80
CA GLU B 59 -50.82 12.03 -14.40
C GLU B 59 -49.64 11.43 -13.66
N ALA B 60 -49.86 11.10 -12.39
CA ALA B 60 -48.77 10.59 -11.57
C ALA B 60 -48.41 9.18 -11.93
N ARG B 61 -49.31 8.42 -12.54
CA ARG B 61 -49.00 7.08 -12.98
C ARG B 61 -47.96 7.11 -14.10
N LYS B 62 -48.15 7.98 -15.08
CA LYS B 62 -47.19 8.07 -16.18
C LYS B 62 -45.84 8.58 -15.69
N GLN B 63 -45.85 9.55 -14.78
CA GLN B 63 -44.60 10.02 -14.20
C GLN B 63 -43.91 8.90 -13.43
N ALA B 64 -44.67 8.12 -12.67
CA ALA B 64 -44.07 7.03 -11.90
C ALA B 64 -43.46 5.99 -12.81
N ILE B 65 -44.14 5.66 -13.91
CA ILE B 65 -43.60 4.68 -14.85
C ILE B 65 -42.34 5.23 -15.50
N ARG B 66 -42.37 6.47 -15.99
CA ARG B 66 -41.20 7.03 -16.65
C ARG B 66 -40.04 7.18 -15.68
N ARG B 67 -40.33 7.32 -14.39
CA ARG B 67 -39.26 7.46 -13.41
C ARG B 67 -38.40 6.21 -13.34
N HIS B 68 -38.98 5.04 -13.62
CA HIS B 68 -38.28 3.78 -13.47
C HIS B 68 -37.83 3.17 -14.78
N LEU B 69 -38.18 3.77 -15.91
CA LEU B 69 -37.60 3.36 -17.19
C LEU B 69 -36.38 4.20 -17.53
N GLU B 70 -35.48 4.32 -16.58
CA GLU B 70 -34.22 5.02 -16.76
C GLU B 70 -33.09 4.01 -16.61
N PHE B 71 -31.90 4.40 -17.05
CA PHE B 71 -30.76 3.49 -16.99
C PHE B 71 -30.58 2.95 -15.58
N PHE B 72 -30.44 1.63 -15.48
CA PHE B 72 -30.23 0.99 -14.17
C PHE B 72 -29.48 -0.31 -14.40
N ASN B 73 -28.21 -0.35 -14.04
CA ASN B 73 -27.40 -1.54 -14.22
C ASN B 73 -26.70 -1.91 -12.93
N THR B 74 -26.87 -3.15 -12.50
CA THR B 74 -26.22 -3.65 -11.29
C THR B 74 -26.24 -5.17 -11.33
N GLN B 75 -25.55 -5.78 -10.38
CA GLN B 75 -25.57 -7.22 -10.27
C GLN B 75 -26.99 -7.69 -9.99
N PRO B 76 -27.50 -8.70 -10.70
CA PRO B 76 -28.93 -9.03 -10.58
C PRO B 76 -29.35 -9.44 -9.18
N PHE B 77 -28.48 -10.09 -8.40
CA PHE B 77 -28.91 -10.59 -7.11
C PHE B 77 -28.99 -9.46 -6.09
N VAL B 78 -27.97 -8.63 -6.01
CA VAL B 78 -27.99 -7.48 -5.10
C VAL B 78 -28.63 -6.34 -5.89
N ALA B 79 -29.92 -6.45 -6.06
CA ALA B 79 -30.79 -5.38 -6.51
C ALA B 79 -32.07 -5.40 -5.71
N ALA B 80 -32.31 -6.47 -4.96
CA ALA B 80 -33.42 -6.50 -4.01
C ALA B 80 -33.35 -5.37 -2.98
N PRO B 81 -32.21 -5.06 -2.36
CA PRO B 81 -32.20 -3.91 -1.45
C PRO B 81 -32.62 -2.61 -2.10
N ILE B 82 -32.18 -2.37 -3.34
CA ILE B 82 -32.59 -1.16 -4.04
C ILE B 82 -34.08 -1.18 -4.32
N LEU B 83 -34.61 -2.35 -4.67
CA LEU B 83 -36.04 -2.46 -4.88
C LEU B 83 -36.81 -2.12 -3.62
N GLY B 84 -36.37 -2.63 -2.48
CA GLY B 84 -37.06 -2.31 -1.24
C GLY B 84 -36.98 -0.84 -0.88
N VAL B 85 -35.79 -0.25 -1.05
CA VAL B 85 -35.63 1.15 -0.71
C VAL B 85 -36.51 2.03 -1.58
N THR B 86 -36.55 1.76 -2.88
CA THR B 86 -37.42 2.55 -3.74
C THR B 86 -38.89 2.27 -3.46
N LEU B 87 -39.22 1.06 -3.01
CA LEU B 87 -40.59 0.80 -2.58
C LEU B 87 -40.98 1.74 -1.44
N ALA B 88 -40.11 1.84 -0.44
CA ALA B 88 -40.40 2.73 0.69
C ALA B 88 -40.51 4.18 0.23
N LEU B 89 -39.56 4.62 -0.61
CA LEU B 89 -39.59 6.00 -1.07
C LEU B 89 -40.85 6.31 -1.86
N GLU B 90 -41.26 5.39 -2.74
CA GLU B 90 -42.46 5.62 -3.53
C GLU B 90 -43.70 5.60 -2.65
N GLU B 91 -43.73 4.74 -1.63
CA GLU B 91 -44.86 4.76 -0.71
C GLU B 91 -44.98 6.12 -0.05
N GLN B 92 -43.87 6.63 0.48
CA GLN B 92 -43.91 7.94 1.13
C GLN B 92 -44.29 9.04 0.15
N ARG B 93 -43.76 8.99 -1.07
CA ARG B 93 -44.04 10.06 -2.03
C ARG B 93 -45.49 10.03 -2.47
N ALA B 94 -46.07 8.84 -2.61
CA ALA B 94 -47.48 8.77 -2.97
C ALA B 94 -48.38 9.15 -1.81
N ASN B 95 -47.93 8.94 -0.57
CA ASN B 95 -48.73 9.37 0.57
C ASN B 95 -48.68 10.87 0.79
N GLY B 96 -47.75 11.59 0.17
CA GLY B 96 -47.75 13.03 0.26
C GLY B 96 -46.41 13.67 0.57
N ALA B 97 -45.59 13.02 1.38
CA ALA B 97 -44.28 13.58 1.72
C ALA B 97 -43.48 13.80 0.45
N GLU B 98 -42.80 14.94 0.37
CA GLU B 98 -42.27 15.43 -0.90
C GLU B 98 -40.83 14.95 -1.08
N ILE B 99 -40.61 14.03 -2.00
CA ILE B 99 -39.27 13.49 -2.19
C ILE B 99 -38.64 13.86 -3.53
N ASP B 100 -39.40 14.57 -4.36
CA ASP B 100 -38.98 15.02 -5.70
C ASP B 100 -38.62 13.92 -6.71
N ASP B 101 -37.96 14.31 -7.79
CA ASP B 101 -37.60 13.34 -8.81
C ASP B 101 -36.11 13.06 -8.90
N GLY B 102 -35.33 13.64 -7.99
CA GLY B 102 -33.90 13.41 -8.03
C GLY B 102 -33.34 12.78 -6.79
N ALA B 103 -34.16 12.61 -5.76
CA ALA B 103 -33.74 11.83 -4.61
C ALA B 103 -34.08 10.36 -4.78
N ILE B 104 -35.09 10.04 -5.57
CA ILE B 104 -35.38 8.65 -5.90
C ILE B 104 -34.34 8.12 -6.88
N ASN B 105 -34.24 8.76 -8.05
CA ASN B 105 -33.20 8.38 -8.98
C ASN B 105 -31.82 8.62 -8.40
N GLY B 106 -31.68 9.62 -7.53
CA GLY B 106 -30.41 9.84 -6.88
C GLY B 106 -29.97 8.67 -6.04
N ILE B 107 -30.87 8.16 -5.19
CA ILE B 107 -30.51 7.03 -4.35
C ILE B 107 -30.33 5.77 -5.19
N LYS B 108 -31.15 5.60 -6.23
CA LYS B 108 -30.98 4.44 -7.09
C LYS B 108 -29.59 4.41 -7.72
N VAL B 109 -29.18 5.52 -8.34
CA VAL B 109 -27.88 5.58 -8.98
C VAL B 109 -26.76 5.51 -7.96
N GLY B 110 -26.96 6.11 -6.79
CA GLY B 110 -25.94 6.01 -5.76
C GLY B 110 -25.69 4.60 -5.29
N LEU B 111 -26.76 3.81 -5.16
CA LEU B 111 -26.62 2.43 -4.73
C LEU B 111 -26.22 1.49 -5.86
N MET B 112 -26.43 1.90 -7.11
CA MET B 112 -26.02 1.06 -8.23
C MET B 112 -24.52 0.78 -8.22
N GLY B 113 -23.72 1.80 -7.90
CA GLY B 113 -22.29 1.70 -7.98
C GLY B 113 -21.68 0.64 -7.09
N PRO B 114 -21.75 0.84 -5.77
CA PRO B 114 -21.13 -0.13 -4.85
C PRO B 114 -21.69 -1.53 -4.97
N LEU B 115 -22.99 -1.68 -5.21
CA LEU B 115 -23.58 -3.00 -5.25
C LEU B 115 -23.13 -3.77 -6.49
N ALA B 116 -22.91 -3.09 -7.60
CA ALA B 116 -22.32 -3.75 -8.75
C ALA B 116 -20.82 -3.95 -8.57
N GLY B 117 -20.16 -3.07 -7.81
CA GLY B 117 -18.73 -3.18 -7.64
C GLY B 117 -18.31 -4.27 -6.69
N VAL B 118 -19.15 -4.60 -5.71
CA VAL B 118 -18.86 -5.70 -4.80
C VAL B 118 -19.78 -6.89 -5.01
N GLY B 119 -20.76 -6.79 -5.90
CA GLY B 119 -21.60 -7.92 -6.22
C GLY B 119 -20.96 -8.86 -7.22
N ASP B 120 -20.39 -8.30 -8.28
CA ASP B 120 -19.73 -9.14 -9.28
C ASP B 120 -18.55 -9.93 -8.71
N PRO B 121 -17.59 -9.33 -8.01
CA PRO B 121 -16.46 -10.13 -7.50
C PRO B 121 -16.83 -11.07 -6.39
N ILE B 122 -18.08 -11.12 -5.96
CA ILE B 122 -18.51 -12.02 -4.91
C ILE B 122 -19.43 -13.12 -5.44
N PHE B 123 -20.39 -12.76 -6.28
CA PHE B 123 -21.30 -13.76 -6.81
C PHE B 123 -20.74 -14.41 -8.07
N TRP B 124 -20.46 -13.60 -9.09
CA TRP B 124 -19.72 -14.13 -10.23
C TRP B 124 -18.26 -14.34 -9.92
N GLY B 125 -17.84 -13.96 -8.72
CA GLY B 125 -16.45 -13.90 -8.28
C GLY B 125 -16.11 -15.15 -7.51
N THR B 126 -16.28 -15.15 -6.20
CA THR B 126 -15.98 -16.31 -5.40
C THR B 126 -17.11 -17.31 -5.29
N VAL B 127 -18.38 -16.89 -5.22
CA VAL B 127 -19.47 -17.77 -4.81
C VAL B 127 -19.82 -18.79 -5.90
N ARG B 128 -20.06 -18.33 -7.11
CA ARG B 128 -20.45 -19.28 -8.16
C ARG B 128 -19.35 -20.28 -8.50
N PRO B 129 -18.11 -19.89 -8.76
CA PRO B 129 -17.12 -20.89 -9.15
C PRO B 129 -16.68 -21.81 -8.03
N VAL B 130 -16.81 -21.44 -6.76
CA VAL B 130 -16.48 -22.39 -5.70
C VAL B 130 -17.46 -23.56 -5.74
N PHE B 131 -18.76 -23.28 -5.77
CA PHE B 131 -19.75 -24.34 -5.86
C PHE B 131 -19.63 -25.08 -7.19
N ALA B 132 -19.37 -24.35 -8.26
CA ALA B 132 -19.23 -24.99 -9.56
C ALA B 132 -18.04 -25.92 -9.60
N ALA B 133 -16.93 -25.53 -8.96
CA ALA B 133 -15.75 -26.38 -8.94
C ALA B 133 -15.98 -27.62 -8.09
N LEU B 134 -16.64 -27.45 -6.93
CA LEU B 134 -17.02 -28.63 -6.15
C LEU B 134 -17.87 -29.59 -6.97
N GLY B 135 -18.93 -29.06 -7.59
CA GLY B 135 -19.81 -29.92 -8.37
C GLY B 135 -19.12 -30.56 -9.55
N ALA B 136 -18.26 -29.80 -10.24
CA ALA B 136 -17.56 -30.34 -11.39
C ALA B 136 -16.60 -31.44 -10.99
N GLY B 137 -15.86 -31.22 -9.90
CA GLY B 137 -14.96 -32.27 -9.44
C GLY B 137 -15.69 -33.53 -9.05
N ILE B 138 -16.83 -33.38 -8.36
CA ILE B 138 -17.61 -34.57 -8.03
C ILE B 138 -18.19 -35.21 -9.30
N ALA B 139 -18.47 -34.40 -10.32
CA ALA B 139 -19.05 -34.93 -11.55
C ALA B 139 -18.05 -35.64 -12.44
N MET B 140 -16.75 -35.50 -12.17
CA MET B 140 -15.75 -36.20 -12.96
C MET B 140 -15.93 -37.71 -12.86
N SER B 141 -16.20 -38.22 -11.65
CA SER B 141 -16.60 -39.61 -11.52
C SER B 141 -17.93 -39.87 -12.19
N GLY B 142 -18.83 -38.89 -12.15
CA GLY B 142 -20.08 -38.99 -12.89
C GLY B 142 -21.29 -39.28 -12.05
N SER B 143 -21.31 -38.77 -10.83
CA SER B 143 -22.45 -38.94 -9.94
C SER B 143 -23.33 -37.71 -9.98
N LEU B 144 -24.62 -37.91 -9.73
CA LEU B 144 -25.56 -36.79 -9.79
C LEU B 144 -25.29 -35.77 -8.70
N LEU B 145 -24.47 -36.10 -7.72
CA LEU B 145 -24.19 -35.16 -6.64
C LEU B 145 -23.54 -33.88 -7.13
N GLY B 146 -22.87 -33.92 -8.28
CA GLY B 146 -22.23 -32.74 -8.80
C GLY B 146 -23.21 -31.65 -9.18
N PRO B 147 -24.00 -31.91 -10.22
CA PRO B 147 -25.02 -30.92 -10.61
C PRO B 147 -26.01 -30.61 -9.51
N LEU B 148 -26.43 -31.60 -8.74
CA LEU B 148 -27.38 -31.34 -7.66
C LEU B 148 -26.78 -30.44 -6.61
N LEU B 149 -25.53 -30.71 -6.21
CA LEU B 149 -24.84 -29.85 -5.27
C LEU B 149 -24.77 -28.42 -5.79
N PHE B 150 -24.29 -28.24 -7.02
CA PHE B 150 -24.17 -26.89 -7.54
C PHE B 150 -25.52 -26.19 -7.57
N PHE B 151 -26.53 -26.84 -8.13
CA PHE B 151 -27.85 -26.24 -8.28
C PHE B 151 -28.43 -25.84 -6.93
N ILE B 152 -28.46 -26.77 -5.99
CA ILE B 152 -29.11 -26.50 -4.72
C ILE B 152 -28.34 -25.45 -3.92
N LEU B 153 -27.02 -25.60 -3.83
CA LEU B 153 -26.24 -24.65 -3.02
C LEU B 153 -26.28 -23.25 -3.61
N PHE B 154 -26.27 -23.12 -4.95
CA PHE B 154 -26.31 -21.79 -5.52
C PHE B 154 -27.68 -21.16 -5.37
N ASN B 155 -28.74 -21.93 -5.59
CA ASN B 155 -30.07 -21.33 -5.53
C ASN B 155 -30.48 -21.02 -4.11
N LEU B 156 -30.02 -21.79 -3.13
CA LEU B 156 -30.35 -21.45 -1.75
C LEU B 156 -29.67 -20.18 -1.29
N VAL B 157 -28.60 -19.75 -1.96
CA VAL B 157 -28.02 -18.45 -1.67
C VAL B 157 -28.72 -17.35 -2.46
N ARG B 158 -29.01 -17.63 -3.73
CA ARG B 158 -29.65 -16.62 -4.58
C ARG B 158 -31.04 -16.26 -4.05
N LEU B 159 -31.87 -17.26 -3.75
CA LEU B 159 -33.21 -16.98 -3.27
C LEU B 159 -33.18 -16.28 -1.92
N ALA B 160 -32.30 -16.73 -1.02
CA ALA B 160 -32.21 -16.09 0.28
C ALA B 160 -31.84 -14.63 0.15
N THR B 161 -30.79 -14.33 -0.63
CA THR B 161 -30.40 -12.95 -0.78
C THR B 161 -31.47 -12.12 -1.45
N ARG B 162 -32.18 -12.65 -2.46
CA ARG B 162 -33.22 -11.87 -3.09
C ARG B 162 -34.36 -11.55 -2.13
N TYR B 163 -34.93 -12.56 -1.50
CA TYR B 163 -36.09 -12.35 -0.64
C TYR B 163 -35.74 -11.45 0.53
N TYR B 164 -34.66 -11.78 1.23
CA TYR B 164 -34.33 -10.99 2.40
C TYR B 164 -33.73 -9.64 2.07
N GLY B 165 -33.16 -9.46 0.88
CA GLY B 165 -32.77 -8.15 0.44
C GLY B 165 -33.98 -7.27 0.22
N VAL B 166 -35.02 -7.77 -0.45
CA VAL B 166 -36.22 -6.95 -0.61
C VAL B 166 -36.79 -6.58 0.75
N ALA B 167 -36.92 -7.56 1.64
CA ALA B 167 -37.52 -7.29 2.94
C ALA B 167 -36.69 -6.27 3.73
N TYR B 168 -35.39 -6.50 3.82
CA TYR B 168 -34.53 -5.61 4.61
C TYR B 168 -34.46 -4.23 4.00
N GLY B 169 -34.39 -4.13 2.67
CA GLY B 169 -34.36 -2.84 2.04
C GLY B 169 -35.62 -2.04 2.32
N TYR B 170 -36.78 -2.69 2.22
CA TYR B 170 -38.02 -1.99 2.52
C TYR B 170 -38.06 -1.54 3.98
N SER B 171 -37.71 -2.44 4.90
CA SER B 171 -37.79 -2.10 6.31
C SER B 171 -36.82 -0.98 6.67
N LYS B 172 -35.61 -1.01 6.13
CA LYS B 172 -34.65 0.03 6.46
C LYS B 172 -34.97 1.33 5.75
N GLY B 173 -35.59 1.26 4.57
CA GLY B 173 -35.96 2.47 3.87
C GLY B 173 -37.16 3.17 4.46
N ILE B 174 -38.01 2.44 5.19
CA ILE B 174 -39.12 3.13 5.85
C ILE B 174 -38.67 3.86 7.09
N ASP B 175 -37.43 3.64 7.54
CA ASP B 175 -36.84 4.41 8.63
C ASP B 175 -36.04 5.61 8.15
N ILE B 176 -35.50 5.57 6.93
CA ILE B 176 -34.77 6.72 6.43
C ILE B 176 -35.71 7.91 6.20
N VAL B 177 -36.95 7.65 5.78
CA VAL B 177 -37.90 8.73 5.56
C VAL B 177 -38.61 9.17 6.83
N LYS B 178 -38.61 8.35 7.89
CA LYS B 178 -39.31 8.75 9.10
C LYS B 178 -38.67 9.94 9.78
N ASP B 179 -37.43 10.27 9.44
CA ASP B 179 -36.75 11.46 9.95
C ASP B 179 -36.35 12.37 8.80
N MET B 180 -37.26 12.56 7.86
CA MET B 180 -36.97 13.40 6.69
C MET B 180 -36.73 14.83 7.14
N GLY B 181 -35.68 15.44 6.59
CA GLY B 181 -35.19 16.72 7.03
C GLY B 181 -33.97 16.65 7.91
N GLY B 182 -33.65 15.48 8.44
CA GLY B 182 -32.44 15.25 9.19
C GLY B 182 -31.22 15.00 8.35
N GLY B 183 -31.34 15.16 7.03
CA GLY B 183 -30.22 14.99 6.13
C GLY B 183 -29.68 13.58 6.03
N PHE B 184 -30.56 12.59 5.92
CA PHE B 184 -30.10 11.21 5.83
C PHE B 184 -29.96 10.72 4.40
N LEU B 185 -30.90 11.09 3.52
CA LEU B 185 -30.81 10.63 2.14
C LEU B 185 -29.54 11.12 1.47
N GLN B 186 -29.21 12.39 1.65
CA GLN B 186 -27.97 12.92 1.05
C GLN B 186 -26.73 12.29 1.68
N LYS B 187 -26.75 12.02 2.98
CA LYS B 187 -25.63 11.31 3.58
C LYS B 187 -25.45 9.93 2.94
N LEU B 188 -26.54 9.19 2.80
CA LEU B 188 -26.45 7.85 2.22
C LEU B 188 -25.99 7.91 0.76
N THR B 189 -26.52 8.87 0.01
CA THR B 189 -26.11 9.00 -1.39
C THR B 189 -24.63 9.34 -1.50
N GLU B 190 -24.17 10.24 -0.65
CA GLU B 190 -22.76 10.63 -0.67
C GLU B 190 -21.85 9.46 -0.32
N GLY B 191 -22.19 8.69 0.70
CA GLY B 191 -21.38 7.55 1.09
C GLY B 191 -21.38 6.46 0.04
N ALA B 192 -22.54 6.15 -0.50
CA ALA B 192 -22.63 5.14 -1.55
C ALA B 192 -21.83 5.56 -2.77
N SER B 193 -21.90 6.84 -3.15
CA SER B 193 -21.14 7.31 -4.29
C SER B 193 -19.65 7.19 -4.05
N ILE B 194 -19.19 7.52 -2.84
CA ILE B 194 -17.76 7.43 -2.56
C ILE B 194 -17.28 5.98 -2.68
N LEU B 195 -18.00 5.06 -2.03
CA LEU B 195 -17.58 3.66 -2.08
C LEU B 195 -17.66 3.11 -3.50
N GLY B 196 -18.72 3.46 -4.23
CA GLY B 196 -18.87 2.98 -5.59
C GLY B 196 -17.77 3.49 -6.50
N LEU B 197 -17.43 4.78 -6.39
CA LEU B 197 -16.36 5.31 -7.22
C LEU B 197 -15.05 4.61 -6.92
N PHE B 198 -14.76 4.37 -5.64
CA PHE B 198 -13.52 3.67 -5.30
C PHE B 198 -13.46 2.29 -5.94
N VAL B 199 -14.52 1.49 -5.76
CA VAL B 199 -14.46 0.11 -6.25
C VAL B 199 -14.49 0.07 -7.78
N MET B 200 -15.24 0.97 -8.42
CA MET B 200 -15.23 1.01 -9.88
C MET B 200 -13.87 1.42 -10.41
N GLY B 201 -13.20 2.36 -9.76
CA GLY B 201 -11.85 2.69 -10.17
C GLY B 201 -10.92 1.51 -10.05
N ALA B 202 -11.08 0.72 -8.99
CA ALA B 202 -10.26 -0.48 -8.87
C ALA B 202 -10.57 -1.49 -9.97
N LEU B 203 -11.85 -1.69 -10.28
CA LEU B 203 -12.23 -2.71 -11.24
C LEU B 203 -11.84 -2.33 -12.66
N VAL B 204 -11.85 -1.03 -12.99
CA VAL B 204 -11.42 -0.62 -14.32
C VAL B 204 -9.98 -1.04 -14.57
N ASN B 205 -9.13 -0.92 -13.55
CA ASN B 205 -7.76 -1.38 -13.69
C ASN B 205 -7.67 -2.90 -13.68
N LYS B 206 -8.43 -3.55 -12.79
CA LYS B 206 -8.22 -4.97 -12.57
C LYS B 206 -8.76 -5.82 -13.72
N TRP B 207 -9.93 -5.47 -14.25
CA TRP B 207 -10.68 -6.37 -15.12
C TRP B 207 -10.64 -5.99 -16.58
N THR B 208 -9.87 -4.98 -16.97
CA THR B 208 -9.75 -4.61 -18.37
C THR B 208 -8.40 -5.06 -18.89
N HIS B 209 -8.29 -5.12 -20.21
CA HIS B 209 -7.03 -5.55 -20.82
C HIS B 209 -6.91 -4.96 -22.22
N VAL B 210 -5.89 -4.13 -22.41
CA VAL B 210 -5.51 -3.63 -23.72
C VAL B 210 -4.03 -3.96 -23.92
N ASN B 211 -3.71 -4.53 -25.07
CA ASN B 211 -2.35 -4.98 -25.35
C ASN B 211 -1.94 -4.48 -26.74
N ILE B 212 -0.90 -3.66 -26.80
CA ILE B 212 -0.41 -3.14 -28.07
C ILE B 212 0.94 -3.77 -28.35
N PRO B 213 1.01 -4.79 -29.20
CA PRO B 213 2.24 -5.55 -29.38
C PRO B 213 3.15 -5.02 -30.49
N LEU B 214 3.46 -3.74 -30.44
CA LEU B 214 4.41 -3.16 -31.37
C LEU B 214 5.80 -3.23 -30.73
N VAL B 215 6.70 -4.00 -31.35
CA VAL B 215 8.00 -4.22 -30.77
C VAL B 215 8.84 -2.96 -30.90
N VAL B 216 9.41 -2.51 -29.78
CA VAL B 216 10.29 -1.36 -29.77
C VAL B 216 11.75 -1.78 -29.73
N SER B 217 12.10 -2.73 -28.85
CA SER B 217 13.47 -3.20 -28.77
C SER B 217 13.48 -4.71 -28.63
N ARG B 218 14.54 -5.32 -29.13
CA ARG B 218 14.65 -6.77 -29.23
C ARG B 218 16.04 -7.24 -28.80
N ILE B 219 16.48 -6.81 -27.62
CA ILE B 219 17.79 -7.24 -27.15
C ILE B 219 17.80 -8.75 -26.96
N THR B 220 18.93 -9.36 -27.31
CA THR B 220 19.08 -10.81 -27.23
C THR B 220 20.26 -11.14 -26.35
N ASP B 221 19.99 -11.82 -25.24
CA ASP B 221 21.02 -12.17 -24.27
C ASP B 221 20.52 -13.38 -23.48
N GLN B 222 21.21 -13.69 -22.39
CA GLN B 222 20.87 -14.83 -21.55
C GLN B 222 20.76 -16.10 -22.40
N THR B 223 21.78 -16.31 -23.24
CA THR B 223 21.83 -17.36 -24.26
C THR B 223 20.45 -17.60 -24.90
N GLY B 224 19.81 -16.51 -25.30
CA GLY B 224 18.58 -16.56 -26.05
C GLY B 224 17.30 -16.29 -25.29
N LYS B 225 17.33 -15.42 -24.29
CA LYS B 225 16.09 -15.04 -23.62
C LYS B 225 15.27 -14.08 -24.48
N GLU B 226 15.94 -13.27 -25.28
CA GLU B 226 15.35 -12.49 -26.37
C GLU B 226 14.55 -11.28 -25.90
N HIS B 227 14.24 -11.21 -24.60
CA HIS B 227 13.87 -9.98 -23.90
C HIS B 227 13.12 -8.95 -24.74
N VAL B 228 12.04 -9.34 -25.42
CA VAL B 228 11.34 -8.41 -26.29
C VAL B 228 10.57 -7.40 -25.44
N THR B 229 10.64 -6.13 -25.82
CA THR B 229 9.86 -5.08 -25.20
C THR B 229 9.00 -4.38 -26.25
N THR B 230 7.76 -4.09 -25.90
CA THR B 230 6.80 -3.50 -26.80
C THR B 230 6.33 -2.16 -26.25
N VAL B 231 5.43 -1.51 -26.98
CA VAL B 231 4.82 -0.28 -26.49
C VAL B 231 4.06 -0.55 -25.20
N GLN B 232 3.41 -1.70 -25.12
CA GLN B 232 2.68 -2.06 -23.92
C GLN B 232 3.60 -2.16 -22.71
N THR B 233 4.84 -2.62 -22.90
CA THR B 233 5.77 -2.69 -21.78
C THR B 233 6.06 -1.30 -21.22
N ILE B 234 6.33 -0.35 -22.09
CA ILE B 234 6.61 1.01 -21.64
C ILE B 234 5.39 1.60 -20.94
N LEU B 235 4.21 1.43 -21.55
CA LEU B 235 3.00 1.99 -20.94
C LEU B 235 2.72 1.37 -19.59
N ASP B 236 2.91 0.06 -19.46
CA ASP B 236 2.72 -0.60 -18.18
C ASP B 236 3.75 -0.17 -17.15
N GLN B 237 4.96 0.19 -17.59
CA GLN B 237 5.92 0.73 -16.64
C GLN B 237 5.52 2.12 -16.16
N LEU B 238 4.95 2.93 -17.04
CA LEU B 238 4.46 4.25 -16.61
C LEU B 238 3.27 4.10 -15.68
N MET B 239 2.19 3.53 -16.16
CA MET B 239 0.99 3.31 -15.38
C MET B 239 0.22 2.11 -15.92
N PRO B 240 0.11 1.02 -15.17
CA PRO B 240 -0.65 -0.13 -15.65
C PRO B 240 -2.10 0.26 -15.92
N GLY B 241 -2.63 -0.24 -17.03
CA GLY B 241 -4.00 0.04 -17.38
C GLY B 241 -4.29 1.46 -17.79
N LEU B 242 -3.29 2.17 -18.33
CA LEU B 242 -3.50 3.56 -18.71
C LEU B 242 -4.48 3.69 -19.87
N VAL B 243 -4.35 2.83 -20.87
CA VAL B 243 -5.23 2.93 -22.04
C VAL B 243 -6.69 2.71 -21.68
N PRO B 244 -7.08 1.70 -20.90
CA PRO B 244 -8.48 1.62 -20.46
C PRO B 244 -8.95 2.82 -19.65
N LEU B 245 -8.06 3.45 -18.87
CA LEU B 245 -8.47 4.66 -18.16
C LEU B 245 -8.79 5.79 -19.13
N LEU B 246 -7.94 5.97 -20.14
CA LEU B 246 -8.24 6.98 -21.16
C LEU B 246 -9.51 6.65 -21.91
N LEU B 247 -9.76 5.36 -22.16
CA LEU B 247 -10.99 4.97 -22.82
C LEU B 247 -12.21 5.25 -21.94
N THR B 248 -12.09 5.08 -20.64
CA THR B 248 -13.18 5.43 -19.74
C THR B 248 -13.48 6.91 -19.84
N PHE B 249 -12.46 7.75 -19.84
CA PHE B 249 -12.71 9.17 -19.95
C PHE B 249 -13.30 9.54 -21.30
N ALA B 250 -12.86 8.88 -22.36
CA ALA B 250 -13.46 9.12 -23.68
C ALA B 250 -14.93 8.74 -23.70
N CYS B 251 -15.28 7.59 -23.10
CA CYS B 251 -16.67 7.18 -23.05
C CYS B 251 -17.51 8.16 -22.24
N MET B 252 -16.98 8.64 -21.12
CA MET B 252 -17.70 9.62 -20.33
C MET B 252 -17.93 10.90 -21.14
N TRP B 253 -16.91 11.33 -21.89
CA TRP B 253 -17.07 12.52 -22.71
C TRP B 253 -18.13 12.32 -23.77
N LEU B 254 -18.13 11.16 -24.42
CA LEU B 254 -19.13 10.88 -25.45
C LEU B 254 -20.53 10.84 -24.86
N LEU B 255 -20.68 10.25 -23.68
CA LEU B 255 -21.99 10.21 -23.05
C LEU B 255 -22.45 11.59 -22.61
N ARG B 256 -21.51 12.48 -22.28
CA ARG B 256 -21.87 13.85 -21.99
C ARG B 256 -22.57 14.51 -23.18
N LYS B 257 -22.08 14.24 -24.39
CA LYS B 257 -22.61 14.85 -25.60
C LYS B 257 -23.88 14.18 -26.09
N LYS B 258 -24.53 13.39 -25.24
CA LYS B 258 -25.82 12.75 -25.57
C LYS B 258 -25.69 11.83 -26.78
N VAL B 259 -24.59 11.09 -26.84
CA VAL B 259 -24.45 10.03 -27.83
C VAL B 259 -25.08 8.76 -27.28
N ASN B 260 -25.81 8.05 -28.13
CA ASN B 260 -26.45 6.82 -27.71
C ASN B 260 -25.38 5.78 -27.35
N PRO B 261 -25.52 5.06 -26.24
CA PRO B 261 -24.52 4.06 -25.88
C PRO B 261 -24.36 2.95 -26.89
N LEU B 262 -25.41 2.69 -27.67
CA LEU B 262 -25.34 1.61 -28.66
C LEU B 262 -24.24 1.87 -29.67
N TRP B 263 -24.09 3.12 -30.12
CA TRP B 263 -23.04 3.43 -31.07
C TRP B 263 -21.66 3.34 -30.44
N ILE B 264 -21.55 3.66 -29.16
CA ILE B 264 -20.26 3.47 -28.48
C ILE B 264 -19.89 2.00 -28.45
N ILE B 265 -20.84 1.14 -28.13
CA ILE B 265 -20.54 -0.29 -28.08
C ILE B 265 -20.19 -0.83 -29.45
N VAL B 266 -20.94 -0.41 -30.48
CA VAL B 266 -20.64 -0.85 -31.84
C VAL B 266 -19.24 -0.39 -32.25
N GLY B 267 -18.88 0.85 -31.91
CA GLY B 267 -17.55 1.33 -32.19
C GLY B 267 -16.48 0.51 -31.50
N PHE B 268 -16.75 0.11 -30.25
CA PHE B 268 -15.78 -0.72 -29.53
C PHE B 268 -15.59 -2.07 -30.23
N PHE B 269 -16.69 -2.69 -30.66
CA PHE B 269 -16.58 -3.97 -31.35
C PHE B 269 -15.78 -3.84 -32.63
N VAL B 270 -16.08 -2.79 -33.41
CA VAL B 270 -15.38 -2.59 -34.67
C VAL B 270 -13.90 -2.33 -34.41
N ILE B 271 -13.59 -1.50 -33.42
CA ILE B 271 -12.19 -1.22 -33.10
C ILE B 271 -11.47 -2.49 -32.70
N GLY B 272 -12.08 -3.31 -31.86
CA GLY B 272 -11.42 -4.54 -31.44
C GLY B 272 -11.13 -5.47 -32.59
N ILE B 273 -12.15 -5.72 -33.43
CA ILE B 273 -11.97 -6.66 -34.53
C ILE B 273 -10.96 -6.13 -35.53
N ALA B 274 -11.09 -4.86 -35.91
CA ALA B 274 -10.17 -4.28 -36.90
C ALA B 274 -8.75 -4.22 -36.36
N GLY B 275 -8.58 -3.83 -35.10
CA GLY B 275 -7.24 -3.77 -34.54
C GLY B 275 -6.57 -5.12 -34.46
N TYR B 276 -7.34 -6.15 -34.09
CA TYR B 276 -6.76 -7.49 -34.12
C TYR B 276 -6.42 -7.93 -35.54
N ALA B 277 -7.26 -7.57 -36.51
CA ALA B 277 -6.96 -7.90 -37.89
C ALA B 277 -5.69 -7.19 -38.36
N CYS B 278 -5.57 -5.90 -38.04
CA CYS B 278 -4.38 -5.14 -38.41
C CYS B 278 -3.16 -5.51 -37.60
N GLY B 279 -3.33 -6.32 -36.55
CA GLY B 279 -2.19 -6.78 -35.79
C GLY B 279 -1.60 -5.80 -34.81
N LEU B 280 -2.34 -4.75 -34.45
CA LEU B 280 -1.86 -3.79 -33.45
C LEU B 280 -2.71 -3.81 -32.19
N LEU B 281 -3.44 -4.89 -31.93
CA LEU B 281 -4.14 -5.05 -30.68
C LEU B 281 -3.86 -6.36 -29.97
N GLY B 282 -3.02 -7.22 -30.54
CA GLY B 282 -2.48 -8.33 -29.78
C GLY B 282 -3.55 -9.26 -29.24
N LEU B 283 -3.49 -9.51 -27.94
CA LEU B 283 -4.43 -10.39 -27.28
C LEU B 283 -4.47 -10.11 -25.79
N ASP C 4 -27.20 -47.07 -10.38
CA ASP C 4 -27.83 -47.38 -9.10
C ASP C 4 -27.58 -46.33 -8.01
N PRO C 5 -26.34 -45.89 -7.82
CA PRO C 5 -26.12 -44.83 -6.81
C PRO C 5 -26.87 -43.56 -7.11
N ASN C 6 -27.04 -43.21 -8.39
CA ASN C 6 -27.78 -42.00 -8.72
C ASN C 6 -29.25 -42.13 -8.35
N THR C 7 -29.85 -43.29 -8.62
CA THR C 7 -31.24 -43.50 -8.23
C THR C 7 -31.39 -43.47 -6.70
N GLN C 8 -30.43 -44.05 -5.99
CA GLN C 8 -30.46 -44.01 -4.54
C GLN C 8 -30.37 -42.57 -4.04
N LEU C 9 -29.51 -41.76 -4.65
CA LEU C 9 -29.42 -40.37 -4.26
C LEU C 9 -30.73 -39.63 -4.51
N LEU C 10 -31.37 -39.90 -5.64
CA LEU C 10 -32.66 -39.27 -5.92
C LEU C 10 -33.71 -39.66 -4.90
N ASN C 11 -33.77 -40.95 -4.55
CA ASN C 11 -34.73 -41.39 -3.56
C ASN C 11 -34.47 -40.73 -2.21
N ASP C 12 -33.21 -40.65 -1.81
CA ASP C 12 -32.86 -39.99 -0.56
C ASP C 12 -33.28 -38.52 -0.58
N LEU C 13 -33.04 -37.84 -1.69
CA LEU C 13 -33.43 -36.45 -1.80
C LEU C 13 -34.93 -36.28 -1.66
N GLY C 14 -35.69 -37.14 -2.34
CA GLY C 14 -37.14 -37.06 -2.25
C GLY C 14 -37.64 -37.30 -0.84
N ASN C 15 -37.12 -38.35 -0.19
CA ASN C 15 -37.56 -38.66 1.17
C ASN C 15 -37.23 -37.52 2.12
N ASN C 16 -36.01 -36.97 2.02
CA ASN C 16 -35.62 -35.90 2.94
C ASN C 16 -36.45 -34.65 2.71
N MET C 17 -36.71 -34.29 1.45
CA MET C 17 -37.50 -33.11 1.18
C MET C 17 -38.93 -33.27 1.69
N ALA C 18 -39.52 -34.46 1.48
CA ALA C 18 -40.87 -34.71 1.99
C ALA C 18 -40.91 -34.65 3.51
N TRP C 19 -39.92 -35.26 4.17
CA TRP C 19 -39.88 -35.23 5.62
C TRP C 19 -39.72 -33.81 6.14
N GLY C 20 -38.85 -33.02 5.52
CA GLY C 20 -38.66 -31.64 5.96
C GLY C 20 -39.90 -30.80 5.75
N ALA C 21 -40.62 -31.04 4.66
CA ALA C 21 -41.89 -30.34 4.44
C ALA C 21 -42.91 -30.73 5.50
N ALA C 22 -42.98 -32.02 5.83
CA ALA C 22 -43.93 -32.46 6.85
C ALA C 22 -43.60 -31.87 8.21
N LEU C 23 -42.31 -31.75 8.53
CA LEU C 23 -41.91 -31.20 9.83
C LEU C 23 -42.37 -29.77 10.00
N GLY C 24 -42.37 -28.99 8.92
CA GLY C 24 -42.74 -27.60 8.97
C GLY C 24 -44.22 -27.31 8.76
N ALA C 25 -45.07 -28.34 8.74
CA ALA C 25 -46.50 -28.12 8.52
C ALA C 25 -47.14 -27.22 9.57
N PRO C 26 -46.94 -27.42 10.88
CA PRO C 26 -47.59 -26.52 11.84
C PRO C 26 -47.18 -25.07 11.70
N GLY C 27 -45.94 -24.80 11.29
CA GLY C 27 -45.50 -23.42 11.14
C GLY C 27 -46.29 -22.67 10.07
N GLY C 28 -46.61 -23.36 8.98
CA GLY C 28 -47.37 -22.78 7.89
C GLY C 28 -46.69 -22.99 6.56
N LEU C 29 -47.35 -22.47 5.52
CA LEU C 29 -46.80 -22.59 4.17
C LEU C 29 -45.46 -21.86 4.06
N GLY C 30 -45.30 -20.76 4.80
CA GLY C 30 -44.02 -20.06 4.78
C GLY C 30 -42.90 -20.86 5.43
N SER C 31 -43.24 -21.87 6.23
CA SER C 31 -42.24 -22.72 6.84
C SER C 31 -42.10 -24.06 6.13
N ALA C 32 -43.06 -24.44 5.29
CA ALA C 32 -42.91 -25.65 4.49
C ALA C 32 -41.71 -25.53 3.55
N ALA C 33 -41.54 -24.35 2.95
CA ALA C 33 -40.38 -24.13 2.12
C ALA C 33 -39.09 -24.17 2.93
N LEU C 34 -39.08 -23.55 4.11
CA LEU C 34 -37.90 -23.57 4.96
C LEU C 34 -37.58 -24.97 5.50
N GLY C 35 -38.55 -25.88 5.46
CA GLY C 35 -38.27 -27.26 5.83
C GLY C 35 -37.77 -28.09 4.66
N ALA C 36 -38.40 -27.93 3.50
CA ALA C 36 -37.98 -28.66 2.32
C ALA C 36 -36.57 -28.27 1.90
N ALA C 37 -36.26 -26.98 1.95
CA ALA C 37 -34.91 -26.53 1.61
C ALA C 37 -33.89 -27.12 2.56
N GLY C 38 -34.20 -27.16 3.85
CA GLY C 38 -33.30 -27.78 4.81
C GLY C 38 -33.08 -29.25 4.52
N GLY C 39 -34.15 -29.96 4.15
CA GLY C 39 -34.00 -31.36 3.81
C GLY C 39 -33.08 -31.58 2.62
N ALA C 40 -33.29 -30.79 1.56
CA ALA C 40 -32.43 -30.93 0.38
C ALA C 40 -30.98 -30.59 0.71
N LEU C 41 -30.78 -29.53 1.49
CA LEU C 41 -29.42 -29.14 1.86
C LEU C 41 -28.74 -30.23 2.66
N GLN C 42 -29.47 -30.84 3.59
CA GLN C 42 -28.88 -31.91 4.38
C GLN C 42 -28.52 -33.10 3.50
N THR C 43 -29.37 -33.41 2.51
CA THR C 43 -29.05 -34.50 1.60
C THR C 43 -27.74 -34.24 0.87
N VAL C 44 -27.61 -33.07 0.24
CA VAL C 44 -26.39 -32.82 -0.53
C VAL C 44 -25.18 -32.72 0.39
N GLY C 45 -25.34 -32.17 1.59
CA GLY C 45 -24.22 -32.10 2.51
C GLY C 45 -23.73 -33.45 2.95
N GLN C 46 -24.66 -34.36 3.26
CA GLN C 46 -24.30 -35.71 3.65
C GLN C 46 -23.59 -36.41 2.50
N GLY C 47 -24.10 -36.26 1.28
CA GLY C 47 -23.43 -36.87 0.14
C GLY C 47 -22.03 -36.33 -0.07
N LEU C 48 -21.86 -35.01 0.05
CA LEU C 48 -20.55 -34.41 -0.12
C LEU C 48 -19.58 -34.91 0.94
N ILE C 49 -20.03 -35.04 2.18
CA ILE C 49 -19.18 -35.54 3.24
C ILE C 49 -18.75 -36.97 2.96
N ASP C 50 -19.68 -37.80 2.47
CA ASP C 50 -19.31 -39.16 2.11
C ASP C 50 -18.28 -39.19 0.98
N HIS C 51 -18.44 -38.32 -0.02
CA HIS C 51 -17.52 -38.36 -1.15
C HIS C 51 -16.09 -38.05 -0.73
N GLY C 52 -15.91 -37.04 0.12
CA GLY C 52 -14.59 -36.68 0.59
C GLY C 52 -14.01 -35.52 -0.19
N PRO C 53 -12.70 -35.38 -0.20
CA PRO C 53 -12.07 -34.30 -0.96
C PRO C 53 -12.23 -34.48 -2.46
N VAL C 54 -11.68 -33.56 -3.24
CA VAL C 54 -11.91 -33.52 -4.68
C VAL C 54 -10.63 -33.08 -5.36
N ASN C 55 -10.42 -33.54 -6.60
CA ASN C 55 -9.19 -33.21 -7.32
C ASN C 55 -9.42 -32.09 -8.35
N VAL C 56 -9.75 -30.90 -7.86
CA VAL C 56 -9.89 -29.72 -8.72
C VAL C 56 -9.32 -28.51 -8.00
N PRO C 57 -8.92 -27.48 -8.76
CA PRO C 57 -8.18 -26.37 -8.15
C PRO C 57 -8.97 -25.45 -7.22
N ILE C 58 -10.31 -25.44 -7.25
CA ILE C 58 -11.11 -24.60 -6.36
C ILE C 58 -10.73 -23.12 -6.43
N PRO C 59 -11.15 -22.39 -7.47
CA PRO C 59 -10.75 -20.99 -7.61
C PRO C 59 -11.60 -20.04 -6.77
N VAL C 60 -10.96 -18.96 -6.33
CA VAL C 60 -11.59 -17.98 -5.45
C VAL C 60 -11.22 -16.58 -5.92
N LEU C 61 -12.22 -15.69 -5.97
CA LEU C 61 -12.03 -14.28 -6.32
C LEU C 61 -11.39 -14.14 -7.70
N ILE C 62 -11.93 -14.86 -8.66
CA ILE C 62 -11.47 -14.79 -10.04
C ILE C 62 -12.24 -13.71 -10.78
N GLY C 63 -11.72 -13.32 -11.94
CA GLY C 63 -12.35 -12.30 -12.75
C GLY C 63 -12.63 -12.80 -14.15
N PRO C 64 -13.15 -11.91 -15.00
CA PRO C 64 -13.44 -12.32 -16.38
C PRO C 64 -12.17 -12.51 -17.18
N SER C 65 -11.48 -13.62 -16.96
CA SER C 65 -10.20 -13.82 -17.61
C SER C 65 -10.32 -14.12 -19.09
N TRP C 66 -11.52 -14.14 -19.64
CA TRP C 66 -11.66 -14.50 -21.04
C TRP C 66 -11.27 -13.39 -22.00
N ASN C 67 -11.14 -12.14 -21.54
CA ASN C 67 -10.69 -11.10 -22.47
C ASN C 67 -9.18 -11.08 -22.58
N GLY C 68 -8.51 -10.58 -21.57
CA GLY C 68 -7.07 -10.73 -21.46
C GLY C 68 -6.62 -10.65 -20.02
N SER C 69 -7.57 -10.57 -19.10
CA SER C 69 -7.26 -10.26 -17.73
C SER C 69 -6.50 -11.41 -17.09
N GLY C 70 -5.91 -11.14 -15.93
CA GLY C 70 -5.24 -12.20 -15.20
C GLY C 70 -6.20 -13.30 -14.82
N SER C 71 -5.66 -14.50 -14.64
CA SER C 71 -6.46 -15.68 -14.39
C SER C 71 -6.19 -16.19 -12.98
N GLY C 72 -7.25 -16.38 -12.21
CA GLY C 72 -7.14 -17.08 -10.95
C GLY C 72 -6.74 -16.17 -9.81
N TYR C 73 -7.57 -16.10 -8.77
CA TYR C 73 -7.27 -15.35 -7.56
C TYR C 73 -6.79 -13.94 -7.82
N ASN C 74 -7.71 -13.02 -8.11
CA ASN C 74 -7.42 -11.59 -8.12
C ASN C 74 -6.77 -11.15 -9.41
N SER C 75 -6.88 -11.96 -10.46
CA SER C 75 -6.37 -11.60 -11.78
C SER C 75 -4.88 -11.27 -11.73
N ALA C 76 -4.13 -12.04 -10.95
CA ALA C 76 -2.73 -11.76 -10.68
C ALA C 76 -1.80 -12.77 -11.32
N THR C 77 -2.17 -13.32 -12.47
CA THR C 77 -1.38 -14.34 -13.13
C THR C 77 -1.25 -14.04 -14.63
N SER C 78 -0.88 -12.80 -14.94
CA SER C 78 -0.60 -12.38 -16.31
C SER C 78 -1.78 -12.60 -17.24
N MET D 1 27.28 -36.57 40.36
CA MET D 1 27.89 -35.90 41.51
C MET D 1 26.85 -35.62 42.59
N GLU D 2 27.32 -35.42 43.81
CA GLU D 2 26.45 -35.06 44.92
C GLU D 2 26.54 -33.55 45.17
N ILE D 3 25.50 -32.99 45.77
CA ILE D 3 25.39 -31.56 45.97
C ILE D 3 25.40 -31.26 47.46
N THR D 4 26.26 -30.32 47.87
CA THR D 4 26.31 -29.91 49.26
C THR D 4 25.07 -29.08 49.61
N THR D 5 24.73 -29.07 50.90
CA THR D 5 23.53 -28.36 51.33
C THR D 5 23.63 -26.87 51.06
N LEU D 6 24.83 -26.30 51.16
CA LEU D 6 25.00 -24.89 50.83
C LEU D 6 24.64 -24.63 49.38
N GLN D 7 25.04 -25.52 48.48
CA GLN D 7 24.65 -25.36 47.08
C GLN D 7 23.16 -25.54 46.90
N ILE D 8 22.51 -26.38 47.71
CA ILE D 8 21.06 -26.51 47.63
C ILE D 8 20.39 -25.19 48.00
N VAL D 9 20.86 -24.56 49.08
CA VAL D 9 20.29 -23.27 49.48
C VAL D 9 20.52 -22.23 48.40
N LEU D 10 21.73 -22.20 47.83
CA LEU D 10 22.02 -21.21 46.81
C LEU D 10 21.17 -21.42 45.56
N VAL D 11 20.98 -22.67 45.15
CA VAL D 11 20.14 -22.92 43.98
C VAL D 11 18.69 -22.60 44.28
N PHE D 12 18.25 -22.79 45.53
CA PHE D 12 16.92 -22.35 45.89
C PHE D 12 16.77 -20.84 45.73
N ILE D 13 17.76 -20.09 46.18
CA ILE D 13 17.69 -18.63 46.08
C ILE D 13 17.69 -18.19 44.63
N VAL D 14 18.56 -18.80 43.81
CA VAL D 14 18.61 -18.45 42.39
C VAL D 14 17.29 -18.79 41.72
N ALA D 15 16.70 -19.92 42.07
CA ALA D 15 15.42 -20.29 41.49
C ALA D 15 14.33 -19.31 41.90
N CYS D 16 14.34 -18.86 43.15
CA CYS D 16 13.35 -17.87 43.59
C CYS D 16 13.49 -16.59 42.80
N ILE D 17 14.73 -16.12 42.61
CA ILE D 17 14.92 -14.88 41.85
C ILE D 17 14.45 -15.04 40.41
N ALA D 18 14.78 -16.17 39.80
CA ALA D 18 14.32 -16.41 38.43
C ALA D 18 12.81 -16.48 38.35
N GLY D 19 12.18 -17.11 39.33
CA GLY D 19 10.73 -17.19 39.32
C GLY D 19 10.08 -15.83 39.43
N MET D 20 10.56 -14.98 40.33
CA MET D 20 10.01 -13.64 40.42
C MET D 20 10.26 -12.84 39.15
N GLY D 21 11.47 -12.95 38.59
CA GLY D 21 11.75 -12.27 37.34
C GLY D 21 10.91 -12.77 36.19
N SER D 22 10.40 -13.99 36.28
CA SER D 22 9.54 -14.50 35.23
C SER D 22 8.27 -13.68 35.11
N ILE D 23 7.68 -13.28 36.23
CA ILE D 23 6.46 -12.49 36.18
C ILE D 23 6.75 -11.00 36.08
N LEU D 24 7.81 -10.52 36.76
CA LEU D 24 8.12 -9.10 36.70
C LEU D 24 8.51 -8.68 35.29
N ASP D 25 9.33 -9.49 34.61
CA ASP D 25 9.80 -9.20 33.26
C ASP D 25 10.53 -7.87 33.20
N GLU D 26 11.33 -7.58 34.23
CA GLU D 26 12.01 -6.29 34.34
C GLU D 26 13.53 -6.43 34.24
N PHE D 27 14.15 -7.20 35.10
CA PHE D 27 15.61 -7.32 35.10
C PHE D 27 16.10 -8.46 34.22
N GLN D 28 15.20 -9.27 33.67
CA GLN D 28 15.55 -10.40 32.83
C GLN D 28 16.43 -11.41 33.57
N PHE D 29 16.14 -11.61 34.85
CA PHE D 29 16.79 -12.69 35.59
C PHE D 29 16.27 -14.05 35.18
N HIS D 30 15.14 -14.10 34.49
CA HIS D 30 14.55 -15.36 34.06
C HIS D 30 15.03 -15.80 32.69
N ARG D 31 15.70 -14.94 31.94
CA ARG D 31 16.22 -15.34 30.65
C ARG D 31 17.34 -16.36 30.85
N PRO D 32 17.46 -17.34 29.95
CA PRO D 32 18.50 -18.36 30.13
C PRO D 32 19.91 -17.79 30.18
N LEU D 33 20.15 -16.68 29.49
CA LEU D 33 21.49 -16.10 29.47
C LEU D 33 21.98 -15.73 30.86
N ILE D 34 21.08 -15.45 31.79
CA ILE D 34 21.44 -15.07 33.15
C ILE D 34 21.24 -16.22 34.12
N ALA D 35 20.09 -16.89 34.03
CA ALA D 35 19.78 -17.97 34.96
C ALA D 35 20.75 -19.12 34.81
N CYS D 36 21.09 -19.48 33.57
CA CYS D 36 22.01 -20.59 33.37
C CYS D 36 23.39 -20.27 33.94
N THR D 37 23.88 -19.06 33.72
CA THR D 37 25.19 -18.71 34.27
C THR D 37 25.17 -18.67 35.79
N LEU D 38 24.09 -18.17 36.38
CA LEU D 38 24.01 -18.14 37.84
C LEU D 38 23.99 -19.55 38.42
N VAL D 39 23.23 -20.45 37.81
CA VAL D 39 23.21 -21.84 38.29
C VAL D 39 24.58 -22.48 38.12
N GLY D 40 25.23 -22.22 36.98
CA GLY D 40 26.56 -22.77 36.78
C GLY D 40 27.54 -22.26 37.82
N ILE D 41 27.45 -20.97 38.17
CA ILE D 41 28.34 -20.41 39.17
C ILE D 41 28.11 -21.07 40.52
N VAL D 42 26.85 -21.19 40.92
CA VAL D 42 26.58 -21.74 42.26
C VAL D 42 26.79 -23.25 42.31
N LEU D 43 26.86 -23.92 41.16
CA LEU D 43 26.95 -25.36 41.13
C LEU D 43 28.34 -25.88 40.80
N GLY D 44 29.18 -25.08 40.15
CA GLY D 44 30.41 -25.61 39.62
C GLY D 44 30.99 -24.73 38.53
N ASP D 45 31.27 -25.32 37.38
CA ASP D 45 31.89 -24.57 36.29
C ASP D 45 30.94 -23.52 35.73
N MET D 46 31.44 -22.30 35.60
CA MET D 46 30.71 -21.26 34.90
C MET D 46 30.71 -21.52 33.39
N LYS D 47 31.71 -22.26 32.92
CA LYS D 47 31.90 -22.49 31.50
C LYS D 47 30.67 -23.16 30.87
N THR D 48 30.27 -24.29 31.44
CA THR D 48 29.13 -25.03 30.92
C THR D 48 27.83 -24.23 31.07
N GLY D 49 27.67 -23.55 32.20
CA GLY D 49 26.47 -22.76 32.38
C GLY D 49 26.33 -21.68 31.34
N ILE D 50 27.41 -20.96 31.07
CA ILE D 50 27.38 -19.92 30.06
C ILE D 50 27.07 -20.51 28.68
N ILE D 51 27.70 -21.64 28.36
CA ILE D 51 27.47 -22.22 27.04
C ILE D 51 26.02 -22.66 26.89
N ILE D 52 25.46 -23.30 27.92
CA ILE D 52 24.07 -23.73 27.85
C ILE D 52 23.15 -22.53 27.72
N GLY D 53 23.41 -21.47 28.48
CA GLY D 53 22.60 -20.27 28.37
C GLY D 53 22.64 -19.68 26.98
N GLY D 54 23.84 -19.62 26.40
CA GLY D 54 23.96 -19.08 25.06
C GLY D 54 23.22 -19.91 24.04
N THR D 55 23.28 -21.24 24.16
CA THR D 55 22.61 -22.08 23.19
C THR D 55 21.10 -21.99 23.34
N LEU D 56 20.62 -21.90 24.58
CA LEU D 56 19.18 -21.91 24.82
C LEU D 56 18.55 -20.55 24.52
N GLU D 57 19.32 -19.47 24.64
CA GLU D 57 18.78 -18.15 24.34
C GLU D 57 18.31 -18.05 22.90
N MET D 58 19.04 -18.66 21.97
CA MET D 58 18.68 -18.57 20.57
C MET D 58 17.33 -19.23 20.30
N ILE D 59 17.01 -20.29 21.04
CA ILE D 59 15.67 -20.84 20.98
C ILE D 59 14.67 -19.91 21.64
N ALA D 60 15.02 -19.39 22.82
CA ALA D 60 14.08 -18.62 23.62
C ALA D 60 13.79 -17.23 23.07
N LEU D 61 14.52 -16.78 22.06
CA LEU D 61 14.16 -15.53 21.42
C LEU D 61 12.75 -15.64 20.85
N GLY D 62 11.97 -14.58 21.03
CA GLY D 62 10.58 -14.66 20.61
C GLY D 62 9.72 -15.50 21.52
N TRP D 63 10.01 -15.49 22.82
CA TRP D 63 9.17 -16.14 23.81
C TRP D 63 8.53 -15.02 24.62
N MET D 64 8.05 -14.03 23.88
CA MET D 64 7.33 -12.88 24.41
C MET D 64 6.00 -13.29 25.02
N ASN D 65 5.62 -12.62 26.10
CA ASN D 65 4.25 -12.65 26.59
C ASN D 65 3.54 -11.43 26.04
N ILE D 66 2.38 -11.66 25.41
CA ILE D 66 1.65 -10.58 24.75
C ILE D 66 0.22 -10.64 25.26
N GLY D 67 -0.08 -9.85 26.28
CA GLY D 67 -1.45 -9.59 26.69
C GLY D 67 -2.31 -10.81 26.91
N ALA D 68 -2.04 -11.54 27.99
CA ALA D 68 -2.75 -12.75 28.41
C ALA D 68 -2.39 -13.97 27.59
N ALA D 69 -1.50 -13.84 26.62
CA ALA D 69 -0.91 -14.98 25.92
C ALA D 69 0.41 -15.29 26.59
N VAL D 70 0.49 -16.44 27.24
CA VAL D 70 1.65 -16.78 28.05
C VAL D 70 2.61 -17.63 27.22
N ALA D 71 3.86 -17.20 27.17
CA ALA D 71 4.88 -17.89 26.40
C ALA D 71 5.39 -19.12 27.15
N PRO D 72 6.21 -19.94 26.52
CA PRO D 72 6.67 -21.16 27.19
C PRO D 72 7.64 -20.99 28.35
N ASP D 73 7.82 -19.78 28.89
CA ASP D 73 8.40 -19.63 30.22
C ASP D 73 9.83 -20.18 30.30
N ALA D 74 10.79 -19.41 29.78
CA ALA D 74 12.18 -19.85 29.74
C ALA D 74 12.80 -20.14 31.11
N ALA D 75 12.21 -19.65 32.20
CA ALA D 75 12.88 -19.75 33.50
C ALA D 75 13.04 -21.19 33.95
N LEU D 76 11.95 -21.96 33.97
CA LEU D 76 12.01 -23.33 34.47
C LEU D 76 12.91 -24.18 33.61
N ALA D 77 12.81 -24.05 32.28
CA ALA D 77 13.69 -24.78 31.39
C ALA D 77 15.15 -24.43 31.66
N SER D 78 15.46 -23.14 31.66
CA SER D 78 16.84 -22.70 31.80
C SER D 78 17.45 -23.08 33.13
N ILE D 79 16.66 -23.29 34.17
CA ILE D 79 17.19 -23.72 35.45
C ILE D 79 17.33 -25.24 35.52
N ILE D 80 16.26 -25.96 35.24
CA ILE D 80 16.29 -27.40 35.43
C ILE D 80 17.22 -28.07 34.45
N SER D 81 17.29 -27.58 33.21
CA SER D 81 18.17 -28.20 32.23
C SER D 81 19.62 -28.10 32.66
N THR D 82 20.05 -26.93 33.16
CA THR D 82 21.43 -26.82 33.59
C THR D 82 21.69 -27.59 34.88
N ILE D 83 20.70 -27.70 35.76
CA ILE D 83 20.90 -28.57 36.92
C ILE D 83 21.13 -30.00 36.46
N LEU D 84 20.35 -30.45 35.48
CA LEU D 84 20.51 -31.81 34.97
C LEU D 84 21.82 -32.01 34.24
N VAL D 85 22.32 -30.99 33.56
CA VAL D 85 23.57 -31.14 32.81
C VAL D 85 24.78 -31.11 33.74
N ILE D 86 24.89 -30.08 34.57
CA ILE D 86 26.06 -29.93 35.41
C ILE D 86 26.10 -30.98 36.51
N ALA D 87 24.97 -31.24 37.14
CA ALA D 87 24.95 -32.19 38.25
C ALA D 87 24.64 -33.61 37.79
N GLY D 88 23.70 -33.78 36.87
CA GLY D 88 23.32 -35.10 36.41
C GLY D 88 24.22 -35.72 35.38
N HIS D 89 25.26 -35.00 34.95
CA HIS D 89 26.25 -35.52 34.03
C HIS D 89 25.62 -35.99 32.71
N GLN D 90 25.04 -35.04 32.00
CA GLN D 90 24.48 -35.30 30.68
C GLN D 90 25.14 -34.39 29.66
N SER D 91 25.00 -34.75 28.39
CA SER D 91 25.52 -33.93 27.33
C SER D 91 24.68 -32.67 27.19
N ILE D 92 25.31 -31.62 26.65
CA ILE D 92 24.60 -30.36 26.45
C ILE D 92 23.42 -30.56 25.50
N GLY D 93 23.63 -31.33 24.44
CA GLY D 93 22.53 -31.62 23.53
C GLY D 93 21.39 -32.34 24.20
N ALA D 94 21.71 -33.30 25.07
CA ALA D 94 20.66 -34.03 25.78
C ALA D 94 19.89 -33.11 26.71
N GLY D 95 20.58 -32.21 27.40
CA GLY D 95 19.90 -31.28 28.28
C GLY D 95 19.01 -30.31 27.51
N ILE D 96 19.49 -29.83 26.36
CA ILE D 96 18.70 -28.89 25.57
C ILE D 96 17.56 -29.63 24.87
N ALA D 97 17.65 -30.94 24.72
CA ALA D 97 16.51 -31.70 24.23
C ALA D 97 15.35 -31.65 25.21
N LEU D 98 15.63 -31.41 26.48
CA LEU D 98 14.61 -31.32 27.51
C LEU D 98 14.08 -29.91 27.70
N ALA D 99 14.53 -28.95 26.90
CA ALA D 99 14.13 -27.57 27.11
C ALA D 99 12.65 -27.37 26.79
N ILE D 100 12.15 -28.04 25.76
CA ILE D 100 10.80 -27.77 25.27
C ILE D 100 9.72 -28.37 26.17
N PRO D 101 9.81 -29.64 26.57
CA PRO D 101 8.83 -30.14 27.56
C PRO D 101 8.85 -29.38 28.86
N LEU D 102 10.04 -29.00 29.33
CA LEU D 102 10.13 -28.21 30.54
C LEU D 102 9.49 -26.84 30.35
N ALA D 103 9.67 -26.26 29.18
CA ALA D 103 9.02 -24.99 28.87
C ALA D 103 7.50 -25.13 28.92
N ALA D 104 6.97 -26.22 28.36
CA ALA D 104 5.52 -26.43 28.41
C ALA D 104 5.03 -26.60 29.84
N ALA D 105 5.78 -27.34 30.66
CA ALA D 105 5.38 -27.51 32.05
C ALA D 105 5.38 -26.19 32.79
N GLY D 106 6.41 -25.37 32.57
CA GLY D 106 6.43 -24.06 33.21
C GLY D 106 5.30 -23.17 32.73
N GLN D 107 4.94 -23.29 31.46
CA GLN D 107 3.79 -22.54 30.94
C GLN D 107 2.52 -22.92 31.68
N VAL D 108 2.30 -24.21 31.88
CA VAL D 108 1.12 -24.64 32.63
C VAL D 108 1.14 -24.06 34.03
N LEU D 109 2.29 -24.16 34.71
CA LEU D 109 2.36 -23.71 36.09
C LEU D 109 2.11 -22.21 36.21
N THR D 110 2.69 -21.42 35.31
CA THR D 110 2.49 -19.98 35.40
C THR D 110 1.07 -19.59 35.05
N ILE D 111 0.41 -20.32 34.14
CA ILE D 111 -0.99 -20.03 33.88
C ILE D 111 -1.83 -20.28 35.12
N ILE D 112 -1.55 -21.39 35.82
CA ILE D 112 -2.31 -21.67 37.05
C ILE D 112 -2.10 -20.56 38.08
N VAL D 113 -0.85 -20.12 38.27
CA VAL D 113 -0.60 -19.10 39.28
C VAL D 113 -1.26 -17.78 38.89
N ARG D 114 -1.26 -17.45 37.59
CA ARG D 114 -1.89 -16.21 37.15
C ARG D 114 -3.41 -16.27 37.30
N THR D 115 -4.01 -17.46 37.27
CA THR D 115 -5.41 -17.52 37.64
C THR D 115 -5.60 -17.41 39.15
N ILE D 116 -4.64 -17.89 39.93
CA ILE D 116 -4.79 -17.81 41.38
C ILE D 116 -4.75 -16.37 41.86
N THR D 117 -3.89 -15.53 41.28
CA THR D 117 -3.73 -14.17 41.82
C THR D 117 -4.99 -13.30 41.71
N VAL D 118 -6.05 -13.83 41.09
CA VAL D 118 -7.31 -13.11 41.07
C VAL D 118 -7.86 -12.95 42.48
N ALA D 119 -7.62 -13.92 43.35
CA ALA D 119 -8.02 -13.78 44.74
C ALA D 119 -7.30 -12.61 45.39
N PHE D 120 -6.01 -12.43 45.09
CA PHE D 120 -5.28 -11.29 45.61
C PHE D 120 -5.87 -9.99 45.09
N GLN D 121 -6.26 -9.96 43.81
CA GLN D 121 -6.87 -8.75 43.26
C GLN D 121 -8.16 -8.41 43.99
N HIS D 122 -8.98 -9.42 44.27
CA HIS D 122 -10.23 -9.15 44.97
C HIS D 122 -9.99 -8.76 46.43
N ALA D 123 -8.95 -9.31 47.05
CA ALA D 123 -8.60 -8.86 48.39
C ALA D 123 -8.18 -7.39 48.38
N ALA D 124 -7.47 -6.97 47.34
CA ALA D 124 -7.14 -5.55 47.20
C ALA D 124 -8.40 -4.72 47.04
N ASP D 125 -9.38 -5.22 46.27
CA ASP D 125 -10.65 -4.52 46.16
C ASP D 125 -11.28 -4.32 47.54
N LYS D 126 -11.31 -5.37 48.36
CA LYS D 126 -11.87 -5.24 49.70
C LYS D 126 -11.07 -4.27 50.56
N ALA D 127 -9.75 -4.29 50.44
CA ALA D 127 -8.93 -3.37 51.22
C ALA D 127 -9.14 -1.93 50.79
N ALA D 128 -9.57 -1.72 49.55
CA ALA D 128 -9.83 -0.36 49.09
C ALA D 128 -10.94 0.31 49.90
N ASP D 129 -11.99 -0.44 50.23
CA ASP D 129 -13.13 0.14 50.92
C ASP D 129 -12.77 0.65 52.31
N ASN D 130 -11.64 0.23 52.86
CA ASN D 130 -11.18 0.77 54.13
C ASN D 130 -10.12 1.84 53.96
N GLY D 131 -9.72 2.14 52.73
CA GLY D 131 -8.70 3.16 52.50
C GLY D 131 -7.38 2.80 53.12
N ASN D 132 -6.98 1.55 53.05
CA ASN D 132 -5.74 1.07 53.69
C ASN D 132 -4.68 0.91 52.61
N LEU D 133 -3.74 1.85 52.56
CA LEU D 133 -2.70 1.80 51.54
C LEU D 133 -1.63 0.76 51.87
N THR D 134 -1.27 0.64 53.15
CA THR D 134 -0.28 -0.36 53.52
C THR D 134 -0.79 -1.77 53.23
N ALA D 135 -2.09 -1.99 53.36
CA ALA D 135 -2.66 -3.28 52.97
C ALA D 135 -2.47 -3.52 51.49
N ILE D 136 -2.64 -2.48 50.67
CA ILE D 136 -2.46 -2.65 49.23
C ILE D 136 -1.00 -2.97 48.91
N SER D 137 -0.06 -2.30 49.57
CA SER D 137 1.34 -2.60 49.34
C SER D 137 1.66 -4.04 49.71
N TRP D 138 1.19 -4.49 50.88
CA TRP D 138 1.47 -5.86 51.29
C TRP D 138 0.81 -6.86 50.35
N ILE D 139 -0.41 -6.59 49.90
CA ILE D 139 -1.09 -7.51 49.01
C ILE D 139 -0.35 -7.61 47.69
N HIS D 140 0.14 -6.50 47.15
CA HIS D 140 0.85 -6.56 45.89
C HIS D 140 2.16 -7.32 46.02
N VAL D 141 2.99 -6.96 47.01
CA VAL D 141 4.28 -7.62 47.10
C VAL D 141 4.17 -9.03 47.63
N SER D 142 3.03 -9.41 48.19
CA SER D 142 2.86 -10.77 48.68
C SER D 142 2.39 -11.73 47.60
N SER D 143 2.01 -11.23 46.44
CA SER D 143 1.64 -12.09 45.33
C SER D 143 2.82 -12.51 44.49
N LEU D 144 4.01 -11.98 44.77
CA LEU D 144 5.22 -12.46 44.10
C LEU D 144 5.69 -13.77 44.67
N PHE D 145 5.41 -14.01 45.95
CA PHE D 145 5.91 -15.22 46.62
C PHE D 145 5.46 -16.47 45.88
N LEU D 146 4.23 -16.49 45.40
CA LEU D 146 3.73 -17.65 44.67
C LEU D 146 4.53 -17.89 43.40
N GLN D 147 4.82 -16.82 42.66
CA GLN D 147 5.60 -16.97 41.44
C GLN D 147 7.02 -17.41 41.73
N ALA D 148 7.57 -17.04 42.88
CA ALA D 148 8.89 -17.53 43.25
C ALA D 148 8.85 -19.01 43.55
N MET D 149 7.90 -19.45 44.38
CA MET D 149 7.81 -20.86 44.71
C MET D 149 7.55 -21.71 43.49
N ARG D 150 6.83 -21.16 42.50
CA ARG D 150 6.49 -21.89 41.28
C ARG D 150 7.72 -22.49 40.62
N VAL D 151 8.85 -21.80 40.68
CA VAL D 151 10.08 -22.28 40.07
C VAL D 151 10.97 -22.89 41.14
N ALA D 152 10.91 -22.35 42.36
CA ALA D 152 11.83 -22.81 43.40
C ALA D 152 11.57 -24.25 43.78
N ILE D 153 10.31 -24.65 43.94
CA ILE D 153 10.02 -25.99 44.48
C ILE D 153 10.48 -27.10 43.54
N PRO D 154 10.10 -27.12 42.25
CA PRO D 154 10.64 -28.16 41.37
C PRO D 154 12.15 -28.12 41.23
N ALA D 155 12.76 -26.94 41.30
CA ALA D 155 14.22 -26.82 41.17
C ALA D 155 14.96 -27.30 42.39
N VAL D 156 14.27 -27.56 43.50
CA VAL D 156 14.90 -28.17 44.67
C VAL D 156 14.61 -29.66 44.64
N ILE D 157 13.40 -30.02 44.19
CA ILE D 157 13.06 -31.44 44.07
C ILE D 157 14.01 -32.12 43.10
N VAL D 158 14.27 -31.50 41.95
CA VAL D 158 15.19 -32.07 40.97
C VAL D 158 16.58 -32.18 41.54
N ALA D 159 17.06 -31.13 42.22
CA ALA D 159 18.41 -31.15 42.75
C ALA D 159 18.60 -32.23 43.80
N LEU D 160 17.58 -32.49 44.62
CA LEU D 160 17.69 -33.48 45.67
C LEU D 160 17.64 -34.91 45.15
N SER D 161 17.05 -35.14 43.98
CA SER D 161 16.92 -36.47 43.41
C SER D 161 17.61 -36.56 42.06
N VAL D 162 18.83 -36.00 41.98
CA VAL D 162 19.55 -35.99 40.71
C VAL D 162 20.07 -37.38 40.34
N GLY D 163 20.17 -38.28 41.31
CA GLY D 163 20.69 -39.61 41.05
C GLY D 163 19.66 -40.56 40.48
N THR D 164 18.70 -40.03 39.72
CA THR D 164 17.64 -40.83 39.14
C THR D 164 17.20 -40.17 37.84
N SER D 165 16.70 -40.99 36.91
CA SER D 165 16.19 -40.50 35.63
C SER D 165 14.69 -40.34 35.63
N GLU D 166 14.07 -40.14 36.80
CA GLU D 166 12.61 -40.09 36.86
C GLU D 166 12.06 -38.77 36.34
N VAL D 167 12.89 -37.72 36.25
CA VAL D 167 12.40 -36.45 35.75
C VAL D 167 12.04 -36.56 34.28
N GLN D 168 12.87 -37.25 33.49
CA GLN D 168 12.54 -37.48 32.09
C GLN D 168 11.25 -38.27 31.95
N ASN D 169 10.96 -39.16 32.90
CA ASN D 169 9.71 -39.91 32.84
C ASN D 169 8.53 -39.03 33.21
N MET D 170 8.67 -38.22 34.27
CA MET D 170 7.61 -37.31 34.65
C MET D 170 7.33 -36.28 33.56
N LEU D 171 8.33 -36.00 32.72
CA LEU D 171 8.13 -35.08 31.61
C LEU D 171 7.20 -35.64 30.56
N ASN D 172 6.99 -36.95 30.54
CA ASN D 172 6.09 -37.56 29.57
C ASN D 172 4.65 -37.65 30.07
N ALA D 173 4.36 -37.14 31.27
CA ALA D 173 2.98 -37.14 31.75
C ALA D 173 2.10 -36.23 30.91
N ILE D 174 2.61 -35.07 30.50
CA ILE D 174 1.90 -34.19 29.58
C ILE D 174 2.17 -34.65 28.15
N PRO D 175 1.25 -35.40 27.54
CA PRO D 175 1.66 -36.24 26.41
C PRO D 175 2.03 -35.50 25.13
N GLU D 176 1.04 -34.96 24.41
CA GLU D 176 1.32 -34.12 23.27
C GLU D 176 0.27 -33.04 23.09
N VAL D 177 -0.95 -33.34 23.57
CA VAL D 177 -2.09 -32.50 23.26
C VAL D 177 -1.99 -31.19 24.01
N VAL D 178 -1.54 -31.21 25.25
CA VAL D 178 -1.39 -29.98 26.01
C VAL D 178 -0.09 -29.25 25.66
N THR D 179 0.95 -29.96 25.24
CA THR D 179 2.18 -29.29 24.85
C THR D 179 1.95 -28.41 23.63
N ASN D 180 1.23 -28.92 22.64
CA ASN D 180 0.91 -28.15 21.46
C ASN D 180 -0.41 -27.40 21.57
N GLY D 181 -1.34 -27.90 22.37
CA GLY D 181 -2.61 -27.22 22.53
C GLY D 181 -2.47 -25.87 23.19
N LEU D 182 -1.51 -25.72 24.09
CA LEU D 182 -1.32 -24.43 24.75
C LEU D 182 -0.86 -23.37 23.76
N ASN D 183 0.06 -23.72 22.87
CA ASN D 183 0.49 -22.75 21.87
C ASN D 183 -0.64 -22.40 20.92
N ILE D 184 -1.46 -23.38 20.55
CA ILE D 184 -2.60 -23.11 19.68
C ILE D 184 -3.57 -22.17 20.37
N ALA D 185 -3.86 -22.41 21.64
CA ALA D 185 -4.73 -21.49 22.38
C ALA D 185 -4.11 -20.11 22.45
N GLY D 186 -2.81 -20.03 22.71
CA GLY D 186 -2.11 -18.76 22.69
C GLY D 186 -2.11 -18.09 21.35
N GLY D 187 -2.42 -18.81 20.29
CA GLY D 187 -2.60 -18.17 19.00
C GLY D 187 -3.88 -17.37 18.88
N MET D 188 -4.77 -17.47 19.86
CA MET D 188 -6.01 -16.73 19.86
C MET D 188 -6.21 -15.84 21.07
N ILE D 189 -5.56 -16.13 22.21
CA ILE D 189 -5.69 -15.29 23.39
C ILE D 189 -4.98 -13.96 23.24
N VAL D 190 -4.15 -13.80 22.22
CA VAL D 190 -3.57 -12.49 21.93
C VAL D 190 -4.68 -11.49 21.68
N VAL D 191 -5.83 -11.95 21.24
CA VAL D 191 -6.95 -11.08 20.88
C VAL D 191 -7.58 -10.46 22.12
N VAL D 192 -7.55 -11.18 23.25
CA VAL D 192 -8.39 -10.82 24.39
C VAL D 192 -7.95 -9.49 25.01
N GLY D 193 -6.65 -9.27 25.16
CA GLY D 193 -6.19 -8.02 25.75
C GLY D 193 -6.59 -6.81 24.92
N TYR D 194 -6.42 -6.90 23.61
CA TYR D 194 -6.86 -5.83 22.72
C TYR D 194 -8.36 -5.64 22.80
N ALA D 195 -9.12 -6.73 22.88
CA ALA D 195 -10.56 -6.61 22.98
C ALA D 195 -10.96 -5.88 24.25
N MET D 196 -10.31 -6.19 25.37
CA MET D 196 -10.62 -5.52 26.61
C MET D 196 -10.28 -4.04 26.55
N VAL D 197 -9.13 -3.70 25.96
CA VAL D 197 -8.76 -2.29 25.85
C VAL D 197 -9.78 -1.55 24.98
N ILE D 198 -10.14 -2.13 23.84
CA ILE D 198 -11.07 -1.48 22.93
C ILE D 198 -12.43 -1.32 23.60
N ASN D 199 -12.87 -2.34 24.33
CA ASN D 199 -14.14 -2.25 25.03
C ASN D 199 -14.11 -1.14 26.08
N MET D 200 -12.98 -0.96 26.75
CA MET D 200 -12.90 0.11 27.73
C MET D 200 -12.77 1.48 27.10
N MET D 201 -12.28 1.58 25.87
CA MET D 201 -12.10 2.90 25.27
C MET D 201 -13.42 3.60 25.01
N ARG D 202 -14.46 2.85 24.69
CA ARG D 202 -15.81 3.41 24.46
C ARG D 202 -15.77 4.49 23.37
N ALA D 203 -15.10 4.18 22.27
CA ALA D 203 -15.05 5.08 21.11
C ALA D 203 -15.50 4.28 19.90
N GLY D 204 -16.82 4.21 19.70
CA GLY D 204 -17.35 3.46 18.58
C GLY D 204 -17.24 4.17 17.25
N TYR D 205 -17.20 5.49 17.26
CA TYR D 205 -17.12 6.24 16.02
C TYR D 205 -15.71 6.27 15.44
N LEU D 206 -14.70 5.89 16.22
CA LEU D 206 -13.34 5.77 15.71
C LEU D 206 -13.02 4.34 15.29
N MET D 207 -13.98 3.42 15.37
CA MET D 207 -13.73 2.05 14.98
C MET D 207 -13.33 1.86 13.53
N PRO D 208 -13.67 2.74 12.58
CA PRO D 208 -13.14 2.56 11.22
C PRO D 208 -11.63 2.48 11.16
N PHE D 209 -10.92 3.11 12.08
CA PHE D 209 -9.46 3.01 12.07
C PHE D 209 -8.98 1.62 12.42
N PHE D 210 -9.77 0.84 13.16
CA PHE D 210 -9.39 -0.53 13.47
C PHE D 210 -9.33 -1.36 12.21
N TYR D 211 -10.43 -1.38 11.43
CA TYR D 211 -10.44 -2.13 10.19
C TYR D 211 -9.36 -1.65 9.24
N LEU D 212 -9.18 -0.34 9.16
CA LEU D 212 -8.11 0.20 8.34
C LEU D 212 -6.76 -0.35 8.75
N GLY D 213 -6.53 -0.51 10.04
CA GLY D 213 -5.27 -1.08 10.48
C GLY D 213 -5.19 -2.56 10.20
N PHE D 214 -6.33 -3.24 10.14
CA PHE D 214 -6.32 -4.67 9.92
C PHE D 214 -5.90 -5.01 8.49
N VAL D 215 -6.67 -4.52 7.51
CA VAL D 215 -6.39 -4.88 6.13
C VAL D 215 -5.03 -4.36 5.69
N THR D 216 -4.60 -3.23 6.22
CA THR D 216 -3.28 -2.71 5.87
C THR D 216 -2.19 -3.67 6.31
N ALA D 217 -2.39 -4.40 7.40
CA ALA D 217 -1.40 -5.37 7.82
C ALA D 217 -1.52 -6.69 7.09
N ALA D 218 -2.56 -6.88 6.28
CA ALA D 218 -2.78 -8.14 5.62
C ALA D 218 -2.29 -8.17 4.18
N PHE D 219 -2.13 -7.01 3.55
CA PHE D 219 -1.81 -6.96 2.12
C PHE D 219 -0.62 -6.07 1.82
N THR D 220 0.11 -5.60 2.83
CA THR D 220 1.27 -4.76 2.58
C THR D 220 2.50 -5.26 3.34
N ASN D 221 3.63 -4.61 3.09
CA ASN D 221 4.90 -4.95 3.72
C ASN D 221 5.29 -3.97 4.80
N PHE D 222 4.32 -3.25 5.36
CA PHE D 222 4.65 -2.22 6.33
C PHE D 222 5.16 -2.83 7.63
N ASN D 223 6.16 -2.18 8.22
CA ASN D 223 6.66 -2.53 9.54
C ASN D 223 5.62 -2.21 10.60
N LEU D 224 5.98 -2.43 11.86
CA LEU D 224 5.20 -1.82 12.93
C LEU D 224 5.68 -0.40 13.19
N VAL D 225 6.94 -0.09 12.91
CA VAL D 225 7.42 1.28 13.00
C VAL D 225 6.70 2.15 11.96
N ALA D 226 6.61 1.65 10.74
CA ALA D 226 5.91 2.40 9.70
C ALA D 226 4.44 2.57 10.03
N LEU D 227 3.81 1.54 10.58
CA LEU D 227 2.41 1.65 10.94
C LEU D 227 2.22 2.64 12.09
N GLY D 228 3.15 2.69 13.03
CA GLY D 228 3.09 3.71 14.06
C GLY D 228 3.19 5.12 13.50
N VAL D 229 4.12 5.32 12.56
CA VAL D 229 4.25 6.63 11.92
C VAL D 229 2.96 7.00 11.20
N ILE D 230 2.40 6.06 10.44
CA ILE D 230 1.17 6.34 9.71
C ILE D 230 0.03 6.66 10.67
N GLY D 231 -0.10 5.90 11.75
CA GLY D 231 -1.17 6.16 12.70
C GLY D 231 -1.04 7.52 13.33
N THR D 232 0.17 7.94 13.68
CA THR D 232 0.36 9.27 14.23
C THR D 232 -0.01 10.34 13.21
N VAL D 233 0.36 10.13 11.95
CA VAL D 233 0.03 11.11 10.92
C VAL D 233 -1.48 11.24 10.75
N MET D 234 -2.19 10.12 10.73
CA MET D 234 -3.64 10.18 10.59
C MET D 234 -4.29 10.82 11.81
N ALA D 235 -3.76 10.55 13.01
CA ALA D 235 -4.31 11.21 14.19
C ALA D 235 -4.17 12.72 14.09
N VAL D 236 -2.98 13.18 13.72
CA VAL D 236 -2.75 14.62 13.64
C VAL D 236 -3.66 15.25 12.58
N LEU D 237 -3.75 14.62 11.41
CA LEU D 237 -4.56 15.19 10.34
C LEU D 237 -6.05 15.14 10.68
N TYR D 238 -6.51 14.09 11.37
CA TYR D 238 -7.89 14.04 11.80
C TYR D 238 -8.21 15.17 12.76
N ILE D 239 -7.29 15.47 13.67
CA ILE D 239 -7.53 16.58 14.59
C ILE D 239 -7.48 17.92 13.86
N GLN D 240 -6.62 18.06 12.85
CA GLN D 240 -6.56 19.31 12.10
C GLN D 240 -7.88 19.62 11.41
N LEU D 241 -8.48 18.62 10.78
CA LEU D 241 -9.84 18.67 10.24
C LEU D 241 -10.79 18.47 11.42
N SER D 242 -11.99 17.95 11.15
CA SER D 242 -12.91 17.65 12.25
C SER D 242 -13.41 18.92 12.92
N PRO D 243 -14.39 19.58 12.30
CA PRO D 243 -14.82 20.91 12.76
C PRO D 243 -15.26 21.01 14.20
N LYS D 244 -15.33 19.88 14.90
CA LYS D 244 -15.64 19.94 16.33
C LYS D 244 -14.61 20.77 17.08
N TYR D 245 -13.39 20.83 16.55
CA TYR D 245 -12.30 21.60 17.16
C TYR D 245 -12.10 22.95 16.51
N ASN D 246 -12.30 23.02 15.20
CA ASN D 246 -12.13 24.27 14.46
C ASN D 246 -13.45 25.03 14.44
N ARG D 247 -13.84 25.50 15.62
CA ARG D 247 -15.07 26.26 15.80
C ARG D 247 -14.72 27.72 16.00
N VAL D 248 -15.42 28.60 15.28
CA VAL D 248 -15.16 30.03 15.37
C VAL D 248 -15.65 30.58 16.69
N GLU E 10 -2.36 24.27 50.22
CA GLU E 10 -2.58 23.28 49.18
C GLU E 10 -1.64 22.09 49.35
N LYS E 11 -1.80 21.09 48.49
CA LYS E 11 -1.01 19.87 48.55
C LYS E 11 -0.32 19.67 47.21
N LYS E 12 0.99 19.46 47.24
CA LYS E 12 1.79 19.29 46.03
C LYS E 12 2.74 18.13 46.23
N LEU E 13 3.20 17.56 45.12
CA LEU E 13 4.06 16.39 45.15
C LEU E 13 5.50 16.81 45.34
N THR E 14 6.11 16.32 46.42
CA THR E 14 7.52 16.57 46.66
C THR E 14 8.36 15.80 45.65
N GLN E 15 9.60 16.26 45.45
CA GLN E 15 10.53 15.50 44.62
C GLN E 15 10.70 14.08 45.13
N SER E 16 10.79 13.92 46.45
CA SER E 16 10.93 12.59 47.03
C SER E 16 9.76 11.68 46.69
N ASP E 17 8.61 12.23 46.34
CA ASP E 17 7.46 11.42 45.98
C ASP E 17 7.42 11.06 44.51
N ILE E 18 8.39 11.51 43.72
CA ILE E 18 8.51 11.01 42.36
C ILE E 18 9.42 9.79 42.30
N ARG E 19 10.57 9.86 42.97
CA ARG E 19 11.41 8.68 43.09
C ARG E 19 10.64 7.52 43.70
N GLY E 20 9.82 7.82 44.71
CA GLY E 20 8.99 6.78 45.28
C GLY E 20 8.08 6.14 44.26
N VAL E 21 7.54 6.94 43.34
CA VAL E 21 6.76 6.36 42.26
C VAL E 21 7.66 5.61 41.29
N PHE E 22 8.85 6.13 41.04
CA PHE E 22 9.76 5.46 40.13
C PHE E 22 10.23 4.13 40.71
N LEU E 23 10.61 4.12 41.98
CA LEU E 23 11.14 2.91 42.59
C LEU E 23 10.08 1.81 42.62
N ARG E 24 8.85 2.16 42.98
CA ARG E 24 7.81 1.15 43.08
C ARG E 24 7.36 0.66 41.72
N SER E 25 7.63 1.40 40.65
CA SER E 25 7.23 0.96 39.33
C SER E 25 8.11 -0.17 38.80
N ASN E 26 9.22 -0.48 39.47
CA ASN E 26 10.01 -1.62 39.04
C ASN E 26 9.25 -2.93 39.26
N LEU E 27 8.47 -3.01 40.33
CA LEU E 27 7.57 -4.14 40.53
C LEU E 27 6.21 -3.86 39.94
N PHE E 28 6.16 -3.40 38.69
CA PHE E 28 4.89 -3.00 38.11
C PHE E 28 3.97 -4.19 37.94
N GLN E 29 4.46 -5.24 37.32
CA GLN E 29 3.77 -6.53 37.35
C GLN E 29 4.11 -7.19 38.68
N GLY E 30 3.80 -8.46 38.83
CA GLY E 30 4.01 -9.17 40.08
C GLY E 30 2.70 -9.54 40.75
N SER E 31 1.67 -8.74 40.56
CA SER E 31 0.29 -9.16 40.79
C SER E 31 -0.39 -9.03 39.45
N TRP E 32 -0.23 -10.06 38.62
CA TRP E 32 -0.74 -10.08 37.27
C TRP E 32 -1.85 -11.11 37.19
N ASN E 33 -3.08 -10.65 37.01
CA ASN E 33 -4.24 -11.52 36.98
C ASN E 33 -4.72 -11.67 35.54
N PHE E 34 -5.58 -12.66 35.33
CA PHE E 34 -6.32 -12.71 34.10
C PHE E 34 -7.54 -11.81 34.14
N GLU E 35 -7.96 -11.37 35.33
CA GLU E 35 -9.16 -10.56 35.46
C GLU E 35 -8.89 -9.09 35.15
N ARG E 36 -8.03 -8.45 35.94
CA ARG E 36 -7.66 -7.05 35.75
C ARG E 36 -6.15 -7.01 35.67
N MET E 37 -5.62 -7.25 34.47
CA MET E 37 -4.19 -7.39 34.30
C MET E 37 -3.48 -6.11 34.67
N GLN E 38 -2.37 -6.22 35.39
CA GLN E 38 -1.52 -5.08 35.82
C GLN E 38 -2.23 -3.97 36.58
N ALA E 39 -3.46 -4.17 37.03
CA ALA E 39 -4.17 -3.09 37.70
C ALA E 39 -3.64 -2.85 39.10
N LEU E 40 -3.48 -3.92 39.88
CA LEU E 40 -2.97 -3.76 41.23
C LEU E 40 -1.58 -3.18 41.23
N GLY E 41 -0.78 -3.47 40.21
CA GLY E 41 0.52 -2.84 40.11
C GLY E 41 0.43 -1.34 39.90
N PHE E 42 -0.52 -0.91 39.08
CA PHE E 42 -0.72 0.52 38.87
C PHE E 42 -1.15 1.20 40.16
N CYS E 43 -2.04 0.57 40.92
CA CYS E 43 -2.43 1.18 42.19
C CYS E 43 -1.30 1.12 43.21
N PHE E 44 -0.41 0.12 43.09
CA PHE E 44 0.68 -0.01 44.03
C PHE E 44 1.75 1.04 43.79
N SER E 45 2.00 1.38 42.54
CA SER E 45 3.04 2.35 42.25
C SER E 45 2.61 3.79 42.47
N MET E 46 1.33 4.04 42.75
CA MET E 46 0.85 5.37 43.06
C MET E 46 0.58 5.58 44.55
N VAL E 47 0.93 4.60 45.39
CA VAL E 47 0.68 4.76 46.82
C VAL E 47 1.36 5.98 47.41
N PRO E 48 2.63 6.28 47.11
CA PRO E 48 3.25 7.46 47.71
C PRO E 48 2.59 8.77 47.31
N ALA E 49 1.87 8.79 46.20
CA ALA E 49 1.16 10.01 45.81
C ALA E 49 -0.15 10.15 46.55
N ILE E 50 -0.99 9.10 46.51
CA ILE E 50 -2.25 9.11 47.24
C ILE E 50 -2.01 9.30 48.73
N ARG E 51 -0.82 8.92 49.21
CA ARG E 51 -0.51 9.13 50.61
C ARG E 51 -0.30 10.59 50.94
N ARG E 52 -0.05 11.43 49.94
CA ARG E 52 0.16 12.85 50.16
C ARG E 52 -1.03 13.71 49.75
N LEU E 53 -1.64 13.42 48.60
CA LEU E 53 -2.76 14.22 48.14
C LEU E 53 -3.99 14.03 49.02
N TYR E 54 -4.15 12.85 49.62
CA TYR E 54 -5.32 12.55 50.44
C TYR E 54 -4.83 12.03 51.79
N PRO E 55 -4.34 12.93 52.65
CA PRO E 55 -3.75 12.49 53.91
C PRO E 55 -4.73 11.82 54.86
N GLU E 56 -6.02 11.99 54.66
CA GLU E 56 -7.01 11.42 55.55
C GLU E 56 -7.95 10.49 54.79
N ASN E 57 -8.70 9.69 55.53
CA ASN E 57 -9.55 8.64 54.97
C ASN E 57 -10.98 9.11 54.79
N ASN E 58 -11.21 10.37 54.47
CA ASN E 58 -12.55 10.93 54.59
C ASN E 58 -13.55 10.26 53.64
N GLU E 59 -13.49 10.60 52.36
CA GLU E 59 -14.20 9.82 51.35
C GLU E 59 -13.42 9.83 50.05
N ALA E 60 -12.60 10.86 49.86
CA ALA E 60 -11.87 10.99 48.62
C ALA E 60 -10.72 10.00 48.52
N ARG E 61 -10.23 9.51 49.65
CA ARG E 61 -9.18 8.50 49.62
C ARG E 61 -9.70 7.21 49.02
N LYS E 62 -10.88 6.77 49.45
CA LYS E 62 -11.44 5.53 48.91
C LYS E 62 -11.79 5.68 47.44
N GLN E 63 -12.31 6.85 47.05
CA GLN E 63 -12.58 7.08 45.64
C GLN E 63 -11.29 7.08 44.83
N ALA E 64 -10.23 7.69 45.37
CA ALA E 64 -8.96 7.72 44.65
C ALA E 64 -8.39 6.32 44.48
N ILE E 65 -8.49 5.49 45.52
CA ILE E 65 -7.99 4.12 45.41
C ILE E 65 -8.80 3.35 44.40
N ARG E 66 -10.13 3.41 44.49
CA ARG E 66 -10.97 2.66 43.55
C ARG E 66 -10.79 3.14 42.13
N ARG E 67 -10.39 4.40 41.95
CA ARG E 67 -10.18 4.93 40.61
C ARG E 67 -9.05 4.21 39.90
N HIS E 68 -8.07 3.72 40.64
CA HIS E 68 -6.88 3.13 40.05
C HIS E 68 -6.86 1.61 40.12
N LEU E 69 -7.84 1.00 40.77
CA LEU E 69 -7.99 -0.46 40.71
C LEU E 69 -8.95 -0.85 39.60
N GLU E 70 -8.74 -0.29 38.41
CA GLU E 70 -9.51 -0.62 37.23
C GLU E 70 -8.58 -1.26 36.22
N PHE E 71 -9.16 -1.90 35.21
CA PHE E 71 -8.37 -2.59 34.21
C PHE E 71 -7.33 -1.66 33.63
N PHE E 72 -6.08 -2.12 33.57
CA PHE E 72 -4.99 -1.33 33.01
C PHE E 72 -3.92 -2.28 32.49
N ASN E 73 -3.82 -2.42 31.18
CA ASN E 73 -2.83 -3.32 30.60
C ASN E 73 -2.01 -2.59 29.54
N THR E 74 -0.70 -2.65 29.68
CA THR E 74 0.21 -2.04 28.70
C THR E 74 1.58 -2.65 28.88
N GLN E 75 2.49 -2.30 27.98
CA GLN E 75 3.86 -2.75 28.09
C GLN E 75 4.47 -2.20 29.37
N PRO E 76 5.13 -3.03 30.18
CA PRO E 76 5.57 -2.56 31.50
C PRO E 76 6.50 -1.37 31.47
N PHE E 77 7.36 -1.26 30.46
CA PHE E 77 8.35 -0.19 30.48
C PHE E 77 7.72 1.15 30.11
N VAL E 78 6.94 1.18 29.04
CA VAL E 78 6.25 2.41 28.65
C VAL E 78 4.92 2.39 29.40
N ALA E 79 5.02 2.65 30.69
CA ALA E 79 3.90 2.97 31.56
C ALA E 79 4.30 4.09 32.49
N ALA E 80 5.58 4.40 32.56
CA ALA E 80 6.03 5.59 33.28
C ALA E 80 5.40 6.88 32.76
N PRO E 81 5.30 7.14 31.46
CA PRO E 81 4.61 8.36 31.04
C PRO E 81 3.18 8.44 31.53
N ILE E 82 2.45 7.32 31.51
CA ILE E 82 1.08 7.33 32.01
C ILE E 82 1.06 7.60 33.50
N LEU E 83 2.03 7.04 34.23
CA LEU E 83 2.11 7.30 35.65
C LEU E 83 2.34 8.78 35.92
N GLY E 84 3.23 9.41 35.17
CA GLY E 84 3.46 10.83 35.37
C GLY E 84 2.25 11.68 35.03
N VAL E 85 1.58 11.35 33.92
CA VAL E 85 0.42 12.12 33.52
C VAL E 85 -0.68 12.02 34.57
N THR E 86 -0.95 10.81 35.06
CA THR E 86 -1.97 10.68 36.09
C THR E 86 -1.52 11.32 37.40
N LEU E 87 -0.23 11.36 37.68
CA LEU E 87 0.25 12.10 38.84
C LEU E 87 -0.14 13.57 38.73
N ALA E 88 0.11 14.17 37.57
CA ALA E 88 -0.25 15.57 37.39
C ALA E 88 -1.75 15.78 37.50
N LEU E 89 -2.53 14.90 36.87
CA LEU E 89 -3.98 15.04 36.91
C LEU E 89 -4.51 14.92 38.33
N GLU E 90 -4.00 13.96 39.09
CA GLU E 90 -4.45 13.78 40.47
C GLU E 90 -4.03 14.96 41.33
N GLU E 91 -2.84 15.51 41.11
CA GLU E 91 -2.43 16.70 41.84
C GLU E 91 -3.42 17.83 41.60
N GLN E 92 -3.74 18.09 40.34
CA GLN E 92 -4.68 19.17 40.04
C GLN E 92 -6.06 18.88 40.63
N ARG E 93 -6.52 17.64 40.53
CA ARG E 93 -7.86 17.32 41.02
C ARG E 93 -7.95 17.43 42.53
N ALA E 94 -6.87 17.06 43.24
CA ALA E 94 -6.88 17.21 44.69
C ALA E 94 -6.74 18.66 45.09
N ASN E 95 -6.07 19.48 44.28
CA ASN E 95 -5.98 20.89 44.61
C ASN E 95 -7.27 21.64 44.36
N GLY E 96 -8.22 21.07 43.62
CA GLY E 96 -9.51 21.71 43.46
C GLY E 96 -10.04 21.76 42.04
N ALA E 97 -9.16 21.92 41.05
CA ALA E 97 -9.61 21.97 39.66
C ALA E 97 -10.35 20.69 39.31
N GLU E 98 -11.47 20.83 38.61
CA GLU E 98 -12.44 19.74 38.48
C GLU E 98 -12.14 18.91 37.24
N ILE E 99 -11.71 17.67 37.45
CA ILE E 99 -11.37 16.79 36.34
C ILE E 99 -12.29 15.57 36.23
N ASP E 100 -13.57 15.77 36.55
CA ASP E 100 -14.58 14.70 36.48
C ASP E 100 -14.12 13.43 37.17
N ASP E 101 -13.94 12.38 36.38
CA ASP E 101 -13.49 11.06 36.83
C ASP E 101 -13.20 10.26 35.58
N GLY E 102 -13.93 10.60 34.52
CA GLY E 102 -13.79 9.98 33.23
C GLY E 102 -12.76 10.60 32.34
N ALA E 103 -12.16 11.70 32.78
CA ALA E 103 -11.01 12.23 32.08
C ALA E 103 -9.71 11.64 32.58
N ILE E 104 -9.68 11.19 33.83
CA ILE E 104 -8.52 10.48 34.33
C ILE E 104 -8.46 9.08 33.74
N ASN E 105 -9.52 8.29 33.98
CA ASN E 105 -9.59 6.98 33.35
C ASN E 105 -9.64 7.10 31.84
N GLY E 106 -10.23 8.18 31.33
CA GLY E 106 -10.25 8.38 29.89
C GLY E 106 -8.86 8.49 29.31
N ILE E 107 -8.01 9.34 29.92
CA ILE E 107 -6.66 9.50 29.40
C ILE E 107 -5.84 8.24 29.63
N LYS E 108 -6.06 7.56 30.76
CA LYS E 108 -5.34 6.32 31.00
C LYS E 108 -5.63 5.29 29.91
N VAL E 109 -6.91 5.06 29.64
CA VAL E 109 -7.28 4.07 28.63
C VAL E 109 -6.87 4.53 27.24
N GLY E 110 -6.94 5.84 26.98
CA GLY E 110 -6.51 6.33 25.68
C GLY E 110 -5.03 6.10 25.44
N LEU E 111 -4.21 6.28 26.46
CA LEU E 111 -2.78 6.07 26.31
C LEU E 111 -2.38 4.60 26.41
N MET E 112 -3.24 3.76 26.97
CA MET E 112 -2.93 2.33 27.05
C MET E 112 -2.75 1.72 25.67
N GLY E 113 -3.59 2.11 24.73
CA GLY E 113 -3.60 1.51 23.41
C GLY E 113 -2.31 1.66 22.64
N PRO E 114 -1.97 2.89 22.26
CA PRO E 114 -0.75 3.09 21.45
C PRO E 114 0.53 2.64 22.15
N LEU E 115 0.62 2.82 23.45
CA LEU E 115 1.85 2.48 24.15
C LEU E 115 2.06 0.97 24.21
N ALA E 116 0.98 0.21 24.32
CA ALA E 116 1.11 -1.24 24.20
C ALA E 116 1.29 -1.68 22.76
N GLY E 117 0.74 -0.92 21.81
CA GLY E 117 0.84 -1.30 20.42
C GLY E 117 2.20 -1.06 19.81
N VAL E 118 2.92 -0.06 20.30
CA VAL E 118 4.28 0.20 19.82
C VAL E 118 5.33 -0.13 20.87
N GLY E 119 4.93 -0.51 22.07
CA GLY E 119 5.89 -0.92 23.07
C GLY E 119 6.33 -2.35 22.90
N ASP E 120 5.37 -3.25 22.66
CA ASP E 120 5.72 -4.66 22.46
C ASP E 120 6.61 -4.88 21.24
N PRO E 121 6.28 -4.39 20.04
CA PRO E 121 7.16 -4.65 18.90
C PRO E 121 8.49 -3.92 18.96
N ILE E 122 8.77 -3.15 19.99
CA ILE E 122 10.02 -2.44 20.12
C ILE E 122 10.86 -3.01 21.26
N PHE E 123 10.25 -3.25 22.41
CA PHE E 123 11.01 -3.78 23.54
C PHE E 123 11.08 -5.30 23.50
N TRP E 124 9.92 -5.96 23.49
CA TRP E 124 9.92 -7.40 23.24
C TRP E 124 10.17 -7.71 21.78
N GLY E 125 10.27 -6.68 20.94
CA GLY E 125 10.32 -6.77 19.51
C GLY E 125 11.75 -6.71 19.04
N THR E 126 12.27 -5.52 18.76
CA THR E 126 13.64 -5.40 18.31
C THR E 126 14.66 -5.29 19.44
N VAL E 127 14.36 -4.64 20.55
CA VAL E 127 15.39 -4.24 21.52
C VAL E 127 15.91 -5.44 22.31
N ARG E 128 15.02 -6.23 22.91
CA ARG E 128 15.50 -7.35 23.71
C ARG E 128 16.23 -8.41 22.89
N PRO E 129 15.70 -8.92 21.77
CA PRO E 129 16.42 -9.97 21.06
C PRO E 129 17.69 -9.52 20.37
N VAL E 130 17.86 -8.24 20.03
CA VAL E 130 19.13 -7.82 19.46
C VAL E 130 20.24 -7.96 20.49
N PHE E 131 20.03 -7.43 21.69
CA PHE E 131 21.02 -7.57 22.75
C PHE E 131 21.17 -9.04 23.15
N ALA E 132 20.06 -9.76 23.20
CA ALA E 132 20.14 -11.17 23.57
C ALA E 132 20.91 -11.98 22.55
N ALA E 133 20.75 -11.67 21.26
CA ALA E 133 21.49 -12.37 20.22
C ALA E 133 22.98 -12.04 20.28
N LEU E 134 23.31 -10.76 20.50
CA LEU E 134 24.71 -10.42 20.69
C LEU E 134 25.31 -11.20 21.86
N GLY E 135 24.64 -11.15 23.01
CA GLY E 135 25.16 -11.85 24.17
C GLY E 135 25.24 -13.34 23.98
N ALA E 136 24.24 -13.94 23.34
CA ALA E 136 24.24 -15.38 23.11
C ALA E 136 25.36 -15.79 22.17
N GLY E 137 25.56 -15.02 21.10
CA GLY E 137 26.66 -15.34 20.20
C GLY E 137 28.01 -15.24 20.86
N ILE E 138 28.19 -14.21 21.70
CA ILE E 138 29.45 -14.11 22.44
C ILE E 138 29.57 -15.24 23.46
N ALA E 139 28.45 -15.71 23.98
CA ALA E 139 28.48 -16.76 25.00
C ALA E 139 28.73 -18.14 24.42
N MET E 140 28.64 -18.30 23.10
CA MET E 140 28.93 -19.59 22.49
C MET E 140 30.36 -20.03 22.77
N SER E 141 31.31 -19.10 22.67
CA SER E 141 32.66 -19.38 23.12
C SER E 141 32.70 -19.60 24.62
N GLY E 142 31.86 -18.88 25.36
CA GLY E 142 31.72 -19.12 26.78
C GLY E 142 32.39 -18.09 27.67
N SER E 143 32.39 -16.85 27.23
CA SER E 143 32.96 -15.76 28.01
C SER E 143 31.85 -15.01 28.74
N LEU E 144 32.20 -14.43 29.88
CA LEU E 144 31.20 -13.73 30.69
C LEU E 144 30.66 -12.50 29.97
N LEU E 145 31.32 -12.06 28.90
CA LEU E 145 30.88 -10.88 28.19
C LEU E 145 29.47 -11.03 27.63
N GLY E 146 29.02 -12.26 27.39
CA GLY E 146 27.71 -12.47 26.85
C GLY E 146 26.60 -12.04 27.79
N PRO E 147 26.47 -12.75 28.90
CA PRO E 147 25.45 -12.36 29.89
C PRO E 147 25.65 -10.95 30.43
N LEU E 148 26.89 -10.53 30.66
CA LEU E 148 27.12 -9.18 31.17
C LEU E 148 26.67 -8.14 30.16
N LEU E 149 27.01 -8.34 28.89
CA LEU E 149 26.56 -7.44 27.84
C LEU E 149 25.05 -7.35 27.81
N PHE E 150 24.37 -8.50 27.76
CA PHE E 150 22.91 -8.47 27.70
C PHE E 150 22.33 -7.76 28.90
N PHE E 151 22.76 -8.15 30.10
CA PHE E 151 22.21 -7.59 31.33
C PHE E 151 22.40 -6.08 31.38
N ILE E 152 23.63 -5.61 31.19
CA ILE E 152 23.91 -4.20 31.33
C ILE E 152 23.22 -3.38 30.25
N LEU E 153 23.33 -3.81 29.00
CA LEU E 153 22.74 -3.03 27.93
C LEU E 153 21.23 -2.98 28.02
N PHE E 154 20.59 -4.07 28.44
CA PHE E 154 19.13 -4.03 28.54
C PHE E 154 18.68 -3.20 29.72
N ASN E 155 19.35 -3.32 30.87
CA ASN E 155 18.89 -2.58 32.03
C ASN E 155 19.19 -1.10 31.92
N LEU E 156 20.26 -0.71 31.22
CA LEU E 156 20.51 0.71 31.04
C LEU E 156 19.48 1.36 30.13
N VAL E 157 18.77 0.58 29.32
CA VAL E 157 17.67 1.13 28.55
C VAL E 157 16.38 1.12 29.37
N ARG E 158 16.15 0.03 30.09
CA ARG E 158 14.93 -0.09 30.89
C ARG E 158 14.87 0.98 31.97
N LEU E 159 15.95 1.14 32.75
CA LEU E 159 15.94 2.12 33.81
C LEU E 159 15.83 3.53 33.27
N ALA E 160 16.55 3.82 32.19
CA ALA E 160 16.48 5.16 31.60
C ALA E 160 15.06 5.47 31.16
N THR E 161 14.43 4.56 30.41
CA THR E 161 13.08 4.83 29.96
C THR E 161 12.10 4.94 31.12
N ARG E 162 12.23 4.12 32.17
CA ARG E 162 11.32 4.24 33.29
C ARG E 162 11.46 5.58 34.00
N TYR E 163 12.67 5.93 34.41
CA TYR E 163 12.87 7.14 35.19
C TYR E 163 12.48 8.37 34.38
N TYR E 164 13.01 8.47 33.17
CA TYR E 164 12.73 9.66 32.41
C TYR E 164 11.32 9.69 31.83
N GLY E 165 10.67 8.55 31.68
CA GLY E 165 9.28 8.55 31.33
C GLY E 165 8.43 9.10 32.45
N VAL E 166 8.69 8.71 33.70
CA VAL E 166 7.93 9.29 34.80
C VAL E 166 8.15 10.80 34.85
N ALA E 167 9.41 11.23 34.76
CA ALA E 167 9.70 12.65 34.86
C ALA E 167 9.03 13.43 33.73
N TYR E 168 9.22 12.98 32.49
CA TYR E 168 8.67 13.69 31.35
C TYR E 168 7.15 13.68 31.35
N GLY E 169 6.54 12.56 31.72
CA GLY E 169 5.10 12.51 31.78
C GLY E 169 4.54 13.47 32.81
N TYR E 170 5.15 13.55 33.98
CA TYR E 170 4.69 14.51 34.98
C TYR E 170 4.85 15.94 34.48
N SER E 171 6.02 16.26 33.93
CA SER E 171 6.27 17.63 33.50
C SER E 171 5.34 18.04 32.37
N LYS E 172 5.10 17.14 31.42
CA LYS E 172 4.22 17.49 30.31
C LYS E 172 2.75 17.48 30.73
N GLY E 173 2.39 16.67 31.72
CA GLY E 173 1.03 16.67 32.18
C GLY E 173 0.68 17.86 33.04
N ILE E 174 1.67 18.49 33.66
CA ILE E 174 1.36 19.70 34.42
C ILE E 174 1.16 20.90 33.51
N ASP E 175 1.46 20.76 32.22
CA ASP E 175 1.16 21.79 31.23
C ASP E 175 -0.17 21.57 30.52
N ILE E 176 -0.63 20.32 30.43
CA ILE E 176 -1.94 20.08 29.82
C ILE E 176 -3.06 20.67 30.66
N VAL E 177 -2.93 20.63 31.99
CA VAL E 177 -3.96 21.19 32.85
C VAL E 177 -3.84 22.69 33.05
N LYS E 178 -2.67 23.28 32.76
CA LYS E 178 -2.52 24.72 32.98
C LYS E 178 -3.38 25.54 32.04
N ASP E 179 -3.87 24.95 30.96
CA ASP E 179 -4.80 25.60 30.05
C ASP E 179 -6.11 24.83 29.97
N MET E 180 -6.61 24.40 31.12
CA MET E 180 -7.85 23.64 31.15
C MET E 180 -9.01 24.49 30.64
N GLY E 181 -9.83 23.90 29.79
CA GLY E 181 -10.86 24.59 29.07
C GLY E 181 -10.51 24.90 27.63
N GLY E 182 -9.24 24.79 27.27
CA GLY E 182 -8.79 24.93 25.91
C GLY E 182 -8.96 23.69 25.06
N GLY E 183 -9.61 22.66 25.61
CA GLY E 183 -9.87 21.44 24.87
C GLY E 183 -8.63 20.62 24.53
N PHE E 184 -7.72 20.45 25.49
CA PHE E 184 -6.51 19.69 25.21
C PHE E 184 -6.63 18.22 25.61
N LEU E 185 -7.28 17.94 26.74
CA LEU E 185 -7.40 16.55 27.17
C LEU E 185 -8.18 15.72 26.16
N GLN E 186 -9.30 16.25 25.66
CA GLN E 186 -10.06 15.52 24.66
C GLN E 186 -9.31 15.39 23.35
N LYS E 187 -8.55 16.40 22.95
CA LYS E 187 -7.71 16.26 21.77
C LYS E 187 -6.71 15.12 21.94
N LEU E 188 -6.03 15.08 23.08
CA LEU E 188 -5.03 14.04 23.32
C LEU E 188 -5.69 12.67 23.36
N THR E 189 -6.84 12.56 24.02
CA THR E 189 -7.52 11.28 24.10
C THR E 189 -7.95 10.81 22.73
N GLU E 190 -8.47 11.72 21.92
CA GLU E 190 -8.89 11.39 20.58
C GLU E 190 -7.73 10.89 19.72
N GLY E 191 -6.60 11.60 19.76
CA GLY E 191 -5.46 11.21 18.97
C GLY E 191 -4.86 9.89 19.42
N ALA E 192 -4.72 9.71 20.74
CA ALA E 192 -4.22 8.45 21.25
C ALA E 192 -5.12 7.30 20.88
N SER E 193 -6.44 7.50 20.95
CA SER E 193 -7.36 6.43 20.57
C SER E 193 -7.23 6.07 19.11
N ILE E 194 -7.08 7.07 18.24
CA ILE E 194 -6.94 6.79 16.81
C ILE E 194 -5.69 5.96 16.55
N LEU E 195 -4.56 6.42 17.08
CA LEU E 195 -3.31 5.69 16.84
C LEU E 195 -3.37 4.29 17.44
N GLY E 196 -3.91 4.17 18.65
CA GLY E 196 -4.00 2.87 19.28
C GLY E 196 -4.88 1.91 18.51
N LEU E 197 -6.04 2.38 18.04
CA LEU E 197 -6.91 1.51 17.26
C LEU E 197 -6.22 1.04 16.00
N PHE E 198 -5.50 1.95 15.32
CA PHE E 198 -4.79 1.54 14.11
C PHE E 198 -3.77 0.44 14.41
N VAL E 199 -2.92 0.65 15.41
CA VAL E 199 -1.85 -0.33 15.64
C VAL E 199 -2.41 -1.64 16.19
N MET E 200 -3.45 -1.58 17.02
CA MET E 200 -4.06 -2.82 17.50
C MET E 200 -4.71 -3.59 16.36
N GLY E 201 -5.35 -2.89 15.44
CA GLY E 201 -5.88 -3.58 14.27
C GLY E 201 -4.80 -4.26 13.47
N ALA E 202 -3.65 -3.60 13.34
CA ALA E 202 -2.54 -4.24 12.64
C ALA E 202 -2.03 -5.46 13.39
N LEU E 203 -1.90 -5.37 14.72
CA LEU E 203 -1.32 -6.46 15.49
C LEU E 203 -2.25 -7.65 15.56
N VAL E 204 -3.56 -7.43 15.55
CA VAL E 204 -4.49 -8.56 15.57
C VAL E 204 -4.28 -9.43 14.35
N ASN E 205 -4.03 -8.81 13.19
CA ASN E 205 -3.73 -9.58 12.00
C ASN E 205 -2.34 -10.18 12.05
N LYS E 206 -1.36 -9.41 12.52
CA LYS E 206 0.03 -9.84 12.39
C LYS E 206 0.39 -10.96 13.36
N TRP E 207 -0.09 -10.88 14.60
CA TRP E 207 0.44 -11.71 15.67
C TRP E 207 -0.49 -12.84 16.11
N THR E 208 -1.60 -13.04 15.41
CA THR E 208 -2.50 -14.14 15.73
C THR E 208 -2.36 -15.22 14.69
N HIS E 209 -2.83 -16.43 15.03
CA HIS E 209 -2.74 -17.54 14.10
C HIS E 209 -3.83 -18.55 14.39
N VAL E 210 -4.72 -18.74 13.43
CA VAL E 210 -5.71 -19.81 13.46
C VAL E 210 -5.57 -20.61 12.18
N ASN E 211 -5.51 -21.93 12.31
CA ASN E 211 -5.28 -22.81 11.17
C ASN E 211 -6.30 -23.94 11.21
N ILE E 212 -7.12 -24.04 10.18
CA ILE E 212 -8.12 -25.09 10.10
C ILE E 212 -7.72 -26.05 8.99
N PRO E 213 -7.13 -27.19 9.30
CA PRO E 213 -6.56 -28.06 8.28
C PRO E 213 -7.52 -29.13 7.76
N LEU E 214 -8.70 -28.69 7.31
CA LEU E 214 -9.65 -29.59 6.69
C LEU E 214 -9.40 -29.56 5.19
N VAL E 215 -8.98 -30.69 4.62
CA VAL E 215 -8.61 -30.73 3.22
C VAL E 215 -9.86 -30.64 2.36
N VAL E 216 -9.86 -29.71 1.41
CA VAL E 216 -10.95 -29.55 0.47
C VAL E 216 -10.62 -30.19 -0.87
N SER E 217 -9.44 -29.93 -1.39
CA SER E 217 -9.03 -30.50 -2.66
C SER E 217 -7.59 -30.96 -2.58
N ARG E 218 -7.28 -32.01 -3.36
CA ARG E 218 -5.99 -32.69 -3.29
C ARG E 218 -5.46 -32.98 -4.69
N ILE E 219 -5.41 -31.95 -5.55
CA ILE E 219 -4.90 -32.16 -6.89
C ILE E 219 -3.44 -32.58 -6.82
N THR E 220 -3.06 -33.51 -7.70
CA THR E 220 -1.72 -34.06 -7.74
C THR E 220 -1.12 -33.83 -9.11
N ASP E 221 -0.06 -33.05 -9.17
CA ASP E 221 0.60 -32.71 -10.42
C ASP E 221 2.04 -32.34 -10.10
N GLN E 222 2.73 -31.75 -11.09
CA GLN E 222 4.13 -31.36 -10.96
C GLN E 222 4.96 -32.53 -10.44
N THR E 223 4.77 -33.68 -11.10
CA THR E 223 5.33 -34.98 -10.69
C THR E 223 5.36 -35.15 -9.17
N GLY E 224 4.24 -34.84 -8.55
CA GLY E 224 4.05 -35.09 -7.13
C GLY E 224 4.16 -33.89 -6.21
N LYS E 225 3.77 -32.70 -6.65
CA LYS E 225 3.73 -31.56 -5.75
C LYS E 225 2.57 -31.64 -4.77
N GLU E 226 1.47 -32.25 -5.21
CA GLU E 226 0.34 -32.68 -4.38
C GLU E 226 -0.53 -31.53 -3.90
N HIS E 227 -0.08 -30.29 -4.04
CA HIS E 227 -0.92 -29.09 -4.05
C HIS E 227 -2.15 -29.16 -3.16
N VAL E 228 -2.00 -29.52 -1.89
CA VAL E 228 -3.16 -29.65 -1.02
C VAL E 228 -3.72 -28.28 -0.68
N THR E 229 -5.05 -28.14 -0.73
CA THR E 229 -5.72 -26.93 -0.30
C THR E 229 -6.74 -27.26 0.78
N THR E 230 -6.80 -26.42 1.79
CA THR E 230 -7.65 -26.64 2.95
C THR E 230 -8.64 -25.48 3.07
N VAL E 231 -9.48 -25.55 4.11
CA VAL E 231 -10.39 -24.45 4.40
C VAL E 231 -9.60 -23.19 4.70
N GLN E 232 -8.47 -23.34 5.39
CA GLN E 232 -7.64 -22.19 5.70
C GLN E 232 -7.12 -21.52 4.45
N THR E 233 -6.84 -22.28 3.40
CA THR E 233 -6.38 -21.68 2.15
C THR E 233 -7.43 -20.76 1.56
N ILE E 234 -8.68 -21.23 1.51
CA ILE E 234 -9.76 -20.41 0.97
C ILE E 234 -9.97 -19.18 1.83
N LEU E 235 -9.99 -19.34 3.15
CA LEU E 235 -10.20 -18.20 4.03
C LEU E 235 -9.08 -17.18 3.90
N ASP E 236 -7.84 -17.64 3.80
CA ASP E 236 -6.73 -16.73 3.60
C ASP E 236 -6.77 -16.05 2.26
N GLN E 237 -7.34 -16.69 1.24
CA GLN E 237 -7.50 -16.01 -0.03
C GLN E 237 -8.56 -14.92 0.06
N LEU E 238 -9.63 -15.16 0.81
CA LEU E 238 -10.64 -14.13 1.00
C LEU E 238 -10.09 -12.97 1.81
N MET E 239 -9.70 -13.23 3.05
CA MET E 239 -9.13 -12.23 3.93
C MET E 239 -8.21 -12.89 4.94
N PRO E 240 -6.91 -12.63 4.88
CA PRO E 240 -6.00 -13.22 5.88
C PRO E 240 -6.39 -12.80 7.29
N GLY E 241 -6.34 -13.77 8.21
CA GLY E 241 -6.67 -13.49 9.59
C GLY E 241 -8.12 -13.19 9.85
N LEU E 242 -9.02 -13.72 9.04
CA LEU E 242 -10.44 -13.43 9.23
C LEU E 242 -10.98 -14.04 10.52
N VAL E 243 -10.58 -15.28 10.83
CA VAL E 243 -11.08 -15.94 12.03
C VAL E 243 -10.67 -15.21 13.30
N PRO E 244 -9.42 -14.79 13.49
CA PRO E 244 -9.12 -13.97 14.67
C PRO E 244 -9.87 -12.66 14.72
N LEU E 245 -10.18 -12.05 13.58
CA LEU E 245 -11.00 -10.83 13.60
C LEU E 245 -12.40 -11.12 14.12
N LEU E 246 -13.01 -12.21 13.64
CA LEU E 246 -14.32 -12.59 14.17
C LEU E 246 -14.25 -12.92 15.65
N LEU E 247 -13.15 -13.54 16.08
CA LEU E 247 -12.99 -13.83 17.50
C LEU E 247 -12.84 -12.56 18.32
N THR E 248 -12.18 -11.55 17.78
CA THR E 248 -12.09 -10.27 18.46
C THR E 248 -13.47 -9.67 18.66
N PHE E 249 -14.30 -9.71 17.61
CA PHE E 249 -15.63 -9.16 17.75
C PHE E 249 -16.47 -9.97 18.73
N ALA E 250 -16.30 -11.30 18.74
CA ALA E 250 -17.01 -12.12 19.71
C ALA E 250 -16.60 -11.78 21.13
N CYS E 251 -15.30 -11.58 21.36
CA CYS E 251 -14.83 -11.22 22.70
C CYS E 251 -15.37 -9.86 23.12
N MET E 252 -15.39 -8.91 22.20
CA MET E 252 -15.95 -7.60 22.52
C MET E 252 -17.44 -7.72 22.88
N TRP E 253 -18.18 -8.54 22.13
CA TRP E 253 -19.58 -8.73 22.45
C TRP E 253 -19.76 -9.36 23.82
N LEU E 254 -18.95 -10.36 24.16
CA LEU E 254 -19.05 -11.00 25.46
C LEU E 254 -18.72 -10.03 26.58
N LEU E 255 -17.70 -9.19 26.37
CA LEU E 255 -17.34 -8.22 27.40
C LEU E 255 -18.42 -7.15 27.54
N ARG E 256 -19.15 -6.86 26.48
CA ARG E 256 -20.29 -5.95 26.60
C ARG E 256 -21.32 -6.48 27.58
N LYS E 257 -21.57 -7.78 27.56
CA LYS E 257 -22.58 -8.41 28.40
C LYS E 257 -22.10 -8.65 29.82
N LYS E 258 -21.01 -7.99 30.23
CA LYS E 258 -20.49 -8.08 31.59
C LYS E 258 -20.12 -9.51 31.96
N VAL E 259 -19.51 -10.22 31.03
CA VAL E 259 -18.94 -11.53 31.32
C VAL E 259 -17.53 -11.34 31.85
N ASN E 260 -17.18 -12.08 32.88
CA ASN E 260 -15.84 -11.98 33.46
C ASN E 260 -14.80 -12.43 32.44
N PRO E 261 -13.69 -11.71 32.26
CA PRO E 261 -12.68 -12.13 31.28
C PRO E 261 -12.08 -13.48 31.59
N LEU E 262 -12.09 -13.89 32.85
CA LEU E 262 -11.50 -15.18 33.23
C LEU E 262 -12.19 -16.33 32.50
N TRP E 263 -13.51 -16.28 32.40
CA TRP E 263 -14.22 -17.33 31.71
C TRP E 263 -13.96 -17.30 30.22
N ILE E 264 -13.76 -16.12 29.64
CA ILE E 264 -13.38 -16.05 28.23
C ILE E 264 -12.04 -16.73 28.00
N ILE E 265 -11.07 -16.46 28.87
CA ILE E 265 -9.76 -17.07 28.70
C ILE E 265 -9.81 -18.57 28.90
N VAL E 266 -10.57 -19.03 29.89
CA VAL E 266 -10.72 -20.47 30.10
C VAL E 266 -11.36 -21.12 28.89
N GLY E 267 -12.39 -20.48 28.33
CA GLY E 267 -13.00 -20.99 27.13
C GLY E 267 -12.03 -21.08 25.97
N PHE E 268 -11.17 -20.08 25.83
CA PHE E 268 -10.16 -20.13 24.77
C PHE E 268 -9.21 -21.30 24.96
N PHE E 269 -8.76 -21.53 26.18
CA PHE E 269 -7.86 -22.64 26.43
C PHE E 269 -8.52 -23.97 26.11
N VAL E 270 -9.77 -24.14 26.54
CA VAL E 270 -10.48 -25.38 26.29
C VAL E 270 -10.70 -25.57 24.80
N ILE E 271 -11.08 -24.50 24.09
CA ILE E 271 -11.28 -24.60 22.65
C ILE E 271 -9.99 -25.01 21.96
N GLY E 272 -8.88 -24.38 22.32
CA GLY E 272 -7.62 -24.73 21.68
C GLY E 272 -7.24 -26.17 21.89
N ILE E 273 -7.28 -26.64 23.14
CA ILE E 273 -6.86 -28.00 23.43
C ILE E 273 -7.80 -29.00 22.77
N ALA E 274 -9.11 -28.78 22.90
CA ALA E 274 -10.06 -29.72 22.32
C ALA E 274 -9.99 -29.74 20.80
N GLY E 275 -9.85 -28.57 20.18
CA GLY E 275 -9.76 -28.52 18.73
C GLY E 275 -8.52 -29.21 18.21
N TYR E 276 -7.39 -29.02 18.89
CA TYR E 276 -6.20 -29.76 18.48
C TYR E 276 -6.37 -31.26 18.69
N ALA E 277 -7.03 -31.66 19.77
CA ALA E 277 -7.29 -33.09 19.97
C ALA E 277 -8.19 -33.64 18.88
N CYS E 278 -9.26 -32.92 18.54
CA CYS E 278 -10.17 -33.35 17.49
C CYS E 278 -9.55 -33.23 16.10
N GLY E 279 -8.40 -32.58 15.98
CA GLY E 279 -7.73 -32.50 14.70
C GLY E 279 -8.27 -31.48 13.73
N LEU E 280 -9.06 -30.51 14.20
CA LEU E 280 -9.57 -29.46 13.33
C LEU E 280 -9.02 -28.09 13.70
N LEU E 281 -7.89 -28.03 14.40
CA LEU E 281 -7.21 -26.77 14.66
C LEU E 281 -5.75 -26.77 14.27
N GLY E 282 -5.23 -27.89 13.76
CA GLY E 282 -3.93 -27.85 13.09
C GLY E 282 -2.82 -27.38 14.00
N LEU E 283 -2.08 -26.38 13.54
CA LEU E 283 -0.96 -25.82 14.28
C LEU E 283 -0.63 -24.42 13.78
N ASP F 4 40.48 -17.62 33.37
CA ASP F 4 41.30 -16.43 33.57
C ASP F 4 40.76 -15.18 32.87
N PRO F 5 40.36 -15.27 31.59
CA PRO F 5 39.78 -14.07 30.95
C PRO F 5 38.52 -13.59 31.64
N ASN F 6 37.71 -14.48 32.19
CA ASN F 6 36.51 -14.05 32.89
C ASN F 6 36.85 -13.27 34.15
N THR F 7 37.83 -13.75 34.92
CA THR F 7 38.25 -13.01 36.10
C THR F 7 38.82 -11.65 35.74
N GLN F 8 39.58 -11.60 34.64
CA GLN F 8 40.12 -10.33 34.19
C GLN F 8 39.01 -9.37 33.80
N LEU F 9 37.97 -9.88 33.13
CA LEU F 9 36.84 -9.04 32.77
C LEU F 9 36.13 -8.52 34.01
N LEU F 10 35.97 -9.37 35.03
CA LEU F 10 35.34 -8.92 36.26
C LEU F 10 36.16 -7.84 36.95
N ASN F 11 37.48 -8.01 37.00
CA ASN F 11 38.32 -7.00 37.62
C ASN F 11 38.23 -5.68 36.85
N ASP F 12 38.25 -5.74 35.52
CA ASP F 12 38.13 -4.54 34.73
C ASP F 12 36.79 -3.84 34.98
N LEU F 13 35.71 -4.62 35.06
CA LEU F 13 34.40 -4.05 35.34
C LEU F 13 34.38 -3.34 36.70
N GLY F 14 34.95 -3.99 37.71
CA GLY F 14 34.98 -3.38 39.03
C GLY F 14 35.78 -2.10 39.05
N ASN F 15 36.97 -2.12 38.45
CA ASN F 15 37.81 -0.93 38.42
C ASN F 15 37.12 0.21 37.68
N ASN F 16 36.52 -0.08 36.53
CA ASN F 16 35.88 0.98 35.76
C ASN F 16 34.67 1.55 36.49
N MET F 17 33.86 0.70 37.12
CA MET F 17 32.71 1.20 37.85
C MET F 17 33.15 2.07 39.03
N ALA F 18 34.18 1.64 39.76
CA ALA F 18 34.66 2.43 40.88
C ALA F 18 35.21 3.77 40.41
N TRP F 19 35.98 3.76 39.31
CA TRP F 19 36.52 5.00 38.78
C TRP F 19 35.42 5.95 38.33
N GLY F 20 34.40 5.41 37.64
CA GLY F 20 33.31 6.25 37.20
C GLY F 20 32.51 6.83 38.35
N ALA F 21 32.33 6.05 39.41
CA ALA F 21 31.66 6.57 40.61
C ALA F 21 32.50 7.68 41.25
N ALA F 22 33.80 7.49 41.33
CA ALA F 22 34.67 8.52 41.91
C ALA F 22 34.64 9.80 41.09
N LEU F 23 34.59 9.68 39.75
CA LEU F 23 34.59 10.86 38.91
C LEU F 23 33.34 11.72 39.15
N GLY F 24 32.22 11.09 39.43
CA GLY F 24 30.98 11.80 39.64
C GLY F 24 30.71 12.24 41.06
N ALA F 25 31.67 12.11 41.96
CA ALA F 25 31.46 12.51 43.35
C ALA F 25 31.08 13.97 43.52
N PRO F 26 31.76 14.95 42.90
CA PRO F 26 31.35 16.34 43.11
C PRO F 26 29.94 16.64 42.64
N GLY F 27 29.48 15.97 41.58
CA GLY F 27 28.13 16.22 41.10
C GLY F 27 27.06 15.86 42.13
N GLY F 28 27.27 14.77 42.85
CA GLY F 28 26.35 14.33 43.88
C GLY F 28 25.99 12.87 43.71
N LEU F 29 25.13 12.40 44.62
CA LEU F 29 24.69 11.02 44.57
C LEU F 29 23.91 10.74 43.29
N GLY F 30 23.18 11.73 42.79
CA GLY F 30 22.47 11.55 41.54
C GLY F 30 23.40 11.41 40.34
N SER F 31 24.66 11.83 40.49
CA SER F 31 25.64 11.67 39.42
C SER F 31 26.58 10.50 39.65
N ALA F 32 26.65 9.98 40.87
CA ALA F 32 27.43 8.77 41.11
C ALA F 32 26.90 7.60 40.29
N ALA F 33 25.57 7.47 40.23
CA ALA F 33 24.97 6.45 39.39
C ALA F 33 25.27 6.69 37.91
N LEU F 34 25.16 7.92 37.45
CA LEU F 34 25.46 8.24 36.07
C LEU F 34 26.93 8.05 35.72
N GLY F 35 27.81 8.01 36.71
CA GLY F 35 29.21 7.70 36.46
C GLY F 35 29.49 6.21 36.46
N ALA F 36 28.91 5.49 37.43
CA ALA F 36 29.11 4.05 37.50
C ALA F 36 28.51 3.36 36.28
N ALA F 37 27.33 3.80 35.85
CA ALA F 37 26.72 3.21 34.67
C ALA F 37 27.59 3.44 33.44
N GLY F 38 28.14 4.64 33.30
CA GLY F 38 29.04 4.91 32.20
C GLY F 38 30.27 4.02 32.22
N GLY F 39 30.82 3.80 33.41
CA GLY F 39 31.97 2.92 33.52
C GLY F 39 31.66 1.50 33.08
N ALA F 40 30.53 0.97 33.55
CA ALA F 40 30.15 -0.39 33.16
C ALA F 40 29.90 -0.48 31.66
N LEU F 41 29.21 0.52 31.10
CA LEU F 41 28.93 0.52 29.68
C LEU F 41 30.22 0.56 28.87
N GLN F 42 31.18 1.37 29.30
CA GLN F 42 32.45 1.43 28.59
C GLN F 42 33.18 0.09 28.65
N THR F 43 33.11 -0.57 29.80
CA THR F 43 33.74 -1.89 29.91
C THR F 43 33.15 -2.87 28.91
N VAL F 44 31.82 -3.00 28.88
CA VAL F 44 31.23 -3.99 27.98
C VAL F 44 31.43 -3.58 26.53
N GLY F 45 31.41 -2.28 26.22
CA GLY F 45 31.65 -1.86 24.85
C GLY F 45 33.05 -2.16 24.38
N GLN F 46 34.05 -1.92 25.23
CA GLN F 46 35.42 -2.24 24.88
C GLN F 46 35.58 -3.73 24.66
N GLY F 47 34.98 -4.55 25.54
CA GLY F 47 35.06 -6.00 25.36
C GLY F 47 34.41 -6.45 24.06
N LEU F 48 33.24 -5.89 23.74
CA LEU F 48 32.56 -6.26 22.51
C LEU F 48 33.39 -5.88 21.29
N ILE F 49 34.02 -4.71 21.32
CA ILE F 49 34.85 -4.29 20.20
C ILE F 49 36.04 -5.23 20.03
N ASP F 50 36.65 -5.65 21.15
CA ASP F 50 37.74 -6.61 21.04
C ASP F 50 37.28 -7.94 20.46
N HIS F 51 36.09 -8.40 20.86
CA HIS F 51 35.63 -9.71 20.39
C HIS F 51 35.44 -9.73 18.88
N GLY F 52 34.84 -8.67 18.33
CA GLY F 52 34.62 -8.59 16.90
C GLY F 52 33.22 -9.00 16.52
N PRO F 53 33.03 -9.41 15.27
CA PRO F 53 31.71 -9.86 14.84
C PRO F 53 31.30 -11.15 15.51
N VAL F 54 30.12 -11.67 15.18
CA VAL F 54 29.53 -12.80 15.86
C VAL F 54 28.79 -13.66 14.85
N ASN F 55 28.72 -14.96 15.11
CA ASN F 55 28.07 -15.88 14.18
C ASN F 55 26.65 -16.25 14.63
N VAL F 56 25.76 -15.26 14.66
CA VAL F 56 24.35 -15.50 14.97
C VAL F 56 23.49 -14.61 14.08
N PRO F 57 22.23 -15.00 13.87
CA PRO F 57 21.41 -14.30 12.86
C PRO F 57 20.97 -12.89 13.21
N ILE F 58 21.01 -12.45 14.47
CA ILE F 58 20.63 -11.08 14.84
C ILE F 58 19.23 -10.71 14.37
N PRO F 59 18.18 -11.16 15.05
CA PRO F 59 16.81 -10.88 14.59
C PRO F 59 16.32 -9.51 15.02
N VAL F 60 15.47 -8.93 14.17
CA VAL F 60 14.94 -7.59 14.37
C VAL F 60 13.45 -7.58 14.05
N LEU F 61 12.67 -6.93 14.92
CA LEU F 61 11.23 -6.76 14.73
C LEU F 61 10.51 -8.11 14.58
N ILE F 62 10.83 -9.02 15.48
CA ILE F 62 10.20 -10.33 15.50
C ILE F 62 8.96 -10.28 16.37
N GLY F 63 8.12 -11.31 16.24
CA GLY F 63 6.90 -11.39 17.01
C GLY F 63 6.81 -12.69 17.78
N PRO F 64 5.70 -12.89 18.47
CA PRO F 64 5.54 -14.13 19.24
C PRO F 64 5.33 -15.32 18.34
N SER F 65 6.40 -15.80 17.73
CA SER F 65 6.27 -16.88 16.76
C SER F 65 5.97 -18.22 17.39
N TRP F 66 5.84 -18.29 18.72
CA TRP F 66 5.62 -19.57 19.35
C TRP F 66 4.20 -20.10 19.19
N ASN F 67 3.23 -19.27 18.80
CA ASN F 67 1.90 -19.83 18.61
C ASN F 67 1.76 -20.44 17.21
N GLY F 68 1.66 -19.61 16.20
CA GLY F 68 1.77 -20.06 14.83
C GLY F 68 2.25 -18.95 13.92
N SER F 69 2.57 -17.81 14.51
CA SER F 69 2.82 -16.62 13.71
C SER F 69 4.09 -16.78 12.89
N GLY F 70 4.26 -15.89 11.93
CA GLY F 70 5.48 -15.91 11.15
C GLY F 70 6.69 -15.68 12.03
N SER F 71 7.84 -16.16 11.57
CA SER F 71 9.07 -16.13 12.35
C SER F 71 10.07 -15.21 11.67
N GLY F 72 10.60 -14.25 12.42
CA GLY F 72 11.72 -13.49 11.96
C GLY F 72 11.32 -12.29 11.12
N TYR F 73 11.71 -11.09 11.55
CA TYR F 73 11.48 -9.88 10.78
C TYR F 73 10.06 -9.71 10.29
N ASN F 74 9.14 -9.30 11.16
CA ASN F 74 7.82 -8.85 10.77
C ASN F 74 6.87 -10.02 10.55
N SER F 75 7.20 -11.19 11.07
CA SER F 75 6.33 -12.36 11.01
C SER F 75 5.97 -12.70 9.57
N ALA F 76 6.95 -12.59 8.68
CA ALA F 76 6.74 -12.72 7.24
C ALA F 76 7.37 -13.98 6.68
N THR F 77 7.44 -15.05 7.47
CA THR F 77 8.08 -16.29 7.04
C THR F 77 7.21 -17.49 7.39
N SER F 78 5.93 -17.41 7.04
CA SER F 78 4.99 -18.52 7.19
C SER F 78 4.88 -19.00 8.64
N MET G 1 48.09 11.07 -35.72
CA MET G 1 47.90 12.10 -36.72
C MET G 1 48.12 13.49 -36.14
N GLU G 2 48.39 14.46 -37.01
CA GLU G 2 48.54 15.85 -36.60
C GLU G 2 47.25 16.60 -36.91
N ILE G 3 47.03 17.69 -36.19
CA ILE G 3 45.79 18.45 -36.28
C ILE G 3 46.11 19.84 -36.82
N THR G 4 45.36 20.25 -37.85
CA THR G 4 45.54 21.59 -38.39
C THR G 4 44.96 22.63 -37.44
N THR G 5 45.48 23.86 -37.54
CA THR G 5 45.06 24.92 -36.64
C THR G 5 43.58 25.23 -36.77
N LEU G 6 43.04 25.11 -37.99
CA LEU G 6 41.60 25.31 -38.18
C LEU G 6 40.81 24.30 -37.38
N GLN G 7 41.25 23.04 -37.36
CA GLN G 7 40.58 22.05 -36.54
C GLN G 7 40.74 22.34 -35.06
N ILE G 8 41.87 22.93 -34.65
CA ILE G 8 42.02 23.31 -33.25
C ILE G 8 40.99 24.36 -32.88
N VAL G 9 40.81 25.37 -33.74
CA VAL G 9 39.82 26.41 -33.45
C VAL G 9 38.43 25.80 -33.40
N LEU G 10 38.12 24.91 -34.34
CA LEU G 10 36.78 24.31 -34.38
C LEU G 10 36.53 23.46 -33.13
N VAL G 11 37.53 22.69 -32.70
CA VAL G 11 37.34 21.88 -31.50
C VAL G 11 37.23 22.76 -30.28
N PHE G 12 37.92 23.91 -30.26
CA PHE G 12 37.72 24.86 -29.17
C PHE G 12 36.29 25.35 -29.11
N ILE G 13 35.73 25.68 -30.28
CA ILE G 13 34.34 26.18 -30.31
C ILE G 13 33.37 25.10 -29.86
N VAL G 14 33.56 23.87 -30.34
CA VAL G 14 32.68 22.78 -29.95
C VAL G 14 32.78 22.52 -28.45
N ALA G 15 34.00 22.58 -27.91
CA ALA G 15 34.18 22.40 -26.48
C ALA G 15 33.49 23.50 -25.69
N CYS G 16 33.57 24.74 -26.17
CA CYS G 16 32.88 25.83 -25.48
C CYS G 16 31.38 25.59 -25.46
N ILE G 17 30.81 25.20 -26.60
CA ILE G 17 29.38 24.95 -26.65
C ILE G 17 28.99 23.83 -25.71
N ALA G 18 29.77 22.75 -25.70
CA ALA G 18 29.47 21.64 -24.79
C ALA G 18 29.57 22.07 -23.34
N GLY G 19 30.57 22.88 -23.02
CA GLY G 19 30.71 23.36 -21.65
C GLY G 19 29.53 24.18 -21.19
N MET G 20 29.08 25.11 -22.04
CA MET G 20 27.91 25.91 -21.68
C MET G 20 26.67 25.04 -21.57
N GLY G 21 26.49 24.10 -22.50
CA GLY G 21 25.37 23.19 -22.41
C GLY G 21 25.41 22.30 -21.18
N SER G 22 26.59 22.09 -20.62
CA SER G 22 26.69 21.29 -19.41
C SER G 22 25.95 21.93 -18.25
N ILE G 23 26.06 23.25 -18.11
CA ILE G 23 25.37 23.94 -17.03
C ILE G 23 23.95 24.33 -17.42
N LEU G 24 23.72 24.73 -18.67
CA LEU G 24 22.37 25.11 -19.08
C LEU G 24 21.42 23.94 -19.01
N ASP G 25 21.86 22.77 -19.47
CA ASP G 25 21.04 21.55 -19.49
C ASP G 25 19.76 21.76 -20.28
N GLU G 26 19.85 22.49 -21.40
CA GLU G 26 18.68 22.83 -22.19
C GLU G 26 18.69 22.17 -23.56
N PHE G 27 19.71 22.40 -24.38
CA PHE G 27 19.75 21.85 -25.73
C PHE G 27 20.42 20.49 -25.79
N GLN G 28 20.99 20.02 -24.68
CA GLN G 28 21.68 18.73 -24.62
C GLN G 28 22.86 18.68 -25.59
N PHE G 29 23.56 19.81 -25.74
CA PHE G 29 24.80 19.79 -26.50
C PHE G 29 25.92 19.11 -25.74
N HIS G 30 25.75 18.88 -24.45
CA HIS G 30 26.77 18.23 -23.64
C HIS G 30 26.61 16.72 -23.58
N ARG G 31 25.50 16.18 -24.05
CA ARG G 31 25.34 14.74 -24.06
C ARG G 31 26.29 14.13 -25.07
N PRO G 32 26.83 12.95 -24.80
CA PRO G 32 27.79 12.35 -25.74
C PRO G 32 27.23 12.13 -27.13
N LEU G 33 25.92 11.88 -27.23
CA LEU G 33 25.30 11.62 -28.53
C LEU G 33 25.50 12.78 -29.49
N ILE G 34 25.64 13.99 -28.98
CA ILE G 34 25.81 15.18 -29.82
C ILE G 34 27.26 15.64 -29.84
N ALA G 35 27.89 15.70 -28.67
CA ALA G 35 29.26 16.19 -28.59
C ALA G 35 30.22 15.29 -29.36
N CYS G 36 30.04 13.97 -29.22
CA CYS G 36 30.94 13.05 -29.91
C CYS G 36 30.80 13.18 -31.42
N THR G 37 29.58 13.30 -31.93
CA THR G 37 29.41 13.45 -33.37
C THR G 37 29.98 14.78 -33.86
N LEU G 38 29.80 15.84 -33.09
CA LEU G 38 30.34 17.13 -33.51
C LEU G 38 31.86 17.09 -33.57
N VAL G 39 32.50 16.49 -32.55
CA VAL G 39 33.94 16.38 -32.57
C VAL G 39 34.41 15.51 -33.73
N GLY G 40 33.70 14.42 -33.99
CA GLY G 40 34.05 13.57 -35.12
C GLY G 40 33.95 14.31 -36.43
N ILE G 41 32.91 15.14 -36.58
CA ILE G 41 32.74 15.91 -37.80
C ILE G 41 33.89 16.89 -37.99
N VAL G 42 34.23 17.62 -36.93
CA VAL G 42 35.26 18.64 -37.07
C VAL G 42 36.65 18.02 -37.14
N LEU G 43 36.81 16.76 -36.76
CA LEU G 43 38.13 16.16 -36.70
C LEU G 43 38.40 15.19 -37.84
N GLY G 44 37.37 14.65 -38.48
CA GLY G 44 37.59 13.57 -39.41
C GLY G 44 36.33 12.78 -39.68
N ASP G 45 36.40 11.46 -39.49
CA ASP G 45 35.25 10.61 -39.78
C ASP G 45 34.12 10.86 -38.80
N MET G 46 32.91 11.06 -39.33
CA MET G 46 31.72 11.10 -38.51
C MET G 46 31.36 9.72 -37.99
N LYS G 47 31.81 8.68 -38.69
CA LYS G 47 31.46 7.30 -38.38
C LYS G 47 31.88 6.94 -36.96
N THR G 48 33.17 7.13 -36.66
CA THR G 48 33.69 6.79 -35.34
C THR G 48 33.09 7.67 -34.26
N GLY G 49 32.92 8.96 -34.54
CA GLY G 49 32.32 9.84 -33.56
C GLY G 49 30.93 9.41 -33.17
N ILE G 50 30.10 9.08 -34.16
CA ILE G 50 28.75 8.62 -33.90
C ILE G 50 28.77 7.34 -33.09
N ILE G 51 29.65 6.39 -33.46
CA ILE G 51 29.68 5.12 -32.74
C ILE G 51 30.10 5.32 -31.30
N ILE G 52 31.11 6.15 -31.06
CA ILE G 52 31.55 6.41 -29.69
C ILE G 52 30.44 7.08 -28.89
N GLY G 53 29.75 8.04 -29.50
CA GLY G 53 28.66 8.69 -28.81
C GLY G 53 27.56 7.71 -28.44
N GLY G 54 27.21 6.83 -29.37
CA GLY G 54 26.18 5.85 -29.08
C GLY G 54 26.58 4.91 -27.97
N THR G 55 27.85 4.48 -27.95
CA THR G 55 28.27 3.55 -26.92
C THR G 55 28.32 4.24 -25.56
N LEU G 56 28.75 5.49 -25.53
CA LEU G 56 28.92 6.19 -24.26
C LEU G 56 27.59 6.68 -23.70
N GLU G 57 26.61 6.94 -24.56
CA GLU G 57 25.31 7.37 -24.08
C GLU G 57 24.67 6.34 -23.17
N MET G 58 24.83 5.06 -23.48
CA MET G 58 24.21 4.02 -22.68
C MET G 58 24.78 4.00 -21.26
N ILE G 59 26.06 4.35 -21.11
CA ILE G 59 26.61 4.54 -19.77
C ILE G 59 26.06 5.82 -19.15
N ALA G 60 26.03 6.89 -19.93
CA ALA G 60 25.69 8.20 -19.38
C ALA G 60 24.21 8.36 -19.06
N LEU G 61 23.36 7.41 -19.44
CA LEU G 61 21.98 7.47 -19.00
C LEU G 61 21.93 7.43 -17.48
N GLY G 62 21.07 8.26 -16.91
CA GLY G 62 21.04 8.35 -15.46
C GLY G 62 22.21 9.10 -14.89
N TRP G 63 22.69 10.12 -15.59
CA TRP G 63 23.73 11.01 -15.08
C TRP G 63 23.04 12.35 -14.86
N MET G 64 21.87 12.27 -14.25
CA MET G 64 21.05 13.41 -13.87
C MET G 64 21.74 14.24 -12.78
N ASN G 65 21.56 15.55 -12.85
CA ASN G 65 21.85 16.44 -11.73
C ASN G 65 20.56 16.67 -10.98
N ILE G 66 20.57 16.46 -9.68
CA ILE G 66 19.36 16.54 -8.86
C ILE G 66 19.68 17.45 -7.68
N GLY G 67 19.38 18.74 -7.83
CA GLY G 67 19.36 19.65 -6.70
C GLY G 67 20.62 19.67 -5.86
N ALA G 68 21.70 20.23 -6.41
CA ALA G 68 23.01 20.37 -5.77
C ALA G 68 23.78 19.06 -5.72
N ALA G 69 23.24 17.97 -6.24
CA ALA G 69 23.99 16.75 -6.44
C ALA G 69 24.47 16.74 -7.89
N VAL G 70 25.77 16.83 -8.07
CA VAL G 70 26.35 16.99 -9.40
C VAL G 70 26.76 15.62 -9.93
N ALA G 71 26.29 15.30 -11.13
CA ALA G 71 26.56 14.03 -11.76
C ALA G 71 27.95 14.03 -12.37
N PRO G 72 28.43 12.89 -12.86
CA PRO G 72 29.79 12.83 -13.40
C PRO G 72 30.03 13.56 -14.72
N ASP G 73 29.14 14.42 -15.18
CA ASP G 73 29.48 15.42 -16.19
C ASP G 73 29.95 14.78 -17.50
N ALA G 74 29.00 14.30 -18.30
CA ALA G 74 29.32 13.62 -19.54
C ALA G 74 30.08 14.47 -20.55
N ALA G 75 30.10 15.79 -20.42
CA ALA G 75 30.67 16.64 -21.47
C ALA G 75 32.16 16.41 -21.64
N LEU G 76 32.92 16.51 -20.55
CA LEU G 76 34.37 16.38 -20.64
C LEU G 76 34.77 15.01 -21.13
N ALA G 77 34.14 13.96 -20.60
CA ALA G 77 34.42 12.62 -21.06
C ALA G 77 34.13 12.47 -22.54
N SER G 78 32.93 12.87 -22.96
CA SER G 78 32.51 12.68 -24.34
C SER G 78 33.36 13.46 -25.33
N ILE G 79 33.99 14.54 -24.91
CA ILE G 79 34.87 15.29 -25.80
C ILE G 79 36.28 14.71 -25.81
N ILE G 80 36.89 14.56 -24.64
CA ILE G 80 38.29 14.18 -24.60
C ILE G 80 38.47 12.75 -25.08
N SER G 81 37.52 11.86 -24.77
CA SER G 81 37.66 10.47 -25.22
C SER G 81 37.67 10.38 -26.73
N THR G 82 36.78 11.11 -27.41
CA THR G 82 36.77 11.05 -28.86
C THR G 82 37.97 11.76 -29.47
N ILE G 83 38.47 12.81 -28.82
CA ILE G 83 39.71 13.40 -29.32
C ILE G 83 40.83 12.39 -29.24
N LEU G 84 40.90 11.63 -28.14
CA LEU G 84 41.94 10.63 -27.99
C LEU G 84 41.77 9.47 -28.96
N VAL G 85 40.55 9.10 -29.29
CA VAL G 85 40.33 7.98 -30.20
C VAL G 85 40.60 8.37 -31.65
N ILE G 86 39.98 9.45 -32.12
CA ILE G 86 40.11 9.81 -33.53
C ILE G 86 41.51 10.33 -33.83
N ALA G 87 42.05 11.17 -32.95
CA ALA G 87 43.36 11.75 -33.21
C ALA G 87 44.50 10.92 -32.64
N GLY G 88 44.34 10.39 -31.43
CA GLY G 88 45.39 9.63 -30.80
C GLY G 88 45.50 8.19 -31.24
N HIS G 89 44.63 7.75 -32.14
CA HIS G 89 44.69 6.40 -32.72
C HIS G 89 44.64 5.33 -31.63
N GLN G 90 43.51 5.27 -30.94
CA GLN G 90 43.27 4.24 -29.95
C GLN G 90 41.99 3.49 -30.30
N SER G 91 41.84 2.31 -29.72
CA SER G 91 40.63 1.53 -29.92
C SER G 91 39.46 2.19 -29.21
N ILE G 92 38.26 1.91 -29.71
CA ILE G 92 37.06 2.47 -29.10
C ILE G 92 36.93 2.00 -27.66
N GLY G 93 37.21 0.71 -27.42
CA GLY G 93 37.16 0.21 -26.06
C GLY G 93 38.15 0.90 -25.16
N ALA G 94 39.36 1.16 -25.66
CA ALA G 94 40.36 1.85 -24.85
C ALA G 94 39.92 3.27 -24.52
N GLY G 95 39.33 3.97 -25.49
CA GLY G 95 38.85 5.31 -25.22
C GLY G 95 37.71 5.33 -24.22
N ILE G 96 36.79 4.36 -24.33
CA ILE G 96 35.67 4.32 -23.41
C ILE G 96 36.11 3.84 -22.04
N ALA G 97 37.26 3.17 -21.96
CA ALA G 97 37.82 2.85 -20.65
C ALA G 97 38.21 4.11 -19.89
N LEU G 98 38.48 5.20 -20.61
CA LEU G 98 38.85 6.47 -20.00
C LEU G 98 37.66 7.35 -19.70
N ALA G 99 36.45 6.88 -19.95
CA ALA G 99 35.27 7.72 -19.77
C ALA G 99 35.03 8.03 -18.30
N ILE G 100 35.27 7.07 -17.42
CA ILE G 100 34.90 7.22 -16.01
C ILE G 100 35.86 8.13 -15.25
N PRO G 101 37.18 7.95 -15.34
CA PRO G 101 38.07 8.94 -14.70
C PRO G 101 37.89 10.34 -15.24
N LEU G 102 37.65 10.48 -16.56
CA LEU G 102 37.40 11.80 -17.12
C LEU G 102 36.11 12.38 -16.58
N ALA G 103 35.10 11.54 -16.40
CA ALA G 103 33.85 11.99 -15.81
C ALA G 103 34.07 12.50 -14.39
N ALA G 104 34.87 11.79 -13.60
CA ALA G 104 35.15 12.24 -12.24
C ALA G 104 35.91 13.58 -12.25
N ALA G 105 36.87 13.73 -13.15
CA ALA G 105 37.60 15.00 -13.23
C ALA G 105 36.66 16.13 -13.60
N GLY G 106 35.78 15.92 -14.58
CA GLY G 106 34.82 16.94 -14.93
C GLY G 106 33.88 17.27 -13.79
N GLN G 107 33.50 16.26 -13.01
CA GLN G 107 32.67 16.51 -11.84
C GLN G 107 33.36 17.43 -10.85
N VAL G 108 34.65 17.18 -10.59
CA VAL G 108 35.40 18.06 -9.69
C VAL G 108 35.41 19.48 -10.25
N LEU G 109 35.71 19.63 -11.54
CA LEU G 109 35.84 20.96 -12.12
C LEU G 109 34.52 21.72 -12.06
N THR G 110 33.41 21.07 -12.37
CA THR G 110 32.14 21.77 -12.35
C THR G 110 31.71 22.09 -10.93
N ILE G 111 32.05 21.26 -9.94
CA ILE G 111 31.76 21.63 -8.56
C ILE G 111 32.52 22.90 -8.18
N ILE G 112 33.79 22.98 -8.57
CA ILE G 112 34.57 24.17 -8.25
C ILE G 112 33.95 25.41 -8.90
N VAL G 113 33.56 25.31 -10.16
CA VAL G 113 33.00 26.48 -10.83
C VAL G 113 31.67 26.88 -10.20
N ARG G 114 30.86 25.90 -9.80
CA ARG G 114 29.58 26.22 -9.18
C ARG G 114 29.76 26.85 -7.81
N THR G 115 30.86 26.57 -7.12
CA THR G 115 31.14 27.36 -5.92
C THR G 115 31.64 28.75 -6.27
N ILE G 116 32.34 28.90 -7.38
CA ILE G 116 32.85 30.22 -7.74
C ILE G 116 31.71 31.18 -8.06
N THR G 117 30.68 30.70 -8.75
CA THR G 117 29.63 31.63 -9.21
C THR G 117 28.85 32.30 -8.08
N VAL G 118 29.15 31.94 -6.83
CA VAL G 118 28.53 32.64 -5.70
C VAL G 118 28.97 34.10 -5.68
N ALA G 119 30.20 34.38 -6.10
CA ALA G 119 30.63 35.76 -6.22
C ALA G 119 29.78 36.53 -7.22
N PHE G 120 29.43 35.89 -8.34
CA PHE G 120 28.55 36.52 -9.31
C PHE G 120 27.17 36.78 -8.69
N GLN G 121 26.67 35.83 -7.92
CA GLN G 121 25.38 36.03 -7.26
C GLN G 121 25.42 37.24 -6.33
N HIS G 122 26.49 37.38 -5.55
CA HIS G 122 26.58 38.51 -4.64
C HIS G 122 26.79 39.83 -5.40
N ALA G 123 27.48 39.80 -6.53
CA ALA G 123 27.58 40.99 -7.36
C ALA G 123 26.20 41.39 -7.88
N ALA G 124 25.37 40.42 -8.23
CA ALA G 124 24.01 40.73 -8.62
C ALA G 124 23.23 41.34 -7.47
N ASP G 125 23.43 40.84 -6.26
CA ASP G 125 22.82 41.46 -5.09
C ASP G 125 23.21 42.92 -4.97
N LYS G 126 24.49 43.23 -5.13
CA LYS G 126 24.93 44.62 -5.07
C LYS G 126 24.34 45.45 -6.19
N ALA G 127 24.25 44.89 -7.40
CA ALA G 127 23.67 45.63 -8.51
C ALA G 127 22.18 45.89 -8.30
N ALA G 128 21.52 45.06 -7.50
CA ALA G 128 20.10 45.28 -7.22
C ALA G 128 19.87 46.61 -6.53
N ASP G 129 20.73 46.96 -5.57
CA ASP G 129 20.53 48.18 -4.80
C ASP G 129 20.60 49.43 -5.64
N ASN G 130 21.13 49.36 -6.85
CA ASN G 130 21.12 50.49 -7.76
C ASN G 130 20.01 50.39 -8.80
N GLY G 131 19.22 49.32 -8.78
CA GLY G 131 18.17 49.16 -9.75
C GLY G 131 18.67 49.10 -11.18
N ASN G 132 19.78 48.42 -11.42
CA ASN G 132 20.40 48.35 -12.74
C ASN G 132 20.06 47.00 -13.35
N LEU G 133 19.14 47.00 -14.31
CA LEU G 133 18.73 45.75 -14.94
C LEU G 133 19.76 45.26 -15.95
N THR G 134 20.36 46.18 -16.71
CA THR G 134 21.38 45.78 -17.66
C THR G 134 22.59 45.16 -16.96
N ALA G 135 22.90 45.63 -15.76
CA ALA G 135 23.97 45.00 -14.98
C ALA G 135 23.60 43.57 -14.63
N ILE G 136 22.32 43.33 -14.30
CA ILE G 136 21.90 41.98 -13.98
C ILE G 136 22.00 41.08 -15.20
N SER G 137 21.59 41.58 -16.37
CA SER G 137 21.71 40.78 -17.58
C SER G 137 23.17 40.43 -17.87
N TRP G 138 24.06 41.41 -17.77
CA TRP G 138 25.47 41.15 -18.05
C TRP G 138 26.06 40.19 -17.02
N ILE G 139 25.67 40.33 -15.75
CA ILE G 139 26.21 39.44 -14.73
C ILE G 139 25.74 38.01 -14.96
N HIS G 140 24.48 37.82 -15.34
CA HIS G 140 24.02 36.47 -15.58
C HIS G 140 24.70 35.84 -16.79
N VAL G 141 24.72 36.54 -17.93
CA VAL G 141 25.29 35.91 -19.11
C VAL G 141 26.81 35.86 -19.05
N SER G 142 27.43 36.59 -18.13
CA SER G 142 28.88 36.54 -18.02
C SER G 142 29.36 35.42 -17.13
N SER G 143 28.47 34.74 -16.42
CA SER G 143 28.84 33.59 -15.62
C SER G 143 28.83 32.30 -16.41
N LEU G 144 28.39 32.33 -17.66
CA LEU G 144 28.50 31.17 -18.53
C LEU G 144 29.92 30.98 -19.04
N PHE G 145 30.67 32.08 -19.18
CA PHE G 145 32.01 32.01 -19.76
C PHE G 145 32.89 31.06 -18.98
N LEU G 146 32.78 31.06 -17.66
CA LEU G 146 33.58 30.16 -16.85
C LEU G 146 33.26 28.70 -17.14
N GLN G 147 31.97 28.39 -17.27
CA GLN G 147 31.59 27.01 -17.57
C GLN G 147 32.04 26.60 -18.96
N ALA G 148 32.12 27.54 -19.90
CA ALA G 148 32.65 27.21 -21.22
C ALA G 148 34.13 26.91 -21.14
N MET G 149 34.91 27.78 -20.48
CA MET G 149 36.34 27.55 -20.39
C MET G 149 36.65 26.26 -19.64
N ARG G 150 35.79 25.88 -18.70
CA ARG G 150 36.01 24.68 -17.90
C ARG G 150 36.24 23.46 -18.77
N VAL G 151 35.57 23.38 -19.92
CA VAL G 151 35.71 22.25 -20.82
C VAL G 151 36.65 22.63 -21.96
N ALA G 152 36.63 23.89 -22.36
CA ALA G 152 37.42 24.29 -23.52
C ALA G 152 38.91 24.15 -23.28
N ILE G 153 39.40 24.57 -22.11
CA ILE G 153 40.85 24.62 -21.90
C ILE G 153 41.48 23.23 -21.91
N PRO G 154 41.01 22.25 -21.12
CA PRO G 154 41.59 20.91 -21.24
C PRO G 154 41.42 20.30 -22.61
N ALA G 155 40.34 20.58 -23.31
CA ALA G 155 40.11 20.01 -24.63
C ALA G 155 41.00 20.63 -25.70
N VAL G 156 41.70 21.71 -25.40
CA VAL G 156 42.69 22.26 -26.33
C VAL G 156 44.06 21.75 -25.91
N ILE G 157 44.28 21.66 -24.59
CA ILE G 157 45.54 21.12 -24.10
C ILE G 157 45.75 19.70 -24.60
N VAL G 158 44.70 18.88 -24.52
CA VAL G 158 44.80 17.50 -24.99
C VAL G 158 45.06 17.46 -26.49
N ALA G 159 44.34 18.28 -27.25
CA ALA G 159 44.49 18.25 -28.70
C ALA G 159 45.89 18.68 -29.12
N LEU G 160 46.49 19.63 -28.41
CA LEU G 160 47.82 20.10 -28.78
C LEU G 160 48.92 19.12 -28.43
N SER G 161 48.70 18.25 -27.46
CA SER G 161 49.72 17.29 -27.03
C SER G 161 49.23 15.86 -27.21
N VAL G 162 48.63 15.58 -28.38
CA VAL G 162 48.08 14.25 -28.62
C VAL G 162 49.18 13.23 -28.86
N GLY G 163 50.39 13.68 -29.20
CA GLY G 163 51.48 12.76 -29.47
C GLY G 163 52.18 12.27 -28.22
N THR G 164 51.45 12.15 -27.12
CA THR G 164 52.01 11.71 -25.86
C THR G 164 50.91 11.00 -25.07
N SER G 165 51.32 10.06 -24.21
CA SER G 165 50.40 9.34 -23.36
C SER G 165 50.32 9.91 -21.96
N GLU G 166 50.62 11.20 -21.78
CA GLU G 166 50.67 11.78 -20.45
C GLU G 166 49.29 12.03 -19.89
N VAL G 167 48.26 12.07 -20.72
CA VAL G 167 46.90 12.30 -20.22
C VAL G 167 46.45 11.12 -19.37
N GLN G 168 46.74 9.90 -19.83
CA GLN G 168 46.41 8.72 -19.03
C GLN G 168 47.14 8.74 -17.69
N ASN G 169 48.35 9.31 -17.66
CA ASN G 169 49.07 9.40 -16.40
C ASN G 169 48.48 10.47 -15.50
N MET G 170 48.14 11.63 -16.06
CA MET G 170 47.50 12.67 -15.28
C MET G 170 46.15 12.23 -14.74
N LEU G 171 45.51 11.29 -15.43
CA LEU G 171 44.23 10.75 -14.96
C LEU G 171 44.38 9.96 -13.68
N ASN G 172 45.58 9.51 -13.35
CA ASN G 172 45.81 8.76 -12.12
C ASN G 172 46.16 9.65 -10.93
N ALA G 173 46.19 10.97 -11.11
CA ALA G 173 46.43 11.86 -9.99
C ALA G 173 45.31 11.78 -8.96
N ILE G 174 44.07 11.70 -9.41
CA ILE G 174 42.93 11.51 -8.52
C ILE G 174 42.77 10.01 -8.24
N PRO G 175 43.26 9.52 -7.12
CA PRO G 175 43.57 8.09 -7.03
C PRO G 175 42.36 7.16 -7.02
N GLU G 176 41.64 7.08 -5.90
CA GLU G 176 40.40 6.33 -5.87
C GLU G 176 39.40 6.96 -4.92
N VAL G 177 39.92 7.67 -3.91
CA VAL G 177 39.09 8.12 -2.82
C VAL G 177 38.16 9.23 -3.28
N VAL G 178 38.67 10.14 -4.11
CA VAL G 178 37.81 11.20 -4.63
C VAL G 178 36.94 10.74 -5.79
N THR G 179 37.39 9.75 -6.57
CA THR G 179 36.55 9.24 -7.65
C THR G 179 35.28 8.62 -7.11
N ASN G 180 35.39 7.84 -6.04
CA ASN G 180 34.24 7.21 -5.42
C ASN G 180 33.65 8.06 -4.30
N GLY G 181 34.48 8.87 -3.64
CA GLY G 181 33.98 9.71 -2.57
C GLY G 181 32.99 10.74 -3.05
N LEU G 182 33.16 11.25 -4.27
CA LEU G 182 32.23 12.24 -4.78
C LEU G 182 30.84 11.65 -4.99
N ASN G 183 30.76 10.43 -5.52
CA ASN G 183 29.47 9.79 -5.68
C ASN G 183 28.82 9.51 -4.32
N ILE G 184 29.62 9.09 -3.35
CA ILE G 184 29.08 8.85 -2.01
C ILE G 184 28.53 10.13 -1.42
N ALA G 185 29.27 11.23 -1.55
CA ALA G 185 28.76 12.52 -1.07
C ALA G 185 27.49 12.90 -1.80
N GLY G 186 27.46 12.70 -3.12
CA GLY G 186 26.25 12.94 -3.88
C GLY G 186 25.10 12.04 -3.50
N GLY G 187 25.36 10.96 -2.78
CA GLY G 187 24.27 10.17 -2.24
C GLY G 187 23.57 10.81 -1.07
N MET G 188 24.08 11.92 -0.57
CA MET G 188 23.46 12.64 0.53
C MET G 188 23.13 14.09 0.23
N ILE G 189 23.80 14.72 -0.74
CA ILE G 189 23.51 16.10 -1.08
C ILE G 189 22.20 16.24 -1.84
N VAL G 190 21.61 15.14 -2.28
CA VAL G 190 20.27 15.20 -2.85
C VAL G 190 19.30 15.76 -1.82
N VAL G 191 19.60 15.59 -0.54
CA VAL G 191 18.72 16.01 0.53
C VAL G 191 18.67 17.52 0.66
N VAL G 192 19.78 18.21 0.32
CA VAL G 192 19.93 19.61 0.68
C VAL G 192 18.93 20.50 -0.05
N GLY G 193 18.72 20.26 -1.34
CA GLY G 193 17.79 21.09 -2.09
C GLY G 193 16.37 20.99 -1.55
N TYR G 194 15.93 19.77 -1.26
CA TYR G 194 14.62 19.57 -0.65
C TYR G 194 14.55 20.23 0.72
N ALA G 195 15.62 20.14 1.49
CA ALA G 195 15.62 20.77 2.81
C ALA G 195 15.46 22.27 2.69
N MET G 196 16.15 22.88 1.73
CA MET G 196 16.05 24.32 1.54
C MET G 196 14.65 24.72 1.11
N VAL G 197 14.05 23.95 0.19
CA VAL G 197 12.69 24.27 -0.24
C VAL G 197 11.72 24.16 0.93
N ILE G 198 11.82 23.08 1.70
CA ILE G 198 10.92 22.88 2.82
C ILE G 198 11.10 23.98 3.86
N ASN G 199 12.34 24.37 4.12
CA ASN G 199 12.60 25.45 5.07
C ASN G 199 11.99 26.75 4.58
N MET G 200 12.04 27.01 3.28
CA MET G 200 11.43 28.24 2.77
C MET G 200 9.92 28.19 2.74
N MET G 201 9.32 26.99 2.68
CA MET G 201 7.86 26.92 2.58
C MET G 201 7.18 27.42 3.85
N ARG G 202 7.79 27.23 5.01
CA ARG G 202 7.26 27.70 6.29
C ARG G 202 5.84 27.18 6.52
N ALA G 203 5.65 25.89 6.29
CA ALA G 203 4.37 25.22 6.55
C ALA G 203 4.65 24.02 7.45
N GLY G 204 4.70 24.28 8.76
CA GLY G 204 4.98 23.23 9.71
C GLY G 204 3.80 22.32 9.99
N TYR G 205 2.59 22.83 9.82
CA TYR G 205 1.41 22.02 10.08
C TYR G 205 1.09 21.05 8.96
N LEU G 206 1.68 21.22 7.79
CA LEU G 206 1.54 20.27 6.69
C LEU G 206 2.66 19.25 6.67
N MET G 207 3.59 19.30 7.63
CA MET G 207 4.69 18.35 7.65
C MET G 207 4.26 16.89 7.78
N PRO G 208 3.10 16.53 8.35
CA PRO G 208 2.71 15.12 8.32
C PRO G 208 2.68 14.51 6.93
N PHE G 209 2.43 15.30 5.89
CA PHE G 209 2.44 14.75 4.54
C PHE G 209 3.84 14.35 4.10
N PHE G 210 4.88 14.96 4.66
CA PHE G 210 6.24 14.57 4.33
C PHE G 210 6.51 13.14 4.78
N TYR G 211 6.27 12.85 6.06
CA TYR G 211 6.47 11.50 6.57
C TYR G 211 5.61 10.51 5.82
N LEU G 212 4.37 10.88 5.56
CA LEU G 212 3.48 10.01 4.79
C LEU G 212 4.09 9.68 3.44
N GLY G 213 4.74 10.66 2.79
CA GLY G 213 5.38 10.38 1.53
C GLY G 213 6.61 9.53 1.68
N PHE G 214 7.27 9.62 2.83
CA PHE G 214 8.50 8.87 3.03
C PHE G 214 8.23 7.38 3.15
N VAL G 215 7.44 6.99 4.16
CA VAL G 215 7.21 5.57 4.39
C VAL G 215 6.49 4.93 3.21
N THR G 216 5.63 5.67 2.52
CA THR G 216 4.96 5.11 1.36
C THR G 216 5.95 4.74 0.27
N ALA G 217 7.06 5.46 0.17
CA ALA G 217 8.06 5.11 -0.82
C ALA G 217 9.00 4.02 -0.33
N ALA G 218 8.90 3.61 0.93
CA ALA G 218 9.82 2.64 1.48
C ALA G 218 9.26 1.22 1.51
N PHE G 219 7.94 1.08 1.47
CA PHE G 219 7.32 -0.24 1.64
C PHE G 219 6.31 -0.57 0.54
N THR G 220 6.26 0.23 -0.53
CA THR G 220 5.33 -0.03 -1.62
C THR G 220 6.01 0.01 -2.98
N ASN G 221 5.26 -0.39 -4.00
CA ASN G 221 5.76 -0.42 -5.38
C ASN G 221 5.27 0.76 -6.20
N PHE G 222 4.87 1.85 -5.55
CA PHE G 222 4.30 2.96 -6.28
C PHE G 222 5.35 3.67 -7.13
N ASN G 223 4.94 4.08 -8.32
CA ASN G 223 5.75 4.90 -9.21
C ASN G 223 5.92 6.28 -8.61
N LEU G 224 6.60 7.16 -9.36
CA LEU G 224 6.48 8.57 -9.05
C LEU G 224 5.27 9.18 -9.71
N VAL G 225 4.82 8.63 -10.83
CA VAL G 225 3.56 9.06 -11.43
C VAL G 225 2.40 8.77 -10.51
N ALA G 226 2.38 7.55 -9.95
CA ALA G 226 1.32 7.19 -9.02
C ALA G 226 1.36 8.05 -7.77
N LEU G 227 2.56 8.33 -7.27
CA LEU G 227 2.66 9.17 -6.09
C LEU G 227 2.23 10.60 -6.38
N GLY G 228 2.49 11.10 -7.58
CA GLY G 228 1.96 12.40 -7.95
C GLY G 228 0.45 12.43 -8.00
N VAL G 229 -0.15 11.38 -8.57
CA VAL G 229 -1.61 11.29 -8.60
C VAL G 229 -2.18 11.26 -7.19
N ILE G 230 -1.57 10.44 -6.32
CA ILE G 230 -2.06 10.35 -4.94
C ILE G 230 -1.93 11.68 -4.23
N GLY G 231 -0.79 12.36 -4.40
CA GLY G 231 -0.61 13.64 -3.75
C GLY G 231 -1.61 14.67 -4.20
N THR G 232 -1.92 14.71 -5.50
CA THR G 232 -2.94 15.62 -5.98
C THR G 232 -4.29 15.30 -5.38
N VAL G 233 -4.62 14.01 -5.29
CA VAL G 233 -5.92 13.61 -4.74
C VAL G 233 -6.02 14.04 -3.28
N MET G 234 -4.97 13.83 -2.49
CA MET G 234 -5.01 14.24 -1.10
C MET G 234 -5.08 15.76 -0.96
N ALA G 235 -4.38 16.50 -1.82
CA ALA G 235 -4.50 17.95 -1.76
C ALA G 235 -5.93 18.40 -2.01
N VAL G 236 -6.56 17.85 -3.04
CA VAL G 236 -7.93 18.25 -3.36
C VAL G 236 -8.88 17.90 -2.22
N LEU G 237 -8.75 16.69 -1.68
CA LEU G 237 -9.66 16.28 -0.61
C LEU G 237 -9.41 17.06 0.67
N TYR G 238 -8.16 17.39 0.96
CA TYR G 238 -7.87 18.22 2.13
C TYR G 238 -8.51 19.59 1.99
N ILE G 239 -8.47 20.17 0.80
CA ILE G 239 -9.12 21.46 0.62
C ILE G 239 -10.63 21.34 0.69
N GLN G 240 -11.20 20.23 0.21
CA GLN G 240 -12.65 20.05 0.28
C GLN G 240 -13.14 20.04 1.73
N LEU G 241 -12.44 19.32 2.59
CA LEU G 241 -12.63 19.35 4.03
C LEU G 241 -11.94 20.60 4.57
N SER G 242 -11.51 20.59 5.81
CA SER G 242 -10.76 21.73 6.35
C SER G 242 -11.64 22.97 6.47
N PRO G 243 -12.44 23.03 7.53
CA PRO G 243 -13.47 24.08 7.66
C PRO G 243 -12.95 25.51 7.58
N LYS G 244 -11.65 25.70 7.51
CA LYS G 244 -11.12 27.05 7.32
C LYS G 244 -11.64 27.65 6.01
N TYR G 245 -11.94 26.83 5.02
CA TYR G 245 -12.48 27.30 3.76
C TYR G 245 -13.98 27.14 3.66
N ASN G 246 -14.55 26.11 4.28
CA ASN G 246 -16.00 25.90 4.25
C ASN G 246 -16.65 26.64 5.42
N ARG G 247 -16.59 27.96 5.35
CA ARG G 247 -17.16 28.83 6.37
C ARG G 247 -18.45 29.44 5.84
N VAL G 248 -19.49 29.40 6.66
CA VAL G 248 -20.79 29.94 6.25
C VAL G 248 -20.74 31.46 6.22
N GLU H 10 -2.44 53.15 -16.91
CA GLU H 10 -1.91 51.95 -16.26
C GLU H 10 -0.81 51.31 -17.08
N LYS H 11 -0.22 50.25 -16.54
CA LYS H 11 0.89 49.56 -17.20
C LYS H 11 0.51 48.10 -17.38
N LYS H 12 0.64 47.60 -18.60
CA LYS H 12 0.29 46.23 -18.93
C LYS H 12 1.39 45.61 -19.78
N LEU H 13 1.45 44.28 -19.78
CA LEU H 13 2.49 43.56 -20.48
C LEU H 13 2.11 43.38 -21.94
N THR H 14 2.95 43.91 -22.83
CA THR H 14 2.75 43.73 -24.26
C THR H 14 3.02 42.27 -24.63
N GLN H 15 2.47 41.86 -25.77
CA GLN H 15 2.78 40.53 -26.30
C GLN H 15 4.28 40.36 -26.49
N SER H 16 4.95 41.40 -27.00
CA SER H 16 6.38 41.34 -27.20
C SER H 16 7.15 41.10 -25.92
N ASP H 17 6.56 41.41 -24.77
CA ASP H 17 7.22 41.19 -23.50
C ASP H 17 6.97 39.80 -22.93
N ILE H 18 6.20 38.96 -23.61
CA ILE H 18 6.12 37.56 -23.22
C ILE H 18 7.17 36.74 -23.95
N ARG H 19 7.30 36.93 -25.26
CA ARG H 19 8.40 36.29 -25.97
C ARG H 19 9.74 36.64 -25.35
N GLY H 20 9.91 37.90 -24.95
CA GLY H 20 11.13 38.28 -24.26
C GLY H 20 11.37 37.47 -23.01
N VAL H 21 10.29 37.18 -22.26
CA VAL H 21 10.44 36.30 -21.10
C VAL H 21 10.70 34.88 -21.55
N PHE H 22 10.06 34.45 -22.64
CA PHE H 22 10.28 33.09 -23.12
C PHE H 22 11.70 32.91 -23.64
N LEU H 23 12.19 33.86 -24.42
CA LEU H 23 13.52 33.73 -25.00
C LEU H 23 14.59 33.71 -23.93
N ARG H 24 14.47 34.57 -22.93
CA ARG H 24 15.49 34.62 -21.89
C ARG H 24 15.42 33.43 -20.97
N SER H 25 14.31 32.71 -20.93
CA SER H 25 14.22 31.54 -20.06
C SER H 25 15.00 30.36 -20.60
N ASN H 26 15.49 30.43 -21.84
CA ASN H 26 16.34 29.35 -22.34
C ASN H 26 17.66 29.29 -21.58
N LEU H 27 18.20 30.45 -21.20
CA LEU H 27 19.36 30.49 -20.31
C LEU H 27 18.93 30.57 -18.85
N PHE H 28 18.03 29.69 -18.45
CA PHE H 28 17.48 29.79 -17.09
C PHE H 28 18.56 29.50 -16.05
N GLN H 29 19.27 28.39 -16.21
CA GLN H 29 20.48 28.17 -15.46
C GLN H 29 21.60 28.93 -16.17
N GLY H 30 22.84 28.68 -15.81
CA GLY H 30 23.97 29.41 -16.35
C GLY H 30 24.64 30.28 -15.32
N SER H 31 23.88 30.78 -14.36
CA SER H 31 24.42 31.30 -13.11
C SER H 31 23.81 30.43 -12.03
N TRP H 32 24.42 29.28 -11.80
CA TRP H 32 23.94 28.28 -10.87
C TRP H 32 24.92 28.20 -9.71
N ASN H 33 24.47 28.65 -8.54
CA ASN H 33 25.31 28.69 -7.35
C ASN H 33 24.91 27.57 -6.42
N PHE H 34 25.78 27.30 -5.45
CA PHE H 34 25.38 26.47 -4.33
C PHE H 34 24.63 27.28 -3.28
N GLU H 35 24.72 28.61 -3.34
CA GLU H 35 24.08 29.46 -2.33
C GLU H 35 22.60 29.65 -2.61
N ARG H 36 22.28 30.29 -3.74
CA ARG H 36 20.90 30.53 -4.16
C ARG H 36 20.76 29.95 -5.55
N MET H 37 20.48 28.66 -5.62
CA MET H 37 20.47 27.96 -6.89
C MET H 37 19.40 28.53 -7.81
N GLN H 38 19.73 28.71 -9.08
CA GLN H 38 18.82 29.24 -10.12
C GLN H 38 18.12 30.56 -9.81
N ALA H 39 18.55 31.28 -8.79
CA ALA H 39 17.85 32.51 -8.45
C ALA H 39 18.16 33.63 -9.44
N LEU H 40 19.45 33.83 -9.75
CA LEU H 40 19.80 34.88 -10.69
C LEU H 40 19.20 34.62 -12.07
N GLY H 41 19.03 33.36 -12.44
CA GLY H 41 18.34 33.06 -13.69
C GLY H 41 16.89 33.49 -13.67
N PHE H 42 16.21 33.28 -12.54
CA PHE H 42 14.84 33.73 -12.42
C PHE H 42 14.73 35.23 -12.51
N CYS H 43 15.65 35.96 -11.87
CA CYS H 43 15.61 37.40 -11.99
C CYS H 43 16.02 37.86 -13.38
N PHE H 44 16.84 37.08 -14.08
CA PHE H 44 17.29 37.46 -15.41
C PHE H 44 16.18 37.29 -16.44
N SER H 45 15.34 36.26 -16.28
CA SER H 45 14.30 36.03 -17.26
C SER H 45 13.09 36.92 -17.05
N MET H 46 13.03 37.69 -15.97
CA MET H 46 11.95 38.64 -15.75
C MET H 46 12.36 40.08 -16.01
N VAL H 47 13.55 40.31 -16.53
CA VAL H 47 14.00 41.68 -16.79
C VAL H 47 13.07 42.42 -17.75
N PRO H 48 12.61 41.83 -18.87
CA PRO H 48 11.74 42.59 -19.76
C PRO H 48 10.42 42.98 -19.12
N ALA H 49 9.98 42.29 -18.07
CA ALA H 49 8.75 42.67 -17.40
C ALA H 49 8.99 43.82 -16.42
N ILE H 50 9.97 43.66 -15.54
CA ILE H 50 10.31 44.73 -14.60
C ILE H 50 10.71 45.99 -15.34
N ARG H 51 11.19 45.84 -16.57
CA ARG H 51 11.53 47.01 -17.36
C ARG H 51 10.31 47.79 -17.80
N ARG H 52 9.13 47.17 -17.78
CA ARG H 52 7.90 47.83 -18.19
C ARG H 52 7.02 48.22 -17.01
N LEU H 53 6.86 47.34 -16.03
CA LEU H 53 6.00 47.64 -14.90
C LEU H 53 6.58 48.74 -14.01
N TYR H 54 7.89 48.86 -13.96
CA TYR H 54 8.56 49.85 -13.11
C TYR H 54 9.54 50.64 -13.98
N PRO H 55 9.03 51.55 -14.80
CA PRO H 55 9.90 52.26 -15.75
C PRO H 55 10.93 53.14 -15.08
N GLU H 56 10.77 53.48 -13.81
CA GLU H 56 11.69 54.38 -13.13
C GLU H 56 12.28 53.69 -11.91
N ASN H 57 13.35 54.28 -11.38
CA ASN H 57 14.14 53.68 -10.30
C ASN H 57 13.72 54.20 -8.94
N ASN H 58 12.43 54.50 -8.75
CA ASN H 58 12.04 55.27 -7.57
C ASN H 58 12.33 54.54 -6.26
N GLU H 59 11.50 53.56 -5.91
CA GLU H 59 11.85 52.64 -4.84
C GLU H 59 11.31 51.26 -5.14
N ALA H 60 10.25 51.21 -5.94
CA ALA H 60 9.60 49.94 -6.22
C ALA H 60 10.40 49.09 -7.17
N ARG H 61 11.27 49.70 -7.96
CA ARG H 61 12.14 48.93 -8.84
C ARG H 61 13.12 48.08 -8.03
N LYS H 62 13.75 48.69 -7.03
CA LYS H 62 14.70 47.95 -6.21
C LYS H 62 14.00 46.87 -5.41
N GLN H 63 12.82 47.16 -4.88
CA GLN H 63 12.05 46.13 -4.19
C GLN H 63 11.68 44.99 -5.12
N ALA H 64 11.28 45.33 -6.35
CA ALA H 64 10.91 44.29 -7.30
C ALA H 64 12.09 43.41 -7.65
N ILE H 65 13.26 44.01 -7.83
CA ILE H 65 14.45 43.23 -8.13
C ILE H 65 14.82 42.33 -6.96
N ARG H 66 14.85 42.89 -5.75
CA ARG H 66 15.21 42.09 -4.59
C ARG H 66 14.19 40.99 -4.32
N ARG H 67 12.96 41.19 -4.75
CA ARG H 67 11.93 40.18 -4.55
C ARG H 67 12.26 38.89 -5.30
N HIS H 68 12.95 39.00 -6.43
CA HIS H 68 13.21 37.86 -7.28
C HIS H 68 14.62 37.34 -7.19
N LEU H 69 15.50 38.00 -6.43
CA LEU H 69 16.81 37.43 -6.12
C LEU H 69 16.78 36.66 -4.82
N GLU H 70 15.79 35.78 -4.67
CA GLU H 70 15.66 34.91 -3.52
C GLU H 70 15.81 33.48 -4.00
N PHE H 71 16.03 32.57 -3.05
CA PHE H 71 16.24 31.18 -3.40
C PHE H 71 15.10 30.67 -4.26
N PHE H 72 15.44 30.02 -5.37
CA PHE H 72 14.44 29.46 -6.27
C PHE H 72 15.06 28.30 -7.01
N ASN H 73 14.67 27.08 -6.67
CA ASN H 73 15.21 25.89 -7.31
C ASN H 73 14.09 24.99 -7.79
N THR H 74 14.13 24.63 -9.07
CA THR H 74 13.13 23.72 -9.64
C THR H 74 13.70 23.16 -10.93
N GLN H 75 12.98 22.21 -11.51
CA GLN H 75 13.38 21.66 -12.79
C GLN H 75 13.35 22.76 -13.84
N PRO H 76 14.39 22.90 -14.66
CA PRO H 76 14.45 24.07 -15.54
C PRO H 76 13.31 24.17 -16.53
N PHE H 77 12.77 23.06 -17.01
CA PHE H 77 11.74 23.13 -18.04
C PHE H 77 10.41 23.55 -17.45
N VAL H 78 10.00 22.92 -16.36
CA VAL H 78 8.74 23.30 -15.70
C VAL H 78 9.11 24.39 -14.70
N ALA H 79 9.38 25.56 -15.25
CA ALA H 79 9.47 26.81 -14.53
C ALA H 79 8.79 27.91 -15.31
N ALA H 80 8.47 27.65 -16.57
CA ALA H 80 7.65 28.56 -17.35
C ALA H 80 6.29 28.84 -16.70
N PRO H 81 5.55 27.85 -16.19
CA PRO H 81 4.29 28.20 -15.51
C PRO H 81 4.48 29.15 -14.35
N ILE H 82 5.53 28.94 -13.55
CA ILE H 82 5.79 29.85 -12.44
C ILE H 82 6.14 31.24 -12.95
N LEU H 83 6.89 31.31 -14.05
CA LEU H 83 7.20 32.60 -14.63
C LEU H 83 5.94 33.32 -15.06
N GLY H 84 5.02 32.62 -15.72
CA GLY H 84 3.78 33.25 -16.13
C GLY H 84 2.93 33.71 -14.96
N VAL H 85 2.83 32.87 -13.93
CA VAL H 85 2.02 33.22 -12.77
C VAL H 85 2.58 34.46 -12.08
N THR H 86 3.89 34.50 -11.89
CA THR H 86 4.47 35.69 -11.27
C THR H 86 4.38 36.90 -12.18
N LEU H 87 4.39 36.71 -13.50
CA LEU H 87 4.14 37.83 -14.39
C LEU H 87 2.77 38.43 -14.14
N ALA H 88 1.75 37.58 -14.04
CA ALA H 88 0.40 38.08 -13.77
C ALA H 88 0.34 38.78 -12.41
N LEU H 89 0.93 38.17 -11.40
CA LEU H 89 0.89 38.76 -10.06
C LEU H 89 1.58 40.11 -10.03
N GLU H 90 2.75 40.22 -10.68
CA GLU H 90 3.46 41.48 -10.69
C GLU H 90 2.71 42.53 -11.49
N GLU H 91 2.05 42.13 -12.58
CA GLU H 91 1.23 43.09 -13.32
C GLU H 91 0.15 43.66 -12.43
N GLN H 92 -0.58 42.79 -11.72
CA GLN H 92 -1.63 43.27 -10.84
C GLN H 92 -1.07 44.14 -9.72
N ARG H 93 0.05 43.74 -9.14
CA ARG H 93 0.61 44.49 -8.01
C ARG H 93 1.10 45.86 -8.46
N ALA H 94 1.67 45.95 -9.66
CA ALA H 94 2.10 47.25 -10.16
C ALA H 94 0.92 48.11 -10.56
N ASN H 95 -0.18 47.50 -10.98
CA ASN H 95 -1.36 48.29 -11.32
C ASN H 95 -2.08 48.82 -10.09
N GLY H 96 -1.80 48.29 -8.90
CA GLY H 96 -2.39 48.84 -7.70
C GLY H 96 -2.96 47.83 -6.73
N ALA H 97 -3.55 46.75 -7.23
CA ALA H 97 -4.11 45.73 -6.35
C ALA H 97 -3.04 45.19 -5.42
N GLU H 98 -3.39 45.02 -4.15
CA GLU H 98 -2.39 44.83 -3.10
C GLU H 98 -2.13 43.35 -2.88
N ILE H 99 -0.93 42.90 -3.23
CA ILE H 99 -0.57 41.50 -3.10
C ILE H 99 0.54 41.25 -2.09
N ASP H 100 0.55 42.02 -1.01
CA ASP H 100 1.56 41.89 0.06
C ASP H 100 2.98 41.85 -0.49
N ASP H 101 3.64 40.72 -0.27
CA ASP H 101 5.01 40.46 -0.71
C ASP H 101 5.26 38.98 -0.49
N GLY H 102 4.52 38.43 0.48
CA GLY H 102 4.57 37.04 0.85
C GLY H 102 3.61 36.17 0.12
N ALA H 103 2.74 36.76 -0.70
CA ALA H 103 1.91 35.97 -1.59
C ALA H 103 2.59 35.72 -2.91
N ILE H 104 3.49 36.61 -3.33
CA ILE H 104 4.29 36.36 -4.52
C ILE H 104 5.34 35.30 -4.24
N ASN H 105 6.21 35.56 -3.26
CA ASN H 105 7.16 34.55 -2.86
C ASN H 105 6.47 33.32 -2.32
N GLY H 106 5.30 33.49 -1.69
CA GLY H 106 4.56 32.35 -1.21
C GLY H 106 4.15 31.42 -2.32
N ILE H 107 3.58 31.97 -3.40
CA ILE H 107 3.16 31.12 -4.51
C ILE H 107 4.37 30.55 -5.24
N LYS H 108 5.44 31.33 -5.36
CA LYS H 108 6.65 30.82 -6.00
C LYS H 108 7.17 29.58 -5.26
N VAL H 109 7.34 29.70 -3.94
CA VAL H 109 7.88 28.59 -3.17
C VAL H 109 6.88 27.43 -3.13
N GLY H 110 5.58 27.73 -3.08
CA GLY H 110 4.60 26.67 -3.11
C GLY H 110 4.64 25.86 -4.39
N LEU H 111 4.84 26.52 -5.52
CA LEU H 111 4.90 25.82 -6.79
C LEU H 111 6.27 25.20 -7.06
N MET H 112 7.31 25.65 -6.37
CA MET H 112 8.63 25.07 -6.56
C MET H 112 8.64 23.58 -6.20
N GLY H 113 7.96 23.21 -5.13
CA GLY H 113 7.99 21.86 -4.62
C GLY H 113 7.49 20.81 -5.59
N PRO H 114 6.19 20.84 -5.90
CA PRO H 114 5.64 19.81 -6.78
C PRO H 114 6.26 19.80 -8.17
N LEU H 115 6.59 20.96 -8.72
CA LEU H 115 7.13 20.99 -10.07
C LEU H 115 8.51 20.38 -10.15
N ALA H 116 9.32 20.56 -9.10
CA ALA H 116 10.60 19.86 -9.04
C ALA H 116 10.42 18.39 -8.69
N GLY H 117 9.38 18.07 -7.93
CA GLY H 117 9.17 16.69 -7.51
C GLY H 117 8.65 15.79 -8.60
N VAL H 118 7.89 16.34 -9.54
CA VAL H 118 7.40 15.57 -10.68
C VAL H 118 8.06 15.98 -11.99
N GLY H 119 8.90 17.00 -11.99
CA GLY H 119 9.63 17.37 -13.18
C GLY H 119 10.85 16.51 -13.39
N ASP H 120 11.63 16.30 -12.34
CA ASP H 120 12.82 15.46 -12.46
C ASP H 120 12.50 14.03 -12.87
N PRO H 121 11.59 13.32 -12.21
CA PRO H 121 11.35 11.92 -12.62
C PRO H 121 10.64 11.79 -13.94
N ILE H 122 10.32 12.89 -14.63
CA ILE H 122 9.66 12.83 -15.93
C ILE H 122 10.58 13.29 -17.04
N PHE H 123 11.29 14.40 -16.83
CA PHE H 123 12.18 14.90 -17.87
C PHE H 123 13.56 14.25 -17.77
N TRP H 124 14.22 14.40 -16.63
CA TRP H 124 15.44 13.63 -16.41
C TRP H 124 15.15 12.17 -16.13
N GLY H 125 13.87 11.82 -16.03
CA GLY H 125 13.37 10.54 -15.58
C GLY H 125 13.06 9.66 -16.77
N THR H 126 11.84 9.71 -17.28
CA THR H 126 11.48 8.90 -18.43
C THR H 126 11.78 9.55 -19.78
N VAL H 127 11.63 10.86 -19.93
CA VAL H 127 11.60 11.49 -21.25
C VAL H 127 12.98 11.51 -21.89
N ARG H 128 13.98 12.03 -21.19
CA ARG H 128 15.31 12.12 -21.81
C ARG H 128 15.92 10.76 -22.11
N PRO H 129 15.97 9.79 -21.20
CA PRO H 129 16.62 8.53 -21.53
C PRO H 129 15.87 7.68 -22.53
N VAL H 130 14.56 7.81 -22.69
CA VAL H 130 13.88 7.05 -23.73
C VAL H 130 14.36 7.49 -25.11
N PHE H 131 14.36 8.80 -25.36
CA PHE H 131 14.86 9.31 -26.63
C PHE H 131 16.35 9.04 -26.77
N ALA H 132 17.10 9.18 -25.68
CA ALA H 132 18.52 8.93 -25.73
C ALA H 132 18.82 7.48 -26.06
N ALA H 133 18.05 6.55 -25.50
CA ALA H 133 18.26 5.14 -25.78
C ALA H 133 17.89 4.80 -27.21
N LEU H 134 16.79 5.36 -27.72
CA LEU H 134 16.48 5.18 -29.14
C LEU H 134 17.62 5.67 -30.02
N GLY H 135 18.08 6.91 -29.78
CA GLY H 135 19.14 7.45 -30.59
C GLY H 135 20.43 6.69 -30.46
N ALA H 136 20.78 6.25 -29.25
CA ALA H 136 22.01 5.51 -29.05
C ALA H 136 21.96 4.17 -29.74
N GLY H 137 20.83 3.47 -29.65
CA GLY H 137 20.72 2.20 -30.33
C GLY H 137 20.81 2.35 -31.83
N ILE H 138 20.19 3.39 -32.38
CA ILE H 138 20.32 3.61 -33.82
C ILE H 138 21.75 4.02 -34.17
N ALA H 139 22.45 4.68 -33.25
CA ALA H 139 23.81 5.13 -33.52
C ALA H 139 24.84 4.02 -33.43
N MET H 140 24.47 2.85 -32.89
CA MET H 140 25.41 1.74 -32.83
C MET H 140 25.84 1.32 -34.23
N SER H 141 24.90 1.26 -35.18
CA SER H 141 25.28 1.07 -36.56
C SER H 141 26.06 2.27 -37.08
N GLY H 142 25.73 3.46 -36.62
CA GLY H 142 26.52 4.63 -36.94
C GLY H 142 25.89 5.56 -37.96
N SER H 143 24.56 5.66 -37.93
CA SER H 143 23.85 6.55 -38.83
C SER H 143 23.51 7.84 -38.10
N LEU H 144 23.40 8.92 -38.86
CA LEU H 144 23.12 10.22 -38.26
C LEU H 144 21.75 10.27 -37.63
N LEU H 145 20.89 9.29 -37.93
CA LEU H 145 19.54 9.30 -37.38
C LEU H 145 19.53 9.24 -35.86
N GLY H 146 20.58 8.71 -35.26
CA GLY H 146 20.64 8.63 -33.81
C GLY H 146 20.67 9.98 -33.14
N PRO H 147 21.76 10.71 -33.31
CA PRO H 147 21.84 12.06 -32.73
C PRO H 147 20.75 12.99 -33.24
N LEU H 148 20.39 12.92 -34.51
CA LEU H 148 19.34 13.80 -35.03
C LEU H 148 18.01 13.50 -34.36
N LEU H 149 17.67 12.21 -34.23
CA LEU H 149 16.46 11.81 -33.54
C LEU H 149 16.45 12.34 -32.12
N PHE H 150 17.51 12.09 -31.37
CA PHE H 150 17.54 12.55 -29.98
C PHE H 150 17.38 14.06 -29.91
N PHE H 151 18.19 14.78 -30.68
CA PHE H 151 18.18 16.24 -30.63
C PHE H 151 16.81 16.80 -30.96
N ILE H 152 16.24 16.40 -32.09
CA ILE H 152 14.99 16.98 -32.54
C ILE H 152 13.85 16.59 -31.60
N LEU H 153 13.75 15.31 -31.24
CA LEU H 153 12.63 14.90 -30.41
C LEU H 153 12.70 15.52 -29.02
N PHE H 154 13.90 15.68 -28.47
CA PHE H 154 13.98 16.28 -27.13
C PHE H 154 13.69 17.78 -27.19
N ASN H 155 14.23 18.47 -28.18
CA ASN H 155 14.02 19.91 -28.21
C ASN H 155 12.60 20.29 -28.60
N LEU H 156 11.92 19.46 -29.41
CA LEU H 156 10.53 19.78 -29.71
C LEU H 156 9.64 19.60 -28.50
N VAL H 157 10.06 18.85 -27.49
CA VAL H 157 9.31 18.79 -26.24
C VAL H 157 9.70 19.92 -25.32
N ARG H 158 11.00 20.20 -25.24
CA ARG H 158 11.48 21.26 -24.35
C ARG H 158 10.93 22.61 -24.76
N LEU H 159 11.04 22.97 -26.04
CA LEU H 159 10.56 24.26 -26.49
C LEU H 159 9.05 24.38 -26.33
N ALA H 160 8.33 23.32 -26.67
CA ALA H 160 6.87 23.36 -26.53
C ALA H 160 6.48 23.59 -25.09
N THR H 161 7.05 22.82 -24.16
CA THR H 161 6.70 23.00 -22.77
C THR H 161 7.10 24.37 -22.25
N ARG H 162 8.25 24.91 -22.65
CA ARG H 162 8.64 26.23 -22.17
C ARG H 162 7.68 27.31 -22.67
N TYR H 163 7.45 27.37 -23.98
CA TYR H 163 6.64 28.44 -24.54
C TYR H 163 5.21 28.36 -24.02
N TYR H 164 4.62 27.18 -24.12
CA TYR H 164 3.23 27.07 -23.72
C TYR H 164 3.05 27.07 -22.20
N GLY H 165 4.08 26.73 -21.43
CA GLY H 165 4.02 26.92 -20.01
C GLY H 165 3.98 28.37 -19.64
N VAL H 166 4.82 29.21 -20.27
CA VAL H 166 4.76 30.64 -19.98
C VAL H 166 3.38 31.18 -20.35
N ALA H 167 2.89 30.83 -21.53
CA ALA H 167 1.61 31.37 -21.97
C ALA H 167 0.47 30.93 -21.04
N TYR H 168 0.40 29.63 -20.76
CA TYR H 168 -0.68 29.11 -19.92
C TYR H 168 -0.59 29.64 -18.51
N GLY H 169 0.62 29.74 -17.95
CA GLY H 169 0.76 30.27 -16.62
C GLY H 169 0.30 31.70 -16.52
N TYR H 170 0.66 32.53 -17.50
CA TYR H 170 0.19 33.91 -17.49
C TYR H 170 -1.33 33.98 -17.60
N SER H 171 -1.89 33.23 -18.55
CA SER H 171 -3.34 33.30 -18.77
C SER H 171 -4.10 32.81 -17.55
N LYS H 172 -3.65 31.74 -16.92
CA LYS H 172 -4.36 31.23 -15.76
C LYS H 172 -4.11 32.08 -14.52
N GLY H 173 -2.96 32.74 -14.44
CA GLY H 173 -2.71 33.61 -13.32
C GLY H 173 -3.44 34.92 -13.39
N ILE H 174 -3.83 35.36 -14.59
CA ILE H 174 -4.63 36.58 -14.66
C ILE H 174 -6.07 36.34 -14.28
N ASP H 175 -6.47 35.07 -14.12
CA ASP H 175 -7.79 34.72 -13.60
C ASP H 175 -7.80 34.49 -12.10
N ILE H 176 -6.67 34.09 -11.51
CA ILE H 176 -6.62 33.92 -10.06
C ILE H 176 -6.78 35.26 -9.35
N VAL H 177 -6.23 36.33 -9.91
CA VAL H 177 -6.35 37.64 -9.28
C VAL H 177 -7.67 38.34 -9.62
N LYS H 178 -8.37 37.93 -10.66
CA LYS H 178 -9.61 38.62 -11.01
C LYS H 178 -10.69 38.42 -9.97
N ASP H 179 -10.55 37.44 -9.09
CA ASP H 179 -11.47 37.23 -7.97
C ASP H 179 -10.72 37.32 -6.65
N MET H 180 -9.85 38.32 -6.52
CA MET H 180 -9.08 38.47 -5.30
C MET H 180 -10.00 38.76 -4.13
N GLY H 181 -9.75 38.09 -3.02
CA GLY H 181 -10.62 38.10 -1.87
C GLY H 181 -11.48 36.87 -1.75
N GLY H 182 -11.59 36.07 -2.80
CA GLY H 182 -12.28 34.80 -2.78
C GLY H 182 -11.46 33.67 -2.23
N GLY H 183 -10.27 33.96 -1.70
CA GLY H 183 -9.42 32.95 -1.09
C GLY H 183 -8.87 31.92 -2.06
N PHE H 184 -8.38 32.35 -3.22
CA PHE H 184 -7.85 31.41 -4.20
C PHE H 184 -6.35 31.23 -4.08
N LEU H 185 -5.60 32.31 -3.83
CA LEU H 185 -4.16 32.19 -3.73
C LEU H 185 -3.76 31.27 -2.59
N GLN H 186 -4.38 31.43 -1.42
CA GLN H 186 -4.06 30.56 -0.30
C GLN H 186 -4.49 29.12 -0.55
N LYS H 187 -5.61 28.92 -1.22
CA LYS H 187 -5.99 27.56 -1.60
C LYS H 187 -4.92 26.92 -2.48
N LEU H 188 -4.48 27.64 -3.50
CA LEU H 188 -3.49 27.11 -4.42
C LEU H 188 -2.17 26.84 -3.69
N THR H 189 -1.75 27.77 -2.83
CA THR H 189 -0.51 27.56 -2.09
C THR H 189 -0.60 26.35 -1.18
N GLU H 190 -1.72 26.19 -0.51
CA GLU H 190 -1.90 25.05 0.38
C GLU H 190 -1.85 23.73 -0.40
N GLY H 191 -2.56 23.65 -1.52
CA GLY H 191 -2.57 22.44 -2.30
C GLY H 191 -1.21 22.11 -2.88
N ALA H 192 -0.54 23.12 -3.44
CA ALA H 192 0.79 22.90 -3.97
C ALA H 192 1.76 22.45 -2.89
N SER H 193 1.66 23.03 -1.69
CA SER H 193 2.54 22.62 -0.61
C SER H 193 2.28 21.18 -0.20
N ILE H 194 1.02 20.77 -0.14
CA ILE H 194 0.71 19.40 0.24
C ILE H 194 1.31 18.43 -0.78
N LEU H 195 1.05 18.66 -2.05
CA LEU H 195 1.56 17.75 -3.07
C LEU H 195 3.08 17.74 -3.09
N GLY H 196 3.70 18.92 -2.97
CA GLY H 196 5.14 18.99 -2.98
C GLY H 196 5.76 18.27 -1.81
N LEU H 197 5.20 18.45 -0.62
CA LEU H 197 5.73 17.74 0.54
C LEU H 197 5.63 16.25 0.36
N PHE H 198 4.51 15.76 -0.17
CA PHE H 198 4.36 14.33 -0.40
C PHE H 198 5.44 13.80 -1.34
N VAL H 199 5.60 14.45 -2.50
CA VAL H 199 6.53 13.91 -3.49
C VAL H 199 7.98 14.06 -3.01
N MET H 200 8.31 15.15 -2.33
CA MET H 200 9.66 15.29 -1.81
C MET H 200 9.96 14.25 -0.75
N GLY H 201 8.98 13.95 0.10
CA GLY H 201 9.19 12.87 1.06
C GLY H 201 9.43 11.54 0.38
N ALA H 202 8.72 11.29 -0.72
CA ALA H 202 8.99 10.07 -1.47
C ALA H 202 10.38 10.06 -2.08
N LEU H 203 10.81 11.18 -2.65
CA LEU H 203 12.08 11.24 -3.35
C LEU H 203 13.26 11.16 -2.40
N VAL H 204 13.11 11.69 -1.18
CA VAL H 204 14.20 11.58 -0.21
C VAL H 204 14.51 10.12 0.08
N ASN H 205 13.47 9.30 0.17
CA ASN H 205 13.69 7.87 0.37
C ASN H 205 14.20 7.21 -0.91
N LYS H 206 13.63 7.57 -2.05
CA LYS H 206 13.89 6.81 -3.27
C LYS H 206 15.29 7.08 -3.83
N TRP H 207 15.74 8.34 -3.81
CA TRP H 207 16.90 8.76 -4.58
C TRP H 207 18.14 9.01 -3.74
N THR H 208 18.11 8.74 -2.45
CA THR H 208 19.29 8.89 -1.62
C THR H 208 19.87 7.52 -1.29
N HIS H 209 21.12 7.53 -0.85
CA HIS H 209 21.78 6.27 -0.52
C HIS H 209 22.87 6.51 0.49
N VAL H 210 22.72 5.91 1.67
CA VAL H 210 23.76 5.88 2.69
C VAL H 210 23.98 4.41 3.05
N ASN H 211 25.24 4.00 3.08
CA ASN H 211 25.59 2.60 3.33
C ASN H 211 26.70 2.56 4.37
N ILE H 212 26.42 1.92 5.50
CA ILE H 212 27.41 1.79 6.57
C ILE H 212 27.83 0.33 6.66
N PRO H 213 28.97 -0.05 6.09
CA PRO H 213 29.34 -1.45 5.99
C PRO H 213 30.16 -1.98 7.17
N LEU H 214 29.65 -1.78 8.38
CA LEU H 214 30.27 -2.34 9.56
C LEU H 214 29.64 -3.69 9.83
N VAL H 215 30.44 -4.76 9.73
CA VAL H 215 29.90 -6.11 9.86
C VAL H 215 29.55 -6.37 11.31
N VAL H 216 28.32 -6.83 11.54
CA VAL H 216 27.86 -7.20 12.87
C VAL H 216 27.90 -8.70 13.07
N SER H 217 27.40 -9.46 12.11
CA SER H 217 27.40 -10.91 12.21
C SER H 217 27.79 -11.52 10.88
N ARG H 218 28.43 -12.69 10.94
CA ARG H 218 29.02 -13.33 9.78
C ARG H 218 28.70 -14.83 9.77
N ILE H 219 27.42 -15.18 9.92
CA ILE H 219 27.06 -16.59 9.91
C ILE H 219 27.40 -17.20 8.55
N THR H 220 27.89 -18.44 8.58
CA THR H 220 28.32 -19.14 7.38
C THR H 220 27.55 -20.43 7.26
N ASP H 221 26.74 -20.55 6.21
CA ASP H 221 25.91 -21.72 5.99
C ASP H 221 25.62 -21.80 4.49
N GLN H 222 24.66 -22.65 4.13
CA GLN H 222 24.29 -22.87 2.73
C GLN H 222 25.52 -23.17 1.89
N THR H 223 26.33 -24.11 2.40
CA THR H 223 27.65 -24.46 1.86
C THR H 223 28.40 -23.23 1.33
N GLY H 224 28.43 -22.19 2.15
CA GLY H 224 29.21 -21.00 1.87
C GLY H 224 28.48 -19.79 1.35
N LYS H 225 27.23 -19.59 1.76
CA LYS H 225 26.53 -18.36 1.38
C LYS H 225 27.05 -17.16 2.16
N GLU H 226 27.49 -17.38 3.39
CA GLU H 226 28.27 -16.44 4.19
C GLU H 226 27.45 -15.29 4.75
N HIS H 227 26.23 -15.09 4.26
CA HIS H 227 25.16 -14.34 4.93
C HIS H 227 25.64 -13.19 5.81
N VAL H 228 26.46 -12.29 5.27
CA VAL H 228 26.98 -11.20 6.08
C VAL H 228 25.88 -10.19 6.35
N THR H 229 25.80 -9.72 7.61
CA THR H 229 24.89 -8.65 7.98
C THR H 229 25.67 -7.50 8.60
N THR H 230 25.30 -6.29 8.24
CA THR H 230 25.99 -5.09 8.67
C THR H 230 25.04 -4.20 9.45
N VAL H 231 25.55 -3.05 9.89
CA VAL H 231 24.69 -2.06 10.55
C VAL H 231 23.61 -1.59 9.59
N GLN H 232 23.97 -1.45 8.31
CA GLN H 232 22.99 -1.03 7.32
C GLN H 232 21.86 -2.02 7.19
N THR H 233 22.13 -3.31 7.35
CA THR H 233 21.06 -4.30 7.28
C THR H 233 20.04 -4.10 8.39
N ILE H 234 20.51 -3.89 9.61
CA ILE H 234 19.61 -3.66 10.73
C ILE H 234 18.82 -2.38 10.52
N LEU H 235 19.49 -1.30 10.11
CA LEU H 235 18.80 -0.03 9.92
C LEU H 235 17.76 -0.14 8.81
N ASP H 236 18.07 -0.83 7.72
CA ASP H 236 17.11 -1.03 6.66
C ASP H 236 15.95 -1.92 7.09
N GLN H 237 16.18 -2.83 8.02
CA GLN H 237 15.06 -3.61 8.54
C GLN H 237 14.15 -2.74 9.40
N LEU H 238 14.72 -1.82 10.18
CA LEU H 238 13.89 -0.92 10.96
C LEU H 238 13.12 0.05 10.05
N MET H 239 13.83 0.86 9.30
CA MET H 239 13.22 1.80 8.38
C MET H 239 14.19 2.10 7.24
N PRO H 240 13.86 1.70 6.02
CA PRO H 240 14.74 2.01 4.89
C PRO H 240 14.94 3.51 4.74
N GLY H 241 16.18 3.91 4.48
CA GLY H 241 16.47 5.31 4.29
C GLY H 241 16.39 6.16 5.53
N LEU H 242 16.60 5.57 6.71
CA LEU H 242 16.48 6.33 7.95
C LEU H 242 17.57 7.38 8.07
N VAL H 243 18.80 7.04 7.71
CA VAL H 243 19.90 7.99 7.84
C VAL H 243 19.72 9.22 6.96
N PRO H 244 19.34 9.10 5.69
CA PRO H 244 19.04 10.33 4.92
C PRO H 244 17.89 11.13 5.49
N LEU H 245 16.90 10.50 6.11
CA LEU H 245 15.84 11.27 6.76
C LEU H 245 16.38 12.09 7.93
N LEU H 246 17.22 11.47 8.76
CA LEU H 246 17.83 12.22 9.84
C LEU H 246 18.71 13.34 9.31
N LEU H 247 19.40 13.09 8.20
CA LEU H 247 20.21 14.14 7.60
C LEU H 247 19.36 15.28 7.06
N THR H 248 18.19 14.97 6.53
CA THR H 248 17.28 16.03 6.10
C THR H 248 16.88 16.89 7.27
N PHE H 249 16.54 16.27 8.40
CA PHE H 249 16.16 17.07 9.55
C PHE H 249 17.33 17.88 10.09
N ALA H 250 18.53 17.32 10.05
CA ALA H 250 19.71 18.08 10.46
C ALA H 250 19.94 19.29 9.57
N CYS H 251 19.79 19.11 8.25
CA CYS H 251 19.96 20.22 7.33
C CYS H 251 18.90 21.30 7.57
N MET H 252 17.65 20.89 7.81
CA MET H 252 16.62 21.86 8.11
C MET H 252 16.94 22.63 9.39
N TRP H 253 17.44 21.93 10.41
CA TRP H 253 17.81 22.62 11.64
C TRP H 253 18.93 23.61 11.40
N LEU H 254 19.94 23.22 10.62
CA LEU H 254 21.05 24.13 10.35
C LEU H 254 20.58 25.34 9.56
N LEU H 255 19.68 25.14 8.60
CA LEU H 255 19.17 26.27 7.83
C LEU H 255 18.30 27.18 8.68
N ARG H 256 17.65 26.64 9.71
CA ARG H 256 16.92 27.47 10.65
C ARG H 256 17.84 28.47 11.33
N LYS H 257 19.04 28.04 11.70
CA LYS H 257 19.99 28.86 12.41
C LYS H 257 20.74 29.82 11.51
N LYS H 258 20.25 30.04 10.29
CA LYS H 258 20.85 31.00 9.36
C LYS H 258 22.29 30.64 9.02
N VAL H 259 22.55 29.36 8.83
CA VAL H 259 23.83 28.90 8.32
C VAL H 259 23.79 28.94 6.80
N ASN H 260 24.87 29.43 6.19
CA ASN H 260 24.92 29.49 4.74
C ASN H 260 24.90 28.09 4.15
N PRO H 261 24.11 27.84 3.10
CA PRO H 261 24.06 26.49 2.52
C PRO H 261 25.40 26.02 1.98
N LEU H 262 26.27 26.95 1.60
CA LEU H 262 27.56 26.56 1.04
C LEU H 262 28.36 25.74 2.04
N TRP H 263 28.34 26.13 3.31
CA TRP H 263 29.08 25.38 4.31
C TRP H 263 28.45 24.02 4.56
N ILE H 264 27.13 23.91 4.46
CA ILE H 264 26.49 22.60 4.57
C ILE H 264 26.96 21.69 3.45
N ILE H 265 27.01 22.20 2.23
CA ILE H 265 27.43 21.37 1.10
C ILE H 265 28.89 20.98 1.23
N VAL H 266 29.75 21.92 1.65
CA VAL H 266 31.16 21.59 1.86
C VAL H 266 31.30 20.52 2.93
N GLY H 267 30.55 20.65 4.02
CA GLY H 267 30.59 19.63 5.04
C GLY H 267 30.15 18.27 4.53
N PHE H 268 29.14 18.24 3.67
CA PHE H 268 28.71 16.97 3.10
C PHE H 268 29.82 16.34 2.25
N PHE H 269 30.49 17.15 1.43
CA PHE H 269 31.56 16.61 0.61
C PHE H 269 32.69 16.06 1.46
N VAL H 270 33.07 16.81 2.50
CA VAL H 270 34.15 16.36 3.37
C VAL H 270 33.75 15.08 4.10
N ILE H 271 32.51 15.02 4.58
CA ILE H 271 32.05 13.82 5.27
C ILE H 271 32.07 12.62 4.34
N GLY H 272 31.60 12.79 3.11
CA GLY H 272 31.60 11.67 2.18
C GLY H 272 32.99 11.16 1.88
N ILE H 273 33.90 12.07 1.55
CA ILE H 273 35.25 11.64 1.18
C ILE H 273 35.96 11.02 2.38
N ALA H 274 35.88 11.66 3.55
CA ALA H 274 36.57 11.14 4.72
C ALA H 274 35.97 9.80 5.16
N GLY H 275 34.65 9.67 5.12
CA GLY H 275 34.04 8.42 5.53
C GLY H 275 34.39 7.28 4.59
N TYR H 276 34.44 7.55 3.29
CA TYR H 276 34.90 6.51 2.39
C TYR H 276 36.36 6.17 2.62
N ALA H 277 37.19 7.17 2.91
CA ALA H 277 38.59 6.88 3.22
C ALA H 277 38.72 6.04 4.49
N CYS H 278 37.97 6.40 5.53
CA CYS H 278 38.00 5.64 6.77
C CYS H 278 37.31 4.29 6.65
N GLY H 279 36.61 4.03 5.55
CA GLY H 279 36.00 2.74 5.34
C GLY H 279 34.71 2.49 6.08
N LEU H 280 34.04 3.54 6.57
CA LEU H 280 32.76 3.37 7.25
C LEU H 280 31.62 4.02 6.48
N LEU H 281 31.79 4.26 5.18
CA LEU H 281 30.70 4.72 4.35
C LEU H 281 30.48 3.90 3.10
N GLY H 282 31.26 2.84 2.89
CA GLY H 282 30.92 1.85 1.89
C GLY H 282 30.78 2.42 0.50
N LEU H 283 29.64 2.15 -0.14
CA LEU H 283 29.37 2.62 -1.48
C LEU H 283 27.88 2.62 -1.75
N ASP I 4 27.30 7.83 -47.50
CA ASP I 4 26.24 8.17 -48.45
C ASP I 4 24.85 8.24 -47.82
N PRO I 5 24.45 7.25 -47.01
CA PRO I 5 23.13 7.36 -46.37
C PRO I 5 23.01 8.57 -45.46
N ASN I 6 24.10 8.98 -44.80
CA ASN I 6 24.03 10.15 -43.94
C ASN I 6 23.80 11.42 -44.77
N THR I 7 24.48 11.56 -45.89
CA THR I 7 24.26 12.71 -46.76
C THR I 7 22.83 12.72 -47.29
N GLN I 8 22.31 11.54 -47.66
CA GLN I 8 20.93 11.46 -48.12
C GLN I 8 19.97 11.88 -47.03
N LEU I 9 20.22 11.46 -45.80
CA LEU I 9 19.36 11.87 -44.69
C LEU I 9 19.41 13.38 -44.49
N LEU I 10 20.60 13.98 -44.60
CA LEU I 10 20.70 15.42 -44.46
C LEU I 10 19.94 16.14 -45.56
N ASN I 11 20.05 15.67 -46.80
CA ASN I 11 19.32 16.30 -47.90
C ASN I 11 17.82 16.18 -47.68
N ASP I 12 17.36 15.01 -47.23
CA ASP I 12 15.93 14.83 -46.97
C ASP I 12 15.47 15.78 -45.87
N LEU I 13 16.27 15.92 -44.81
CA LEU I 13 15.91 16.84 -43.73
C LEU I 13 15.80 18.27 -44.24
N GLY I 14 16.77 18.70 -45.04
CA GLY I 14 16.72 20.05 -45.56
C GLY I 14 15.50 20.28 -46.44
N ASN I 15 15.24 19.34 -47.35
CA ASN I 15 14.08 19.49 -48.24
C ASN I 15 12.79 19.54 -47.46
N ASN I 16 12.62 18.65 -46.48
CA ASN I 16 11.38 18.61 -45.72
C ASN I 16 11.21 19.88 -44.89
N MET I 17 12.28 20.37 -44.27
CA MET I 17 12.15 21.59 -43.47
C MET I 17 11.81 22.78 -44.36
N ALA I 18 12.45 22.88 -45.53
CA ALA I 18 12.12 23.98 -46.44
C ALA I 18 10.68 23.90 -46.91
N TRP I 19 10.22 22.71 -47.27
CA TRP I 19 8.85 22.53 -47.71
C TRP I 19 7.85 22.88 -46.62
N GLY I 20 8.13 22.45 -45.39
CA GLY I 20 7.24 22.77 -44.29
C GLY I 20 7.20 24.25 -43.98
N ALA I 21 8.35 24.92 -44.09
CA ALA I 21 8.36 26.37 -43.93
C ALA I 21 7.55 27.06 -45.02
N ALA I 22 7.69 26.60 -46.26
CA ALA I 22 6.94 27.20 -47.35
C ALA I 22 5.45 27.00 -47.17
N LEU I 23 5.04 25.83 -46.67
CA LEU I 23 3.61 25.56 -46.49
C LEU I 23 2.98 26.52 -45.49
N GLY I 24 3.73 26.92 -44.47
CA GLY I 24 3.23 27.79 -43.43
C GLY I 24 3.38 29.27 -43.70
N ALA I 25 3.80 29.66 -44.90
CA ALA I 25 4.00 31.07 -45.20
C ALA I 25 2.74 31.92 -45.04
N PRO I 26 1.58 31.53 -45.57
CA PRO I 26 0.39 32.39 -45.38
C PRO I 26 0.00 32.58 -43.93
N GLY I 27 0.22 31.59 -43.07
CA GLY I 27 -0.12 31.72 -41.67
C GLY I 27 0.66 32.84 -40.99
N GLY I 28 1.93 32.97 -41.33
CA GLY I 28 2.79 34.00 -40.76
C GLY I 28 4.08 33.41 -40.23
N LEU I 29 4.91 34.31 -39.69
CA LEU I 29 6.19 33.89 -39.13
C LEU I 29 5.98 32.95 -37.94
N GLY I 30 4.90 33.16 -37.18
CA GLY I 30 4.61 32.25 -36.08
C GLY I 30 4.22 30.86 -36.53
N SER I 31 3.84 30.71 -37.80
CA SER I 31 3.51 29.40 -38.35
C SER I 31 4.64 28.82 -39.20
N ALA I 32 5.59 29.65 -39.63
CA ALA I 32 6.74 29.11 -40.33
C ALA I 32 7.52 28.15 -39.44
N ALA I 33 7.69 28.50 -38.16
CA ALA I 33 8.33 27.59 -37.23
C ALA I 33 7.52 26.31 -37.03
N LEU I 34 6.20 26.44 -36.91
CA LEU I 34 5.35 25.27 -36.74
C LEU I 34 5.31 24.39 -37.99
N GLY I 35 5.70 24.92 -39.14
CA GLY I 35 5.83 24.10 -40.33
C GLY I 35 7.18 23.43 -40.45
N ALA I 36 8.24 24.19 -40.17
CA ALA I 36 9.58 23.63 -40.25
C ALA I 36 9.78 22.52 -39.21
N ALA I 37 9.26 22.73 -38.01
CA ALA I 37 9.36 21.69 -36.98
C ALA I 37 8.62 20.44 -37.41
N GLY I 38 7.44 20.60 -37.99
CA GLY I 38 6.72 19.44 -38.48
C GLY I 38 7.48 18.69 -39.56
N GLY I 39 8.13 19.43 -40.46
CA GLY I 39 8.92 18.79 -41.50
C GLY I 39 10.06 17.97 -40.91
N ALA I 40 10.80 18.57 -39.97
CA ALA I 40 11.90 17.84 -39.35
C ALA I 40 11.41 16.62 -38.60
N LEU I 41 10.31 16.75 -37.87
CA LEU I 41 9.76 15.62 -37.13
C LEU I 41 9.34 14.50 -38.06
N GLN I 42 8.71 14.86 -39.19
CA GLN I 42 8.32 13.83 -40.14
C GLN I 42 9.54 13.12 -40.72
N THR I 43 10.61 13.87 -40.99
CA THR I 43 11.83 13.24 -41.48
C THR I 43 12.37 12.21 -40.50
N VAL I 44 12.54 12.61 -39.24
CA VAL I 44 13.11 11.66 -38.29
C VAL I 44 12.16 10.49 -38.04
N GLY I 45 10.85 10.74 -38.03
CA GLY I 45 9.92 9.65 -37.83
C GLY I 45 9.94 8.64 -38.96
N GLN I 46 10.00 9.13 -40.20
CA GLN I 46 10.09 8.22 -41.34
C GLN I 46 11.37 7.41 -41.28
N GLY I 47 12.49 8.05 -40.94
CA GLY I 47 13.74 7.30 -40.81
C GLY I 47 13.68 6.25 -39.73
N LEU I 48 13.10 6.59 -38.58
CA LEU I 48 12.99 5.63 -37.49
C LEU I 48 12.12 4.45 -37.89
N ILE I 49 11.02 4.71 -38.60
CA ILE I 49 10.16 3.62 -39.05
C ILE I 49 10.90 2.71 -40.02
N ASP I 50 11.69 3.29 -40.93
CA ASP I 50 12.48 2.45 -41.82
C ASP I 50 13.50 1.61 -41.07
N HIS I 51 14.14 2.18 -40.04
CA HIS I 51 15.17 1.43 -39.34
C HIS I 51 14.60 0.19 -38.65
N GLY I 52 13.45 0.34 -38.00
CA GLY I 52 12.82 -0.77 -37.33
C GLY I 52 13.12 -0.78 -35.85
N PRO I 53 13.01 -1.95 -35.21
CA PRO I 53 13.33 -2.03 -33.78
C PRO I 53 14.80 -1.80 -33.50
N VAL I 54 15.19 -1.89 -32.24
CA VAL I 54 16.53 -1.53 -31.82
C VAL I 54 16.97 -2.47 -30.69
N ASN I 55 18.27 -2.72 -30.59
CA ASN I 55 18.77 -3.66 -29.58
C ASN I 55 19.36 -2.91 -28.37
N VAL I 56 18.50 -2.21 -27.64
CA VAL I 56 18.91 -1.55 -26.41
C VAL I 56 17.79 -1.67 -25.38
N PRO I 57 18.13 -1.57 -24.10
CA PRO I 57 17.14 -1.88 -23.05
C PRO I 57 16.00 -0.88 -22.89
N ILE I 58 16.08 0.35 -23.39
CA ILE I 58 14.99 1.32 -23.29
C ILE I 58 14.54 1.55 -21.85
N PRO I 59 15.28 2.32 -21.05
CA PRO I 59 14.90 2.50 -19.64
C PRO I 59 13.83 3.57 -19.44
N VAL I 60 13.01 3.36 -18.41
CA VAL I 60 11.87 4.23 -18.11
C VAL I 60 11.82 4.48 -16.61
N LEU I 61 11.61 5.74 -16.23
CA LEU I 61 11.44 6.14 -14.84
C LEU I 61 12.65 5.74 -13.99
N ILE I 62 13.84 6.05 -14.50
CA ILE I 62 15.08 5.77 -13.80
C ILE I 62 15.43 6.97 -12.94
N GLY I 63 16.36 6.75 -12.00
CA GLY I 63 16.80 7.80 -11.12
C GLY I 63 18.30 7.99 -11.17
N PRO I 64 18.82 8.89 -10.34
CA PRO I 64 20.26 9.13 -10.33
C PRO I 64 21.01 7.96 -9.72
N SER I 65 21.16 6.89 -10.48
CA SER I 65 21.78 5.68 -9.93
C SER I 65 23.27 5.82 -9.73
N TRP I 66 23.86 6.97 -10.05
CA TRP I 66 25.30 7.09 -9.93
C TRP I 66 25.79 7.24 -8.51
N ASN I 67 24.92 7.56 -7.54
CA ASN I 67 25.42 7.64 -6.17
C ASN I 67 25.45 6.27 -5.52
N GLY I 68 24.28 5.75 -5.16
CA GLY I 68 24.16 4.36 -4.76
C GLY I 68 22.77 3.85 -5.00
N SER I 69 21.92 4.67 -5.62
CA SER I 69 20.51 4.37 -5.69
C SER I 69 20.28 3.17 -6.59
N GLY I 70 19.07 2.63 -6.51
CA GLY I 70 18.72 1.53 -7.39
C GLY I 70 18.79 1.95 -8.85
N SER I 71 19.00 0.98 -9.72
CA SER I 71 19.21 1.24 -11.14
C SER I 71 18.05 0.66 -11.94
N GLY I 72 17.45 1.49 -12.78
CA GLY I 72 16.50 1.00 -13.75
C GLY I 72 15.10 0.89 -13.20
N TYR I 73 14.15 1.58 -13.81
CA TYR I 73 12.74 1.48 -13.47
C TYR I 73 12.47 1.60 -11.97
N ASN I 74 12.47 2.82 -11.45
CA ASN I 74 11.98 3.12 -10.11
C ASN I 74 13.00 2.80 -9.05
N SER I 75 14.27 2.68 -9.42
CA SER I 75 15.36 2.49 -8.47
C SER I 75 15.12 1.24 -7.63
N ALA I 76 14.63 0.19 -8.25
CA ALA I 76 14.20 -1.02 -7.57
C ALA I 76 15.11 -2.20 -7.84
N THR I 77 16.38 -1.96 -8.07
CA THR I 77 17.33 -3.03 -8.41
C THR I 77 18.61 -2.89 -7.60
N SER I 78 18.46 -2.72 -6.29
CA SER I 78 19.58 -2.69 -5.36
C SER I 78 20.59 -1.60 -5.71
#